data_2BYF
#
_entry.id   2BYF
#
_cell.length_a   1.000
_cell.length_b   1.000
_cell.length_c   1.000
_cell.angle_alpha   90.00
_cell.angle_beta   90.00
_cell.angle_gamma   90.00
#
_symmetry.space_group_name_H-M   'P 1'
#
_entity_poly.entity_id   1
_entity_poly.type   'polypeptide(L)'
_entity_poly.pdbx_seq_one_letter_code
;SSEEESFFVQVHDVSPEQPLTVIKAPRVSTAQDVIQQTLCKAKYSYSILSNPNPSDYVLLEEVVKDTTNKKTTTPKSSQR
VLLDQECVFQAQSKWKGAGKFILKLKEQVQASREDK
;
_entity_poly.pdbx_strand_id   A
#
# COMPACT_ATOMS: atom_id res chain seq x y z
N SER A 1 -17.15 -6.15 10.89
CA SER A 1 -17.47 -7.46 11.51
C SER A 1 -18.87 -7.91 11.11
N SER A 2 -18.90 -8.97 10.29
CA SER A 2 -20.14 -9.54 9.76
C SER A 2 -19.76 -10.71 8.87
N GLU A 3 -20.66 -11.12 7.98
CA GLU A 3 -20.31 -12.12 6.97
C GLU A 3 -19.26 -11.52 6.05
N GLU A 4 -19.36 -10.21 5.83
CA GLU A 4 -18.35 -9.48 5.10
C GLU A 4 -17.10 -9.33 5.96
N GLU A 5 -15.99 -9.76 5.39
CA GLU A 5 -14.76 -9.88 6.13
C GLU A 5 -13.79 -8.76 5.78
N SER A 6 -13.10 -8.26 6.78
CA SER A 6 -11.99 -7.38 6.54
C SER A 6 -10.71 -8.21 6.43
N PHE A 7 -9.92 -7.93 5.42
CA PHE A 7 -8.72 -8.69 5.16
C PHE A 7 -7.53 -7.96 5.76
N PHE A 8 -6.54 -8.71 6.18
CA PHE A 8 -5.40 -8.12 6.87
C PHE A 8 -4.43 -7.50 5.88
N VAL A 9 -4.14 -6.22 6.05
CA VAL A 9 -3.20 -5.52 5.19
C VAL A 9 -1.94 -5.19 5.96
N GLN A 10 -0.81 -5.38 5.31
CA GLN A 10 0.43 -4.81 5.77
C GLN A 10 0.81 -3.72 4.78
N VAL A 11 0.69 -2.47 5.21
CA VAL A 11 0.92 -1.34 4.33
C VAL A 11 1.84 -0.32 4.98
N HIS A 12 2.92 0.01 4.28
CA HIS A 12 3.93 0.90 4.83
C HIS A 12 3.49 2.36 4.77
N ASP A 13 3.87 3.10 5.81
CA ASP A 13 3.74 4.55 5.82
C ASP A 13 5.03 5.13 6.37
N VAL A 14 5.20 6.44 6.27
CA VAL A 14 6.39 7.08 6.78
C VAL A 14 6.27 7.42 8.27
N SER A 15 5.11 7.11 8.85
CA SER A 15 4.92 7.23 10.29
C SER A 15 5.89 6.30 11.03
N PRO A 16 6.63 6.85 12.00
CA PRO A 16 7.65 6.10 12.73
C PRO A 16 7.06 5.10 13.73
N GLU A 17 7.92 4.26 14.29
CA GLU A 17 7.53 3.19 15.19
C GLU A 17 6.60 2.22 14.48
N GLN A 18 7.20 1.16 13.93
CA GLN A 18 6.51 0.24 13.04
C GLN A 18 6.14 0.94 11.74
N PRO A 19 7.13 1.14 10.86
CA PRO A 19 6.90 1.79 9.57
C PRO A 19 5.90 1.00 8.72
N LEU A 20 5.91 -0.31 8.90
CA LEU A 20 4.92 -1.17 8.26
C LEU A 20 3.63 -1.15 9.05
N THR A 21 2.64 -0.47 8.52
CA THR A 21 1.36 -0.35 9.18
C THR A 21 0.50 -1.60 8.93
N VAL A 22 0.29 -2.39 9.96
CA VAL A 22 -0.59 -3.54 9.86
C VAL A 22 -2.01 -3.13 10.22
N ILE A 23 -2.95 -3.39 9.31
CA ILE A 23 -4.34 -3.03 9.50
C ILE A 23 -5.26 -4.14 9.04
N LYS A 24 -6.55 -3.96 9.26
CA LYS A 24 -7.54 -4.86 8.73
C LYS A 24 -8.55 -4.04 7.92
N ALA A 25 -8.36 -4.03 6.62
CA ALA A 25 -9.18 -3.24 5.71
C ALA A 25 -10.06 -4.17 4.91
N PRO A 26 -11.15 -3.67 4.36
CA PRO A 26 -12.16 -4.50 3.75
C PRO A 26 -11.65 -5.25 2.53
N ARG A 27 -12.15 -6.47 2.34
CA ARG A 27 -11.76 -7.30 1.20
C ARG A 27 -12.20 -6.65 -0.11
N VAL A 28 -12.87 -5.51 0.01
CA VAL A 28 -13.29 -4.72 -1.14
C VAL A 28 -12.55 -3.37 -1.16
N SER A 29 -11.74 -3.10 -0.13
CA SER A 29 -10.97 -1.86 -0.11
C SER A 29 -10.05 -1.75 -1.31
N THR A 30 -10.11 -0.62 -1.99
CA THR A 30 -9.19 -0.34 -3.06
C THR A 30 -8.19 0.69 -2.60
N ALA A 31 -7.25 1.03 -3.47
CA ALA A 31 -6.11 1.85 -3.09
C ALA A 31 -6.54 3.07 -2.32
N GLN A 32 -7.50 3.80 -2.81
CA GLN A 32 -7.90 5.03 -2.16
C GLN A 32 -8.65 4.74 -0.84
N ASP A 33 -9.32 3.59 -0.75
CA ASP A 33 -10.02 3.23 0.49
C ASP A 33 -9.00 2.97 1.58
N VAL A 34 -8.07 2.11 1.23
CA VAL A 34 -6.97 1.74 2.10
C VAL A 34 -6.05 2.94 2.32
N ILE A 35 -6.00 3.83 1.33
CA ILE A 35 -5.32 5.10 1.46
C ILE A 35 -5.89 5.86 2.66
N GLN A 36 -7.19 6.11 2.63
CA GLN A 36 -7.86 6.91 3.66
C GLN A 36 -7.87 6.17 4.99
N GLN A 37 -7.95 4.84 4.93
CA GLN A 37 -7.89 4.04 6.13
C GLN A 37 -6.53 4.19 6.80
N THR A 38 -5.47 4.26 6.00
CA THR A 38 -4.13 4.52 6.52
C THR A 38 -4.02 5.97 6.99
N LEU A 39 -4.70 6.88 6.27
CA LEU A 39 -4.83 8.27 6.69
C LEU A 39 -5.36 8.35 8.12
N CYS A 40 -6.31 7.47 8.43
CA CYS A 40 -6.92 7.39 9.75
C CYS A 40 -5.92 6.86 10.77
N LYS A 41 -5.15 5.85 10.37
CA LYS A 41 -4.15 5.24 11.26
C LYS A 41 -2.90 6.12 11.40
N ALA A 42 -2.81 7.15 10.57
CA ALA A 42 -1.69 8.09 10.63
C ALA A 42 -2.18 9.48 10.99
N LYS A 43 -3.40 9.54 11.53
CA LYS A 43 -4.02 10.81 11.87
C LYS A 43 -3.22 11.55 12.94
N TYR A 44 -2.60 12.66 12.51
CA TYR A 44 -1.78 13.53 13.36
C TYR A 44 -0.45 12.87 13.74
N SER A 45 -0.34 11.56 13.49
CA SER A 45 0.85 10.79 13.84
C SER A 45 2.11 11.41 13.23
N TYR A 46 2.27 11.23 11.92
CA TYR A 46 3.38 11.84 11.20
C TYR A 46 2.88 13.10 10.51
N SER A 47 1.63 13.46 10.81
CA SER A 47 0.97 14.60 10.20
C SER A 47 0.93 14.43 8.69
N ILE A 48 0.64 13.21 8.25
CA ILE A 48 0.39 12.89 6.85
C ILE A 48 -0.86 13.65 6.35
N LEU A 49 -1.54 14.24 7.31
CA LEU A 49 -2.84 14.85 7.12
C LEU A 49 -2.73 16.17 6.35
N SER A 50 -1.55 16.45 5.81
CA SER A 50 -1.35 17.59 4.94
C SER A 50 -2.26 17.48 3.72
N ASN A 51 -2.50 16.24 3.31
CA ASN A 51 -3.49 15.96 2.28
C ASN A 51 -4.55 15.02 2.86
N PRO A 52 -5.57 15.58 3.53
CA PRO A 52 -6.54 14.77 4.27
C PRO A 52 -7.55 14.06 3.36
N ASN A 53 -7.31 14.14 2.06
CA ASN A 53 -8.17 13.49 1.09
C ASN A 53 -7.41 12.38 0.38
N PRO A 54 -8.05 11.22 0.20
CA PRO A 54 -7.42 10.03 -0.38
C PRO A 54 -7.22 10.13 -1.89
N SER A 55 -7.51 11.30 -2.42
CA SER A 55 -7.49 11.51 -3.87
C SER A 55 -6.11 11.93 -4.37
N ASP A 56 -5.22 12.28 -3.45
CA ASP A 56 -3.89 12.75 -3.83
C ASP A 56 -2.81 11.74 -3.48
N TYR A 57 -3.23 10.53 -3.17
CA TYR A 57 -2.29 9.46 -2.88
C TYR A 57 -2.41 8.37 -3.94
N VAL A 58 -1.44 7.50 -3.95
CA VAL A 58 -1.48 6.27 -4.72
C VAL A 58 -0.92 5.15 -3.87
N LEU A 59 -1.59 4.03 -3.88
CA LEU A 59 -1.17 2.91 -3.08
C LEU A 59 -0.35 1.96 -3.96
N LEU A 60 0.73 1.43 -3.41
CA LEU A 60 1.63 0.55 -4.14
C LEU A 60 1.34 -0.91 -3.78
N GLU A 61 1.15 -1.74 -4.78
CA GLU A 61 1.09 -3.17 -4.56
C GLU A 61 2.49 -3.76 -4.77
N GLU A 62 3.29 -3.71 -3.73
CA GLU A 62 4.60 -4.30 -3.78
C GLU A 62 4.51 -5.77 -3.42
N VAL A 63 4.98 -6.60 -4.31
CA VAL A 63 5.06 -8.02 -4.03
C VAL A 63 6.52 -8.47 -4.03
N VAL A 64 6.99 -8.92 -2.88
CA VAL A 64 8.37 -9.38 -2.76
C VAL A 64 8.58 -10.66 -3.55
N LYS A 65 9.37 -10.53 -4.60
CA LYS A 65 9.76 -11.63 -5.42
C LYS A 65 11.27 -11.73 -5.44
N ASP A 66 11.79 -12.56 -4.57
CA ASP A 66 13.23 -12.72 -4.38
C ASP A 66 13.95 -13.20 -5.65
N THR A 67 15.22 -13.49 -5.51
CA THR A 67 16.02 -13.94 -6.64
C THR A 67 16.65 -15.30 -6.34
N THR A 68 16.23 -16.30 -7.09
CA THR A 68 16.78 -17.64 -6.94
C THR A 68 18.23 -17.68 -7.44
N ASN A 69 18.50 -16.93 -8.50
CA ASN A 69 19.84 -16.82 -9.04
C ASN A 69 20.57 -15.71 -8.31
N LYS A 70 21.54 -15.09 -8.99
CA LYS A 70 22.18 -13.93 -8.44
C LYS A 70 21.87 -12.69 -9.27
N LYS A 71 20.70 -12.11 -9.01
CA LYS A 71 20.33 -10.85 -9.63
C LYS A 71 20.46 -9.72 -8.60
N THR A 72 20.20 -10.07 -7.34
CA THR A 72 20.28 -9.13 -6.25
C THR A 72 20.95 -9.80 -5.05
N THR A 73 21.73 -9.03 -4.29
CA THR A 73 22.44 -9.56 -3.14
C THR A 73 21.47 -10.02 -2.04
N THR A 74 20.25 -9.51 -2.11
CA THR A 74 19.20 -9.86 -1.17
C THR A 74 17.88 -10.09 -1.90
N PRO A 75 16.92 -10.78 -1.27
CA PRO A 75 15.57 -10.91 -1.83
C PRO A 75 14.98 -9.55 -2.17
N LYS A 76 14.39 -9.47 -3.35
CA LYS A 76 14.00 -8.19 -3.90
C LYS A 76 12.49 -8.05 -4.00
N SER A 77 12.04 -6.83 -4.20
CA SER A 77 10.62 -6.54 -4.26
C SER A 77 10.21 -6.09 -5.65
N SER A 78 9.06 -6.55 -6.10
CA SER A 78 8.47 -6.06 -7.32
C SER A 78 7.35 -5.10 -6.95
N GLN A 79 7.64 -3.81 -7.00
CA GLN A 79 6.69 -2.81 -6.56
C GLN A 79 5.88 -2.29 -7.74
N ARG A 80 4.58 -2.24 -7.58
CA ARG A 80 3.68 -1.78 -8.63
C ARG A 80 2.78 -0.69 -8.07
N VAL A 81 2.35 0.27 -8.89
CA VAL A 81 1.53 1.37 -8.38
C VAL A 81 0.09 1.25 -8.87
N LEU A 82 -0.84 1.45 -7.94
CA LEU A 82 -2.27 1.31 -8.22
C LEU A 82 -2.88 2.65 -8.60
N LEU A 83 -4.04 2.58 -9.24
CA LEU A 83 -4.87 3.75 -9.45
C LEU A 83 -5.91 3.78 -8.32
N ASP A 84 -6.77 4.79 -8.33
CA ASP A 84 -7.75 4.97 -7.25
C ASP A 84 -8.58 3.70 -7.04
N GLN A 85 -8.97 3.06 -8.13
CA GLN A 85 -9.78 1.86 -8.04
C GLN A 85 -9.11 0.66 -8.73
N GLU A 86 -7.85 0.39 -8.37
CA GLU A 86 -7.19 -0.83 -8.80
C GLU A 86 -7.56 -1.99 -7.89
N CYS A 87 -8.17 -1.66 -6.75
CA CYS A 87 -8.59 -2.64 -5.75
C CYS A 87 -7.41 -3.33 -5.06
N VAL A 88 -7.35 -3.19 -3.75
CA VAL A 88 -6.23 -3.68 -2.95
C VAL A 88 -6.31 -5.18 -2.80
N PHE A 89 -7.51 -5.70 -2.63
CA PHE A 89 -7.68 -7.13 -2.48
C PHE A 89 -7.46 -7.80 -3.82
N GLN A 90 -7.87 -7.09 -4.87
CA GLN A 90 -7.62 -7.52 -6.24
C GLN A 90 -6.12 -7.55 -6.51
N ALA A 91 -5.43 -6.50 -6.08
CA ALA A 91 -3.98 -6.42 -6.22
C ALA A 91 -3.30 -7.54 -5.46
N GLN A 92 -3.73 -7.75 -4.23
CA GLN A 92 -3.20 -8.81 -3.39
C GLN A 92 -3.41 -10.18 -4.04
N SER A 93 -4.48 -10.29 -4.83
CA SER A 93 -4.81 -11.52 -5.52
C SER A 93 -3.88 -11.73 -6.73
N LYS A 94 -3.22 -10.67 -7.16
CA LYS A 94 -2.28 -10.76 -8.27
C LYS A 94 -0.93 -11.29 -7.80
N TRP A 95 -0.67 -11.10 -6.52
CA TRP A 95 0.66 -11.30 -5.97
C TRP A 95 1.21 -12.69 -6.21
N LYS A 96 2.43 -12.70 -6.70
CA LYS A 96 3.10 -13.92 -7.10
C LYS A 96 4.14 -14.31 -6.06
N GLY A 97 4.11 -13.56 -4.96
CA GLY A 97 5.00 -13.80 -3.85
C GLY A 97 4.35 -13.36 -2.56
N ALA A 98 5.02 -12.50 -1.81
CA ALA A 98 4.45 -11.94 -0.59
C ALA A 98 5.02 -10.55 -0.37
N GLY A 99 4.18 -9.53 -0.51
CA GLY A 99 4.67 -8.18 -0.40
C GLY A 99 3.95 -7.39 0.67
N LYS A 100 3.73 -6.12 0.38
CA LYS A 100 2.96 -5.23 1.24
C LYS A 100 2.37 -4.15 0.37
N PHE A 101 1.33 -3.52 0.84
CA PHE A 101 0.86 -2.33 0.18
C PHE A 101 1.61 -1.12 0.75
N ILE A 102 1.86 -0.12 -0.06
CA ILE A 102 2.61 1.06 0.39
C ILE A 102 1.85 2.34 0.11
N LEU A 103 1.66 3.15 1.14
CA LEU A 103 0.95 4.42 0.96
C LEU A 103 1.93 5.49 0.50
N LYS A 104 1.72 5.98 -0.71
CA LYS A 104 2.54 7.04 -1.25
C LYS A 104 1.64 8.14 -1.81
N LEU A 105 2.18 9.33 -2.05
CA LEU A 105 1.40 10.36 -2.73
C LEU A 105 1.55 10.16 -4.23
N LYS A 106 0.53 10.57 -4.97
CA LYS A 106 0.59 10.47 -6.43
C LYS A 106 1.30 11.67 -7.00
N GLU A 107 1.34 12.73 -6.21
CA GLU A 107 2.19 13.86 -6.52
C GLU A 107 3.64 13.53 -6.19
N GLN A 108 3.83 12.44 -5.46
CA GLN A 108 5.15 11.96 -5.09
C GLN A 108 5.52 10.76 -5.98
N VAL A 109 4.52 10.30 -6.73
CA VAL A 109 4.73 9.22 -7.68
C VAL A 109 4.85 9.81 -9.09
N GLN A 110 4.91 11.13 -9.14
CA GLN A 110 4.78 11.91 -10.38
C GLN A 110 5.69 11.41 -11.50
N ALA A 111 5.17 10.48 -12.27
CA ALA A 111 5.78 9.99 -13.48
C ALA A 111 4.69 9.47 -14.39
N SER A 112 3.47 9.89 -14.09
CA SER A 112 2.29 9.36 -14.75
C SER A 112 1.74 10.36 -15.77
N ARG A 113 2.58 10.70 -16.75
CA ARG A 113 2.19 11.58 -17.86
C ARG A 113 1.76 12.95 -17.37
N GLU A 114 0.47 13.11 -17.14
CA GLU A 114 -0.11 14.34 -16.62
C GLU A 114 -1.33 13.98 -15.77
N ASP A 115 -1.52 14.73 -14.70
CA ASP A 115 -2.60 14.44 -13.78
C ASP A 115 -3.63 15.56 -13.79
N LYS A 116 -3.17 16.79 -13.88
CA LYS A 116 -4.05 17.95 -13.85
C LYS A 116 -4.52 18.33 -15.25
N SER A 1 -18.14 -13.95 17.14
CA SER A 1 -17.40 -13.04 16.25
C SER A 1 -18.33 -12.53 15.15
N SER A 2 -18.18 -11.26 14.81
CA SER A 2 -18.98 -10.66 13.76
C SER A 2 -18.50 -11.14 12.39
N GLU A 3 -19.38 -11.76 11.62
CA GLU A 3 -19.01 -12.27 10.31
C GLU A 3 -19.03 -11.18 9.25
N GLU A 4 -17.97 -10.38 9.25
CA GLU A 4 -17.75 -9.40 8.21
C GLU A 4 -16.47 -9.75 7.47
N GLU A 5 -16.29 -9.23 6.27
CA GLU A 5 -15.13 -9.57 5.49
C GLU A 5 -14.08 -8.47 5.53
N SER A 6 -13.00 -8.75 6.23
CA SER A 6 -11.86 -7.85 6.29
C SER A 6 -10.57 -8.65 6.24
N PHE A 7 -9.63 -8.16 5.47
CA PHE A 7 -8.37 -8.84 5.25
C PHE A 7 -7.25 -8.02 5.86
N PHE A 8 -6.16 -8.68 6.21
CA PHE A 8 -5.06 -8.00 6.88
C PHE A 8 -4.09 -7.39 5.88
N VAL A 9 -3.78 -6.12 6.09
CA VAL A 9 -2.89 -5.39 5.22
C VAL A 9 -1.65 -4.98 5.96
N GLN A 10 -0.50 -5.30 5.41
CA GLN A 10 0.72 -4.70 5.86
C GLN A 10 1.09 -3.62 4.83
N VAL A 11 0.92 -2.38 5.21
CA VAL A 11 1.12 -1.26 4.31
C VAL A 11 2.03 -0.22 4.94
N HIS A 12 3.03 0.21 4.21
CA HIS A 12 4.01 1.15 4.74
C HIS A 12 3.45 2.56 4.83
N ASP A 13 3.76 3.25 5.92
CA ASP A 13 3.36 4.64 6.10
C ASP A 13 4.49 5.56 5.62
N VAL A 14 4.26 6.86 5.71
CA VAL A 14 5.24 7.83 5.27
C VAL A 14 6.15 8.24 6.43
N SER A 15 5.65 8.08 7.66
CA SER A 15 6.41 8.48 8.83
C SER A 15 7.12 7.27 9.44
N PRO A 16 8.35 7.49 9.96
CA PRO A 16 9.26 6.42 10.40
C PRO A 16 8.76 5.60 11.60
N GLU A 17 7.86 6.16 12.40
CA GLU A 17 7.32 5.43 13.56
C GLU A 17 6.46 4.24 13.10
N GLN A 18 6.01 4.29 11.86
CA GLN A 18 5.26 3.18 11.29
C GLN A 18 5.94 2.69 10.01
N PRO A 19 7.03 1.91 10.16
CA PRO A 19 7.76 1.37 9.02
C PRO A 19 6.89 0.39 8.24
N LEU A 20 6.11 -0.38 8.98
CA LEU A 20 5.15 -1.29 8.39
C LEU A 20 3.84 -1.16 9.13
N THR A 21 2.89 -0.48 8.52
CA THR A 21 1.60 -0.26 9.14
C THR A 21 0.70 -1.47 8.93
N VAL A 22 0.44 -2.22 9.99
CA VAL A 22 -0.40 -3.40 9.88
C VAL A 22 -1.85 -3.03 10.22
N ILE A 23 -2.71 -3.06 9.22
CA ILE A 23 -4.11 -2.72 9.40
C ILE A 23 -5.01 -3.88 8.99
N LYS A 24 -6.29 -3.74 9.22
CA LYS A 24 -7.26 -4.69 8.72
C LYS A 24 -8.29 -3.95 7.86
N ALA A 25 -8.07 -3.98 6.56
CA ALA A 25 -8.95 -3.32 5.62
C ALA A 25 -9.94 -4.29 5.07
N PRO A 26 -11.04 -3.80 4.52
CA PRO A 26 -12.10 -4.64 4.02
C PRO A 26 -11.62 -5.44 2.81
N ARG A 27 -12.06 -6.70 2.72
CA ARG A 27 -11.65 -7.58 1.61
C ARG A 27 -12.14 -7.04 0.27
N VAL A 28 -12.83 -5.92 0.32
CA VAL A 28 -13.34 -5.25 -0.85
C VAL A 28 -12.66 -3.89 -1.03
N SER A 29 -11.90 -3.45 -0.01
CA SER A 29 -11.18 -2.18 -0.10
C SER A 29 -10.31 -2.13 -1.34
N THR A 30 -10.38 -1.02 -2.05
CA THR A 30 -9.47 -0.80 -3.14
C THR A 30 -8.32 0.05 -2.64
N ALA A 31 -7.47 0.53 -3.55
CA ALA A 31 -6.36 1.39 -3.15
C ALA A 31 -6.88 2.62 -2.43
N GLN A 32 -7.86 3.28 -3.03
CA GLN A 32 -8.44 4.49 -2.47
C GLN A 32 -8.97 4.26 -1.04
N ASP A 33 -9.46 3.05 -0.76
CA ASP A 33 -10.07 2.77 0.53
C ASP A 33 -8.99 2.62 1.58
N VAL A 34 -8.07 1.75 1.26
CA VAL A 34 -6.94 1.43 2.11
C VAL A 34 -6.03 2.64 2.25
N ILE A 35 -6.04 3.50 1.23
CA ILE A 35 -5.37 4.78 1.28
C ILE A 35 -5.88 5.60 2.47
N GLN A 36 -7.18 5.83 2.50
CA GLN A 36 -7.79 6.68 3.52
C GLN A 36 -7.80 5.98 4.88
N GLN A 37 -7.95 4.66 4.89
CA GLN A 37 -7.90 3.91 6.13
C GLN A 37 -6.55 4.13 6.84
N THR A 38 -5.50 4.25 6.05
CA THR A 38 -4.18 4.57 6.60
C THR A 38 -4.18 6.01 7.13
N LEU A 39 -4.82 6.91 6.37
CA LEU A 39 -5.04 8.30 6.80
C LEU A 39 -5.75 8.33 8.17
N CYS A 40 -6.71 7.43 8.33
CA CYS A 40 -7.51 7.34 9.54
C CYS A 40 -6.66 6.86 10.73
N LYS A 41 -5.70 6.00 10.46
CA LYS A 41 -4.82 5.50 11.52
C LYS A 41 -3.85 6.60 11.95
N ALA A 42 -3.47 7.43 11.00
CA ALA A 42 -2.59 8.56 11.27
C ALA A 42 -3.40 9.83 11.46
N LYS A 43 -4.63 9.67 11.88
CA LYS A 43 -5.52 10.79 12.07
C LYS A 43 -5.24 11.46 13.41
N TYR A 44 -4.50 12.57 13.36
CA TYR A 44 -4.16 13.38 14.54
C TYR A 44 -3.22 12.67 15.52
N SER A 45 -2.77 11.47 15.16
CA SER A 45 -1.86 10.71 16.03
C SER A 45 -0.53 11.45 16.18
N TYR A 46 0.24 11.49 15.11
CA TYR A 46 1.46 12.30 15.05
C TYR A 46 1.23 13.41 14.05
N SER A 47 -0.04 13.60 13.72
CA SER A 47 -0.50 14.57 12.74
C SER A 47 0.12 14.32 11.37
N ILE A 48 -0.58 13.54 10.56
CA ILE A 48 -0.18 13.29 9.19
C ILE A 48 -1.02 14.15 8.26
N LEU A 49 -1.91 14.90 8.88
CA LEU A 49 -3.04 15.50 8.19
C LEU A 49 -2.68 16.81 7.50
N SER A 50 -1.46 16.90 6.98
CA SER A 50 -1.08 17.99 6.11
C SER A 50 -1.84 17.82 4.79
N ASN A 51 -2.06 16.56 4.45
CA ASN A 51 -2.97 16.20 3.37
C ASN A 51 -4.04 15.28 3.92
N PRO A 52 -5.12 15.85 4.46
CA PRO A 52 -6.22 15.08 5.04
C PRO A 52 -7.12 14.49 3.96
N ASN A 53 -6.72 14.69 2.71
CA ASN A 53 -7.44 14.18 1.57
C ASN A 53 -6.62 13.07 0.89
N PRO A 54 -7.27 11.96 0.54
CA PRO A 54 -6.60 10.83 -0.10
C PRO A 54 -6.41 11.04 -1.61
N SER A 55 -6.75 12.24 -2.06
CA SER A 55 -6.76 12.55 -3.47
C SER A 55 -5.35 12.65 -4.05
N ASP A 56 -4.40 13.05 -3.22
CA ASP A 56 -3.02 13.25 -3.68
C ASP A 56 -2.17 12.04 -3.37
N TYR A 57 -2.81 10.96 -2.93
CA TYR A 57 -2.10 9.77 -2.54
C TYR A 57 -2.35 8.64 -3.54
N VAL A 58 -1.36 7.77 -3.67
CA VAL A 58 -1.50 6.51 -4.39
C VAL A 58 -1.08 5.38 -3.47
N LEU A 59 -1.51 4.20 -3.79
CA LEU A 59 -1.17 3.03 -3.00
C LEU A 59 -0.34 2.08 -3.87
N LEU A 60 0.73 1.57 -3.31
CA LEU A 60 1.65 0.70 -4.04
C LEU A 60 1.34 -0.76 -3.73
N GLU A 61 1.22 -1.58 -4.76
CA GLU A 61 1.14 -3.02 -4.55
C GLU A 61 2.54 -3.61 -4.75
N GLU A 62 3.28 -3.70 -3.68
CA GLU A 62 4.54 -4.38 -3.74
C GLU A 62 4.33 -5.86 -3.45
N VAL A 63 4.75 -6.70 -4.37
CA VAL A 63 4.80 -8.12 -4.11
C VAL A 63 6.25 -8.59 -4.08
N VAL A 64 6.67 -9.09 -2.93
CA VAL A 64 8.05 -9.49 -2.74
C VAL A 64 8.27 -10.92 -3.18
N LYS A 65 9.14 -11.10 -4.17
CA LYS A 65 9.62 -12.41 -4.55
C LYS A 65 11.09 -12.50 -4.16
N ASP A 66 11.31 -12.96 -2.94
CA ASP A 66 12.63 -12.91 -2.31
C ASP A 66 13.61 -13.88 -2.95
N THR A 67 13.79 -15.04 -2.34
CA THR A 67 14.64 -16.08 -2.88
C THR A 67 14.25 -17.45 -2.31
N THR A 68 13.33 -18.10 -3.00
CA THR A 68 12.80 -19.38 -2.56
C THR A 68 13.72 -20.53 -2.96
N ASN A 69 15.00 -20.23 -3.11
CA ASN A 69 15.98 -21.24 -3.49
C ASN A 69 17.04 -21.33 -2.42
N LYS A 70 18.02 -20.45 -2.54
CA LYS A 70 19.09 -20.34 -1.57
C LYS A 70 19.22 -18.88 -1.16
N LYS A 71 20.44 -18.42 -0.94
CA LYS A 71 20.66 -17.00 -0.73
C LYS A 71 21.02 -16.36 -2.06
N THR A 72 20.06 -16.38 -2.99
CA THR A 72 20.28 -15.88 -4.33
C THR A 72 20.19 -14.36 -4.38
N THR A 73 21.37 -13.72 -4.40
CA THR A 73 21.48 -12.26 -4.43
C THR A 73 20.66 -11.61 -3.31
N THR A 74 19.68 -10.81 -3.69
CA THR A 74 18.81 -10.17 -2.74
C THR A 74 17.35 -10.44 -3.10
N PRO A 75 16.46 -10.46 -2.09
CA PRO A 75 15.01 -10.55 -2.31
C PRO A 75 14.53 -9.47 -3.26
N LYS A 76 13.67 -9.86 -4.16
CA LYS A 76 13.26 -9.00 -5.24
C LYS A 76 11.86 -8.47 -5.03
N SER A 77 11.78 -7.26 -4.52
CA SER A 77 10.52 -6.59 -4.27
C SER A 77 9.96 -6.01 -5.56
N SER A 78 8.95 -6.67 -6.11
CA SER A 78 8.29 -6.15 -7.29
C SER A 78 7.24 -5.16 -6.85
N GLN A 79 7.59 -3.89 -6.88
CA GLN A 79 6.71 -2.86 -6.40
C GLN A 79 5.96 -2.21 -7.56
N ARG A 80 4.66 -2.09 -7.42
CA ARG A 80 3.83 -1.49 -8.44
C ARG A 80 3.01 -0.37 -7.83
N VAL A 81 2.55 0.58 -8.62
CA VAL A 81 1.68 1.62 -8.11
C VAL A 81 0.27 1.44 -8.66
N LEU A 82 -0.72 1.66 -7.82
CA LEU A 82 -2.11 1.41 -8.18
C LEU A 82 -2.83 2.68 -8.56
N LEU A 83 -3.81 2.54 -9.43
CA LEU A 83 -4.80 3.57 -9.62
C LEU A 83 -5.72 3.51 -8.40
N ASP A 84 -6.39 4.60 -8.10
CA ASP A 84 -7.23 4.69 -6.90
C ASP A 84 -8.22 3.53 -6.81
N GLN A 85 -8.69 3.06 -7.97
CA GLN A 85 -9.63 1.97 -8.01
C GLN A 85 -9.02 0.68 -8.58
N GLU A 86 -7.68 0.59 -8.55
CA GLU A 86 -7.00 -0.62 -9.04
C GLU A 86 -7.28 -1.80 -8.12
N CYS A 87 -7.89 -1.50 -6.97
CA CYS A 87 -8.31 -2.52 -6.02
C CYS A 87 -7.12 -3.21 -5.37
N VAL A 88 -6.86 -2.91 -4.10
CA VAL A 88 -5.73 -3.50 -3.41
C VAL A 88 -6.00 -4.95 -3.09
N PHE A 89 -7.24 -5.32 -2.85
CA PHE A 89 -7.53 -6.72 -2.58
C PHE A 89 -7.43 -7.51 -3.87
N GLN A 90 -7.87 -6.89 -4.96
CA GLN A 90 -7.68 -7.46 -6.28
C GLN A 90 -6.19 -7.58 -6.59
N ALA A 91 -5.44 -6.52 -6.29
CA ALA A 91 -4.00 -6.51 -6.46
C ALA A 91 -3.37 -7.64 -5.66
N GLN A 92 -3.83 -7.81 -4.42
CA GLN A 92 -3.32 -8.82 -3.53
C GLN A 92 -3.45 -10.22 -4.13
N SER A 93 -4.56 -10.45 -4.83
CA SER A 93 -4.79 -11.74 -5.47
C SER A 93 -3.95 -11.89 -6.75
N LYS A 94 -3.36 -10.78 -7.21
CA LYS A 94 -2.49 -10.79 -8.37
C LYS A 94 -1.09 -11.22 -7.95
N TRP A 95 -0.81 -11.05 -6.68
CA TRP A 95 0.51 -11.35 -6.14
C TRP A 95 0.85 -12.82 -6.24
N LYS A 96 2.14 -13.09 -6.21
CA LYS A 96 2.62 -14.46 -6.22
C LYS A 96 3.76 -14.58 -5.23
N GLY A 97 3.79 -13.61 -4.33
CA GLY A 97 4.76 -13.56 -3.26
C GLY A 97 4.23 -12.64 -2.19
N ALA A 98 4.83 -12.69 -1.01
CA ALA A 98 4.31 -11.89 0.09
C ALA A 98 4.89 -10.49 0.06
N GLY A 99 4.09 -9.53 -0.36
CA GLY A 99 4.57 -8.16 -0.42
C GLY A 99 3.95 -7.30 0.65
N LYS A 100 3.77 -6.04 0.33
CA LYS A 100 3.12 -5.07 1.21
C LYS A 100 2.44 -4.04 0.34
N PHE A 101 1.40 -3.42 0.86
CA PHE A 101 0.89 -2.23 0.23
C PHE A 101 1.66 -1.04 0.77
N ILE A 102 1.74 0.05 0.02
CA ILE A 102 2.48 1.22 0.47
C ILE A 102 1.69 2.50 0.22
N LEU A 103 1.51 3.31 1.26
CA LEU A 103 0.86 4.59 1.11
C LEU A 103 1.88 5.62 0.62
N LYS A 104 1.56 6.32 -0.46
CA LYS A 104 2.48 7.31 -1.02
C LYS A 104 1.69 8.44 -1.67
N LEU A 105 2.37 9.47 -2.15
CA LEU A 105 1.71 10.50 -2.95
C LEU A 105 1.91 10.25 -4.42
N LYS A 106 0.90 10.55 -5.21
CA LYS A 106 0.90 10.30 -6.63
C LYS A 106 1.58 11.42 -7.39
N GLU A 107 1.63 12.59 -6.78
CA GLU A 107 2.36 13.71 -7.35
C GLU A 107 3.84 13.63 -7.00
N GLN A 108 4.21 12.54 -6.35
CA GLN A 108 5.59 12.28 -5.98
C GLN A 108 6.00 10.97 -6.62
N VAL A 109 5.07 10.02 -6.63
CA VAL A 109 5.19 8.84 -7.46
C VAL A 109 4.57 9.15 -8.82
N GLN A 110 5.30 9.93 -9.60
CA GLN A 110 4.78 10.41 -10.88
C GLN A 110 5.12 9.46 -12.00
N ALA A 111 5.63 8.30 -11.62
CA ALA A 111 5.83 7.21 -12.54
C ALA A 111 4.53 6.45 -12.70
N SER A 112 3.46 7.01 -12.14
CA SER A 112 2.14 6.40 -12.19
C SER A 112 1.36 6.92 -13.39
N ARG A 113 1.99 7.80 -14.16
CA ARG A 113 1.35 8.36 -15.33
C ARG A 113 1.87 7.67 -16.59
N GLU A 114 1.21 6.58 -16.97
CA GLU A 114 1.49 5.93 -18.23
C GLU A 114 0.83 6.72 -19.36
N ASP A 115 1.51 7.77 -19.79
CA ASP A 115 0.97 8.70 -20.76
C ASP A 115 1.30 8.24 -22.18
N LYS A 116 0.82 9.00 -23.16
CA LYS A 116 1.00 8.62 -24.56
C LYS A 116 1.74 9.71 -25.32
N SER A 1 -18.27 -4.12 1.63
CA SER A 1 -19.09 -3.14 2.37
C SER A 1 -19.77 -3.80 3.58
N SER A 2 -19.13 -4.82 4.14
CA SER A 2 -19.69 -5.56 5.25
C SER A 2 -18.60 -6.01 6.20
N GLU A 3 -18.97 -6.28 7.45
CA GLU A 3 -18.01 -6.75 8.43
C GLU A 3 -17.72 -8.24 8.27
N GLU A 4 -18.46 -8.89 7.37
CA GLU A 4 -18.21 -10.29 7.08
C GLU A 4 -17.11 -10.44 6.04
N GLU A 5 -16.55 -9.31 5.66
CA GLU A 5 -15.44 -9.28 4.73
C GLU A 5 -14.39 -8.29 5.21
N SER A 6 -13.23 -8.81 5.55
CA SER A 6 -12.12 -7.99 6.00
C SER A 6 -10.83 -8.75 5.78
N PHE A 7 -9.74 -8.02 5.63
CA PHE A 7 -8.44 -8.60 5.40
C PHE A 7 -7.39 -7.72 6.03
N PHE A 8 -6.26 -8.31 6.38
CA PHE A 8 -5.21 -7.55 7.04
C PHE A 8 -4.23 -6.99 6.02
N VAL A 9 -3.99 -5.69 6.11
CA VAL A 9 -3.07 -5.03 5.19
C VAL A 9 -1.80 -4.65 5.90
N GLN A 10 -0.69 -5.07 5.38
CA GLN A 10 0.55 -4.48 5.78
C GLN A 10 0.86 -3.38 4.79
N VAL A 11 0.74 -2.15 5.23
CA VAL A 11 0.97 -1.01 4.37
C VAL A 11 2.01 -0.08 4.98
N HIS A 12 3.14 0.04 4.29
CA HIS A 12 4.27 0.81 4.80
C HIS A 12 3.96 2.30 4.82
N ASP A 13 4.50 2.97 5.81
CA ASP A 13 4.51 4.42 5.85
C ASP A 13 5.96 4.90 5.94
N VAL A 14 6.18 6.18 5.72
CA VAL A 14 7.52 6.74 5.81
C VAL A 14 7.82 7.13 7.26
N SER A 15 6.75 7.32 8.02
CA SER A 15 6.86 7.76 9.40
C SER A 15 7.31 6.62 10.32
N PRO A 16 7.82 6.95 11.51
CA PRO A 16 8.17 5.96 12.53
C PRO A 16 6.93 5.37 13.19
N GLU A 17 7.03 5.07 14.50
CA GLU A 17 5.96 4.39 15.24
C GLU A 17 5.89 2.93 14.80
N GLN A 18 5.56 2.72 13.54
CA GLN A 18 5.53 1.40 12.94
C GLN A 18 5.72 1.56 11.43
N PRO A 19 6.97 1.39 10.95
CA PRO A 19 7.32 1.60 9.54
C PRO A 19 6.43 0.81 8.59
N LEU A 20 6.03 -0.38 9.02
CA LEU A 20 5.08 -1.17 8.28
C LEU A 20 3.73 -1.12 8.98
N THR A 21 2.87 -0.24 8.52
CA THR A 21 1.58 -0.04 9.16
C THR A 21 0.65 -1.23 8.89
N VAL A 22 0.40 -2.03 9.92
CA VAL A 22 -0.46 -3.19 9.76
C VAL A 22 -1.88 -2.85 10.19
N ILE A 23 -2.78 -2.79 9.22
CA ILE A 23 -4.17 -2.45 9.49
C ILE A 23 -5.09 -3.61 9.09
N LYS A 24 -6.38 -3.45 9.35
CA LYS A 24 -7.36 -4.42 8.92
C LYS A 24 -8.43 -3.73 8.09
N ALA A 25 -8.28 -3.79 6.79
CA ALA A 25 -9.16 -3.13 5.85
C ALA A 25 -10.19 -4.11 5.32
N PRO A 26 -11.19 -3.61 4.60
CA PRO A 26 -12.18 -4.45 3.97
C PRO A 26 -11.60 -5.11 2.75
N ARG A 27 -11.93 -6.37 2.52
CA ARG A 27 -11.38 -7.10 1.39
C ARG A 27 -11.64 -6.30 0.12
N VAL A 28 -12.84 -5.78 0.03
CA VAL A 28 -13.28 -4.97 -1.10
C VAL A 28 -12.57 -3.60 -1.15
N SER A 29 -11.84 -3.23 -0.10
CA SER A 29 -11.12 -1.95 -0.12
C SER A 29 -10.17 -1.90 -1.30
N THR A 30 -10.27 -0.82 -2.06
CA THR A 30 -9.31 -0.55 -3.10
C THR A 30 -8.36 0.51 -2.60
N ALA A 31 -7.38 0.89 -3.42
CA ALA A 31 -6.34 1.81 -3.01
C ALA A 31 -6.94 3.03 -2.34
N GLN A 32 -7.91 3.65 -2.96
CA GLN A 32 -8.54 4.84 -2.39
C GLN A 32 -9.11 4.57 -0.98
N ASP A 33 -9.63 3.36 -0.74
CA ASP A 33 -10.27 3.08 0.55
C ASP A 33 -9.21 2.91 1.61
N VAL A 34 -8.27 2.04 1.31
CA VAL A 34 -7.15 1.75 2.17
C VAL A 34 -6.29 3.01 2.35
N ILE A 35 -6.32 3.89 1.35
CA ILE A 35 -5.68 5.19 1.43
C ILE A 35 -6.19 5.95 2.65
N GLN A 36 -7.49 6.18 2.72
CA GLN A 36 -8.09 6.94 3.81
C GLN A 36 -8.02 6.16 5.12
N GLN A 37 -8.12 4.84 5.05
CA GLN A 37 -8.04 4.03 6.26
C GLN A 37 -6.64 4.14 6.86
N THR A 38 -5.63 4.21 6.02
CA THR A 38 -4.27 4.43 6.48
C THR A 38 -4.13 5.85 7.00
N LEU A 39 -4.82 6.78 6.34
CA LEU A 39 -4.92 8.16 6.83
C LEU A 39 -5.45 8.17 8.27
N CYS A 40 -6.50 7.39 8.51
CA CYS A 40 -7.11 7.29 9.83
C CYS A 40 -6.13 6.69 10.85
N LYS A 41 -5.26 5.82 10.37
CA LYS A 41 -4.28 5.16 11.22
C LYS A 41 -3.10 6.10 11.48
N ALA A 42 -2.89 7.06 10.58
CA ALA A 42 -1.71 7.90 10.63
C ALA A 42 -1.99 9.28 11.23
N LYS A 43 -3.26 9.69 11.26
CA LYS A 43 -3.62 11.00 11.79
C LYS A 43 -3.13 11.17 13.22
N TYR A 44 -2.22 12.13 13.40
CA TYR A 44 -1.57 12.44 14.69
C TYR A 44 -0.63 11.31 15.14
N SER A 45 -1.12 10.08 14.99
CA SER A 45 -0.38 8.86 15.33
C SER A 45 1.03 8.86 14.73
N TYR A 46 1.07 8.90 13.40
CA TYR A 46 2.34 8.99 12.68
C TYR A 46 2.61 10.44 12.36
N SER A 47 1.88 11.30 13.07
CA SER A 47 1.82 12.73 12.80
C SER A 47 1.65 13.02 11.32
N ILE A 48 0.85 12.18 10.68
CA ILE A 48 0.46 12.39 9.29
C ILE A 48 -0.78 13.29 9.26
N LEU A 49 -0.53 14.60 9.28
CA LEU A 49 -1.62 15.58 9.27
C LEU A 49 -1.45 16.55 8.12
N SER A 50 -0.32 16.47 7.43
CA SER A 50 -0.04 17.38 6.33
C SER A 50 -1.00 17.14 5.18
N ASN A 51 -1.24 15.88 4.86
CA ASN A 51 -2.22 15.52 3.85
C ASN A 51 -3.30 14.62 4.42
N PRO A 52 -4.38 15.22 4.94
CA PRO A 52 -5.53 14.49 5.46
C PRO A 52 -6.52 14.13 4.36
N ASN A 53 -6.21 14.57 3.15
CA ASN A 53 -7.07 14.31 2.00
C ASN A 53 -6.59 13.08 1.25
N PRO A 54 -7.50 12.14 1.00
CA PRO A 54 -7.18 10.86 0.38
C PRO A 54 -7.06 10.96 -1.14
N SER A 55 -7.22 12.17 -1.65
CA SER A 55 -7.19 12.42 -3.07
C SER A 55 -5.76 12.42 -3.59
N ASP A 56 -4.83 12.85 -2.76
CA ASP A 56 -3.44 13.08 -3.18
C ASP A 56 -2.61 11.82 -3.04
N TYR A 57 -3.22 10.77 -2.51
CA TYR A 57 -2.48 9.55 -2.24
C TYR A 57 -2.77 8.48 -3.29
N VAL A 58 -1.81 7.60 -3.46
CA VAL A 58 -1.98 6.39 -4.23
C VAL A 58 -1.33 5.26 -3.45
N LEU A 59 -1.68 4.04 -3.77
CA LEU A 59 -1.13 2.91 -3.06
C LEU A 59 -0.29 2.06 -4.00
N LEU A 60 0.74 1.44 -3.45
CA LEU A 60 1.65 0.60 -4.21
C LEU A 60 1.37 -0.86 -3.88
N GLU A 61 1.29 -1.72 -4.87
CA GLU A 61 1.24 -3.15 -4.61
C GLU A 61 2.65 -3.72 -4.80
N GLU A 62 3.44 -3.68 -3.75
CA GLU A 62 4.71 -4.29 -3.77
C GLU A 62 4.60 -5.74 -3.38
N VAL A 63 5.08 -6.60 -4.24
CA VAL A 63 5.15 -8.01 -3.93
C VAL A 63 6.62 -8.46 -3.83
N VAL A 64 7.03 -8.81 -2.61
CA VAL A 64 8.37 -9.37 -2.37
C VAL A 64 8.53 -10.64 -3.16
N LYS A 65 9.30 -10.54 -4.23
CA LYS A 65 9.56 -11.66 -5.07
C LYS A 65 11.00 -12.12 -4.95
N ASP A 66 11.15 -13.19 -4.21
CA ASP A 66 12.42 -13.89 -4.10
C ASP A 66 12.97 -14.23 -5.48
N THR A 67 14.28 -14.18 -5.60
CA THR A 67 14.93 -14.44 -6.88
C THR A 67 16.18 -15.28 -6.68
N THR A 68 16.29 -15.88 -5.50
CA THR A 68 17.42 -16.72 -5.15
C THR A 68 17.55 -17.87 -6.16
N ASN A 69 16.52 -18.70 -6.22
CA ASN A 69 16.46 -19.85 -7.13
C ASN A 69 17.65 -20.77 -6.99
N LYS A 70 18.69 -20.48 -7.75
CA LYS A 70 19.78 -21.41 -7.92
C LYS A 70 21.01 -20.97 -7.14
N LYS A 71 21.35 -19.69 -7.23
CA LYS A 71 22.54 -19.16 -6.59
C LYS A 71 22.16 -18.37 -5.35
N THR A 72 23.14 -18.10 -4.49
CA THR A 72 22.91 -17.26 -3.33
C THR A 72 22.65 -15.82 -3.78
N THR A 73 21.39 -15.47 -3.86
CA THR A 73 20.97 -14.13 -4.26
C THR A 73 19.83 -13.67 -3.37
N THR A 74 19.92 -12.43 -2.90
CA THR A 74 18.94 -11.88 -1.98
C THR A 74 17.59 -11.70 -2.67
N PRO A 75 16.48 -11.92 -1.93
CA PRO A 75 15.12 -11.73 -2.44
C PRO A 75 14.88 -10.31 -2.90
N LYS A 76 13.99 -10.16 -3.86
CA LYS A 76 13.68 -8.88 -4.45
C LYS A 76 12.29 -8.40 -4.06
N SER A 77 11.94 -7.19 -4.46
CA SER A 77 10.61 -6.65 -4.21
C SER A 77 10.07 -6.01 -5.48
N SER A 78 9.06 -6.62 -6.05
CA SER A 78 8.45 -6.11 -7.26
C SER A 78 7.37 -5.11 -6.87
N GLN A 79 7.70 -3.83 -6.93
CA GLN A 79 6.79 -2.80 -6.49
C GLN A 79 6.01 -2.26 -7.68
N ARG A 80 4.70 -2.17 -7.52
CA ARG A 80 3.83 -1.67 -8.56
C ARG A 80 2.97 -0.55 -7.98
N VAL A 81 2.45 0.34 -8.81
CA VAL A 81 1.58 1.40 -8.31
C VAL A 81 0.15 1.19 -8.78
N LEU A 82 -0.81 1.53 -7.94
CA LEU A 82 -2.22 1.25 -8.19
C LEU A 82 -2.96 2.50 -8.63
N LEU A 83 -4.04 2.27 -9.37
CA LEU A 83 -4.96 3.33 -9.70
C LEU A 83 -6.00 3.44 -8.57
N ASP A 84 -6.88 4.42 -8.67
CA ASP A 84 -7.95 4.62 -7.70
C ASP A 84 -8.67 3.32 -7.38
N GLN A 85 -9.10 2.63 -8.42
CA GLN A 85 -9.86 1.41 -8.25
C GLN A 85 -9.12 0.18 -8.77
N GLU A 86 -7.82 0.09 -8.50
CA GLU A 86 -7.08 -1.13 -8.78
C GLU A 86 -7.64 -2.27 -7.95
N CYS A 87 -8.19 -1.92 -6.79
CA CYS A 87 -8.70 -2.88 -5.82
C CYS A 87 -7.55 -3.58 -5.11
N VAL A 88 -7.51 -3.46 -3.79
CA VAL A 88 -6.39 -3.95 -3.01
C VAL A 88 -6.45 -5.47 -2.92
N PHE A 89 -7.65 -6.01 -2.82
CA PHE A 89 -7.80 -7.46 -2.76
C PHE A 89 -7.55 -8.05 -4.14
N GLN A 90 -7.94 -7.29 -5.17
CA GLN A 90 -7.67 -7.66 -6.55
C GLN A 90 -6.16 -7.66 -6.83
N ALA A 91 -5.48 -6.63 -6.37
CA ALA A 91 -4.04 -6.53 -6.51
C ALA A 91 -3.36 -7.67 -5.77
N GLN A 92 -3.79 -7.87 -4.54
CA GLN A 92 -3.22 -8.90 -3.67
C GLN A 92 -3.29 -10.29 -4.33
N SER A 93 -4.38 -10.56 -5.02
CA SER A 93 -4.60 -11.86 -5.66
C SER A 93 -3.73 -12.04 -6.90
N LYS A 94 -3.01 -11.00 -7.30
CA LYS A 94 -2.14 -11.09 -8.47
C LYS A 94 -0.72 -11.43 -8.05
N TRP A 95 -0.46 -11.28 -6.76
CA TRP A 95 0.88 -11.45 -6.21
C TRP A 95 1.41 -12.86 -6.35
N LYS A 96 2.73 -12.95 -6.36
CA LYS A 96 3.42 -14.24 -6.44
C LYS A 96 4.47 -14.31 -5.34
N GLY A 97 4.30 -13.42 -4.38
CA GLY A 97 5.21 -13.30 -3.26
C GLY A 97 4.55 -12.52 -2.16
N ALA A 98 5.12 -12.52 -0.97
CA ALA A 98 4.47 -11.85 0.15
C ALA A 98 4.96 -10.40 0.27
N GLY A 99 4.22 -9.49 -0.34
CA GLY A 99 4.63 -8.11 -0.33
C GLY A 99 3.87 -7.29 0.68
N LYS A 100 3.70 -6.02 0.38
CA LYS A 100 2.90 -5.12 1.20
C LYS A 100 2.36 -4.04 0.29
N PHE A 101 1.27 -3.44 0.68
CA PHE A 101 0.80 -2.27 -0.02
C PHE A 101 1.48 -1.04 0.56
N ILE A 102 2.14 -0.26 -0.28
CA ILE A 102 2.93 0.86 0.20
C ILE A 102 2.18 2.18 -0.02
N LEU A 103 1.95 2.91 1.06
CA LEU A 103 1.24 4.18 0.97
C LEU A 103 2.16 5.24 0.38
N LYS A 104 1.65 6.03 -0.54
CA LYS A 104 2.44 7.09 -1.15
C LYS A 104 1.52 8.16 -1.73
N LEU A 105 2.08 9.24 -2.25
CA LEU A 105 1.31 10.26 -2.90
C LEU A 105 1.44 10.13 -4.39
N LYS A 106 0.36 10.40 -5.09
CA LYS A 106 0.34 10.30 -6.53
C LYS A 106 1.18 11.41 -7.14
N GLU A 107 1.37 12.49 -6.39
CA GLU A 107 2.21 13.60 -6.82
C GLU A 107 3.68 13.31 -6.52
N GLN A 108 3.92 12.29 -5.73
CA GLN A 108 5.27 11.79 -5.50
C GLN A 108 5.52 10.65 -6.47
N VAL A 109 4.43 10.15 -7.02
CA VAL A 109 4.45 9.05 -7.95
C VAL A 109 4.19 9.58 -9.38
N GLN A 110 4.25 10.90 -9.53
CA GLN A 110 4.16 11.52 -10.84
C GLN A 110 5.34 11.09 -11.69
N ALA A 111 5.29 11.36 -12.98
CA ALA A 111 6.40 11.04 -13.88
C ALA A 111 7.58 11.97 -13.61
N SER A 112 8.22 11.73 -12.49
CA SER A 112 9.26 12.61 -11.97
C SER A 112 10.63 12.27 -12.53
N ARG A 113 11.57 13.19 -12.33
CA ARG A 113 12.97 12.95 -12.68
C ARG A 113 13.79 13.05 -11.41
N GLU A 114 14.19 11.90 -10.87
CA GLU A 114 14.84 11.81 -9.57
C GLU A 114 13.86 12.20 -8.46
N ASP A 115 13.53 13.48 -8.38
CA ASP A 115 12.47 13.96 -7.51
C ASP A 115 11.78 15.17 -8.12
N LYS A 116 10.47 15.07 -8.28
CA LYS A 116 9.66 16.12 -8.89
C LYS A 116 10.07 16.36 -10.34
N SER A 1 -24.86 -9.22 7.12
CA SER A 1 -25.67 -10.02 6.19
C SER A 1 -24.85 -11.19 5.63
N SER A 2 -23.84 -10.87 4.83
CA SER A 2 -23.03 -11.89 4.17
C SER A 2 -21.77 -12.16 4.96
N GLU A 3 -21.83 -11.93 6.27
CA GLU A 3 -20.64 -11.90 7.11
C GLU A 3 -19.58 -11.02 6.46
N GLU A 4 -19.97 -9.77 6.20
CA GLU A 4 -19.10 -8.74 5.62
C GLU A 4 -17.66 -8.90 6.12
N GLU A 5 -16.77 -9.23 5.20
CA GLU A 5 -15.45 -9.75 5.56
C GLU A 5 -14.33 -8.72 5.38
N SER A 6 -13.37 -8.78 6.27
CA SER A 6 -12.20 -7.92 6.21
C SER A 6 -10.94 -8.77 6.07
N PHE A 7 -9.95 -8.23 5.37
CA PHE A 7 -8.69 -8.92 5.15
C PHE A 7 -7.58 -8.12 5.81
N PHE A 8 -6.53 -8.80 6.21
CA PHE A 8 -5.45 -8.14 6.93
C PHE A 8 -4.42 -7.59 5.95
N VAL A 9 -4.02 -6.33 6.14
CA VAL A 9 -3.00 -5.73 5.31
C VAL A 9 -1.87 -5.23 6.19
N GLN A 10 -0.70 -5.13 5.60
CA GLN A 10 0.36 -4.35 6.19
C GLN A 10 0.91 -3.40 5.14
N VAL A 11 0.59 -2.12 5.31
CA VAL A 11 0.98 -1.11 4.36
C VAL A 11 1.95 -0.14 5.02
N HIS A 12 2.96 0.28 4.29
CA HIS A 12 3.94 1.20 4.86
C HIS A 12 3.52 2.64 4.65
N ASP A 13 3.51 3.40 5.73
CA ASP A 13 3.34 4.85 5.65
C ASP A 13 4.69 5.52 5.82
N VAL A 14 4.84 6.73 5.29
CA VAL A 14 6.11 7.43 5.35
C VAL A 14 6.24 8.21 6.65
N SER A 15 6.49 7.49 7.73
CA SER A 15 6.66 8.09 9.05
C SER A 15 7.46 7.15 9.96
N PRO A 16 8.28 7.71 10.86
CA PRO A 16 9.08 6.92 11.80
C PRO A 16 8.23 6.34 12.94
N GLU A 17 8.90 5.99 14.04
CA GLU A 17 8.29 5.29 15.18
C GLU A 17 7.96 3.84 14.82
N GLN A 18 7.12 3.68 13.81
CA GLN A 18 6.78 2.35 13.30
C GLN A 18 6.61 2.43 11.79
N PRO A 19 7.66 2.03 11.04
CA PRO A 19 7.71 2.18 9.57
C PRO A 19 6.64 1.36 8.83
N LEU A 20 6.14 0.31 9.47
CA LEU A 20 5.10 -0.50 8.86
C LEU A 20 3.76 -0.26 9.55
N THR A 21 2.71 -0.14 8.76
CA THR A 21 1.39 0.03 9.31
C THR A 21 0.54 -1.22 9.04
N VAL A 22 0.26 -2.00 10.07
CA VAL A 22 -0.57 -3.19 9.92
C VAL A 22 -2.04 -2.79 10.06
N ILE A 23 -2.78 -2.86 8.97
CA ILE A 23 -4.16 -2.44 8.95
C ILE A 23 -5.07 -3.53 8.44
N LYS A 24 -5.99 -3.98 9.27
CA LYS A 24 -7.05 -4.84 8.80
C LYS A 24 -8.09 -3.97 8.10
N ALA A 25 -8.30 -4.22 6.83
CA ALA A 25 -9.21 -3.44 6.02
C ALA A 25 -10.13 -4.38 5.28
N PRO A 26 -11.25 -3.87 4.79
CA PRO A 26 -12.25 -4.70 4.15
C PRO A 26 -11.71 -5.37 2.90
N ARG A 27 -12.14 -6.62 2.68
CA ARG A 27 -11.67 -7.40 1.52
C ARG A 27 -12.13 -6.72 0.22
N VAL A 28 -12.86 -5.62 0.37
CA VAL A 28 -13.33 -4.83 -0.74
C VAL A 28 -12.56 -3.51 -0.86
N SER A 29 -11.78 -3.16 0.17
CA SER A 29 -10.95 -1.94 0.10
C SER A 29 -10.04 -1.91 -1.12
N THR A 30 -10.19 -0.85 -1.89
CA THR A 30 -9.28 -0.56 -2.98
C THR A 30 -8.26 0.46 -2.53
N ALA A 31 -7.32 0.80 -3.41
CA ALA A 31 -6.18 1.63 -3.05
C ALA A 31 -6.63 2.87 -2.28
N GLN A 32 -7.59 3.61 -2.83
CA GLN A 32 -8.06 4.83 -2.20
C GLN A 32 -8.72 4.56 -0.84
N ASP A 33 -9.38 3.41 -0.71
CA ASP A 33 -10.11 3.10 0.51
C ASP A 33 -9.15 2.72 1.62
N VAL A 34 -8.18 1.90 1.26
CA VAL A 34 -7.12 1.49 2.18
C VAL A 34 -6.19 2.67 2.44
N ILE A 35 -6.06 3.55 1.45
CA ILE A 35 -5.34 4.81 1.61
C ILE A 35 -5.95 5.59 2.77
N GLN A 36 -7.25 5.85 2.66
CA GLN A 36 -7.99 6.58 3.68
C GLN A 36 -8.03 5.80 5.00
N GLN A 37 -8.02 4.48 4.91
CA GLN A 37 -7.98 3.64 6.09
C GLN A 37 -6.66 3.87 6.83
N THR A 38 -5.57 4.00 6.07
CA THR A 38 -4.28 4.33 6.65
C THR A 38 -4.31 5.75 7.19
N LEU A 39 -5.08 6.61 6.54
CA LEU A 39 -5.33 7.98 7.02
C LEU A 39 -6.02 7.95 8.38
N CYS A 40 -6.86 6.95 8.58
CA CYS A 40 -7.57 6.78 9.85
C CYS A 40 -6.60 6.38 10.97
N LYS A 41 -5.65 5.53 10.65
CA LYS A 41 -4.67 5.08 11.64
C LYS A 41 -3.60 6.13 11.87
N ALA A 42 -3.02 6.62 10.78
CA ALA A 42 -2.04 7.69 10.84
C ALA A 42 -2.75 9.02 11.01
N LYS A 43 -3.06 9.33 12.25
CA LYS A 43 -3.74 10.55 12.59
C LYS A 43 -3.30 10.98 13.97
N TYR A 44 -2.89 12.26 14.09
CA TYR A 44 -2.44 12.85 15.36
C TYR A 44 -1.03 12.34 15.72
N SER A 45 -0.76 11.08 15.40
CA SER A 45 0.58 10.52 15.54
C SER A 45 1.51 11.20 14.55
N TYR A 46 2.61 11.76 15.05
CA TYR A 46 3.53 12.56 14.25
C TYR A 46 2.80 13.83 13.79
N SER A 47 1.61 14.00 14.35
CA SER A 47 0.65 15.03 13.94
C SER A 47 0.65 15.22 12.42
N ILE A 48 0.32 14.15 11.72
CA ILE A 48 0.30 14.14 10.27
C ILE A 48 -1.02 14.75 9.74
N LEU A 49 -1.61 15.62 10.54
CA LEU A 49 -2.94 16.17 10.24
C LEU A 49 -2.86 17.26 9.18
N SER A 50 -1.65 17.47 8.66
CA SER A 50 -1.45 18.42 7.58
C SER A 50 -2.05 17.85 6.29
N ASN A 51 -2.27 16.54 6.28
CA ASN A 51 -2.74 15.85 5.09
C ASN A 51 -3.80 14.79 5.42
N PRO A 52 -5.03 15.23 5.73
CA PRO A 52 -6.17 14.32 5.87
C PRO A 52 -6.82 14.05 4.51
N ASN A 53 -6.15 14.53 3.48
CA ASN A 53 -6.59 14.38 2.11
C ASN A 53 -5.91 13.18 1.45
N PRO A 54 -6.70 12.20 0.98
CA PRO A 54 -6.19 10.98 0.39
C PRO A 54 -6.12 10.99 -1.14
N SER A 55 -6.54 12.09 -1.76
CA SER A 55 -6.65 12.16 -3.21
C SER A 55 -5.28 12.29 -3.87
N ASP A 56 -4.32 12.84 -3.13
CA ASP A 56 -2.96 13.03 -3.60
C ASP A 56 -2.11 11.79 -3.32
N TYR A 57 -2.74 10.79 -2.76
CA TYR A 57 -2.04 9.58 -2.33
C TYR A 57 -2.35 8.44 -3.28
N VAL A 58 -1.32 7.76 -3.73
CA VAL A 58 -1.52 6.50 -4.43
C VAL A 58 -0.96 5.36 -3.60
N LEU A 59 -1.32 4.15 -3.95
CA LEU A 59 -0.86 3.00 -3.21
C LEU A 59 -0.04 2.10 -4.12
N LEU A 60 1.04 1.58 -3.60
CA LEU A 60 1.90 0.70 -4.36
C LEU A 60 1.60 -0.75 -4.00
N GLU A 61 1.33 -1.55 -5.01
CA GLU A 61 1.23 -2.98 -4.82
C GLU A 61 2.62 -3.58 -4.99
N GLU A 62 3.41 -3.56 -3.94
CA GLU A 62 4.68 -4.18 -4.00
C GLU A 62 4.53 -5.65 -3.67
N VAL A 63 4.95 -6.50 -4.57
CA VAL A 63 4.87 -7.94 -4.35
C VAL A 63 6.28 -8.54 -4.32
N VAL A 64 6.68 -8.95 -3.13
CA VAL A 64 8.03 -9.43 -2.89
C VAL A 64 8.22 -10.85 -3.39
N LYS A 65 9.40 -11.11 -3.91
CA LYS A 65 9.83 -12.47 -4.24
C LYS A 65 11.23 -12.65 -3.68
N ASP A 66 11.29 -13.02 -2.41
CA ASP A 66 12.56 -13.09 -1.70
C ASP A 66 13.26 -14.42 -2.00
N THR A 67 14.40 -14.63 -1.36
CA THR A 67 15.23 -15.78 -1.68
C THR A 67 14.80 -17.01 -0.87
N THR A 68 13.70 -17.63 -1.29
CA THR A 68 13.29 -18.90 -0.73
C THR A 68 14.30 -19.96 -1.17
N ASN A 69 14.75 -19.82 -2.40
CA ASN A 69 15.80 -20.66 -2.96
C ASN A 69 17.13 -20.26 -2.36
N LYS A 70 18.21 -20.86 -2.84
CA LYS A 70 19.53 -20.45 -2.43
C LYS A 70 20.48 -20.52 -3.62
N LYS A 71 21.51 -19.68 -3.60
CA LYS A 71 22.45 -19.51 -4.72
C LYS A 71 21.77 -18.75 -5.87
N THR A 72 20.60 -19.21 -6.25
CA THR A 72 19.81 -18.56 -7.27
C THR A 72 18.65 -17.82 -6.62
N THR A 73 18.17 -16.77 -7.28
CA THR A 73 17.06 -15.98 -6.79
C THR A 73 17.43 -15.21 -5.52
N THR A 74 17.78 -13.95 -5.68
CA THR A 74 18.09 -13.08 -4.56
C THR A 74 16.83 -12.38 -4.08
N PRO A 75 16.85 -11.79 -2.87
CA PRO A 75 15.70 -11.04 -2.35
C PRO A 75 15.31 -9.90 -3.28
N LYS A 76 14.06 -9.91 -3.69
CA LYS A 76 13.57 -8.95 -4.65
C LYS A 76 12.20 -8.40 -4.29
N SER A 77 11.99 -7.15 -4.62
CA SER A 77 10.71 -6.50 -4.44
C SER A 77 10.22 -5.94 -5.77
N SER A 78 9.00 -6.28 -6.15
CA SER A 78 8.41 -5.74 -7.37
C SER A 78 7.29 -4.77 -7.01
N GLN A 79 7.59 -3.49 -7.08
CA GLN A 79 6.64 -2.47 -6.70
C GLN A 79 5.89 -1.97 -7.94
N ARG A 80 4.56 -1.91 -7.86
CA ARG A 80 3.74 -1.45 -8.96
C ARG A 80 2.70 -0.47 -8.44
N VAL A 81 2.57 0.69 -9.07
CA VAL A 81 1.68 1.71 -8.54
C VAL A 81 0.25 1.50 -9.01
N LEU A 82 -0.69 1.66 -8.09
CA LEU A 82 -2.10 1.44 -8.36
C LEU A 82 -2.80 2.73 -8.74
N LEU A 83 -3.84 2.59 -9.53
CA LEU A 83 -4.80 3.66 -9.69
C LEU A 83 -5.74 3.62 -8.49
N ASP A 84 -6.52 4.67 -8.31
CA ASP A 84 -7.36 4.81 -7.11
C ASP A 84 -8.27 3.59 -6.90
N GLN A 85 -8.69 2.96 -7.99
CA GLN A 85 -9.58 1.82 -7.90
C GLN A 85 -9.00 0.57 -8.56
N GLU A 86 -7.70 0.34 -8.38
CA GLU A 86 -7.09 -0.92 -8.82
C GLU A 86 -7.41 -2.06 -7.86
N CYS A 87 -8.05 -1.71 -6.74
CA CYS A 87 -8.43 -2.67 -5.69
C CYS A 87 -7.21 -3.21 -4.96
N VAL A 88 -7.25 -3.19 -3.63
CA VAL A 88 -6.16 -3.69 -2.82
C VAL A 88 -6.24 -5.21 -2.76
N PHE A 89 -7.44 -5.70 -2.51
CA PHE A 89 -7.62 -7.13 -2.31
C PHE A 89 -7.49 -7.87 -3.64
N GLN A 90 -8.07 -7.29 -4.69
CA GLN A 90 -7.92 -7.86 -6.02
C GLN A 90 -6.46 -7.83 -6.45
N ALA A 91 -5.78 -6.70 -6.21
CA ALA A 91 -4.35 -6.60 -6.50
C ALA A 91 -3.58 -7.68 -5.75
N GLN A 92 -3.85 -7.78 -4.45
CA GLN A 92 -3.20 -8.75 -3.59
C GLN A 92 -3.40 -10.17 -4.09
N SER A 93 -4.57 -10.42 -4.66
CA SER A 93 -4.92 -11.75 -5.15
C SER A 93 -4.27 -12.02 -6.51
N LYS A 94 -3.61 -11.01 -7.07
CA LYS A 94 -2.88 -11.15 -8.32
C LYS A 94 -1.41 -11.43 -8.05
N TRP A 95 -1.03 -11.23 -6.80
CA TRP A 95 0.36 -11.22 -6.39
C TRP A 95 1.13 -12.48 -6.72
N LYS A 96 2.36 -12.24 -7.13
CA LYS A 96 3.29 -13.29 -7.47
C LYS A 96 4.28 -13.46 -6.32
N GLY A 97 3.75 -13.34 -5.11
CA GLY A 97 4.56 -13.42 -3.91
C GLY A 97 3.89 -12.69 -2.76
N ALA A 98 4.57 -12.61 -1.63
CA ALA A 98 4.04 -11.89 -0.48
C ALA A 98 4.66 -10.51 -0.40
N GLY A 99 3.86 -9.49 -0.69
CA GLY A 99 4.38 -8.14 -0.70
C GLY A 99 3.80 -7.26 0.39
N LYS A 100 3.73 -5.96 0.10
CA LYS A 100 3.25 -4.96 1.02
C LYS A 100 2.62 -3.83 0.23
N PHE A 101 1.50 -3.30 0.69
CA PHE A 101 0.97 -2.09 0.09
C PHE A 101 1.68 -0.89 0.71
N ILE A 102 1.89 0.15 -0.07
CA ILE A 102 2.69 1.28 0.37
C ILE A 102 2.04 2.61 0.00
N LEU A 103 1.88 3.48 1.00
CA LEU A 103 1.35 4.82 0.76
C LEU A 103 2.45 5.71 0.22
N LYS A 104 2.33 6.07 -1.04
CA LYS A 104 3.27 7.01 -1.65
C LYS A 104 2.49 7.95 -2.55
N LEU A 105 2.82 9.22 -2.50
CA LEU A 105 2.02 10.22 -3.17
C LEU A 105 2.12 10.13 -4.67
N LYS A 106 1.00 10.38 -5.30
CA LYS A 106 0.91 10.35 -6.74
C LYS A 106 1.67 11.51 -7.35
N GLU A 107 1.72 12.61 -6.61
CA GLU A 107 2.43 13.80 -7.04
C GLU A 107 3.93 13.55 -7.06
N GLN A 108 4.34 12.52 -6.33
CA GLN A 108 5.73 12.13 -6.28
C GLN A 108 5.93 10.81 -7.02
N VAL A 109 4.81 10.18 -7.35
CA VAL A 109 4.81 8.91 -8.05
C VAL A 109 4.74 9.10 -9.56
N GLN A 110 4.03 10.15 -9.99
CA GLN A 110 3.74 10.38 -11.40
C GLN A 110 4.99 10.45 -12.26
N ALA A 111 5.45 9.29 -12.67
CA ALA A 111 6.50 9.17 -13.65
C ALA A 111 6.02 8.26 -14.76
N SER A 112 4.79 7.81 -14.62
CA SER A 112 4.21 6.86 -15.55
C SER A 112 3.54 7.58 -16.71
N ARG A 113 4.35 8.03 -17.65
CA ARG A 113 3.82 8.60 -18.89
C ARG A 113 3.58 7.46 -19.86
N GLU A 114 4.65 6.75 -20.15
CA GLU A 114 4.62 5.55 -20.98
C GLU A 114 3.90 4.44 -20.23
N ASP A 115 4.29 4.23 -18.98
CA ASP A 115 3.60 3.27 -18.11
C ASP A 115 2.23 3.81 -17.72
N LYS A 116 1.30 2.91 -17.47
CA LYS A 116 -0.07 3.31 -17.15
C LYS A 116 -0.62 2.51 -15.97
N SER A 1 -17.81 -10.51 13.07
CA SER A 1 -17.17 -9.19 12.92
C SER A 1 -18.14 -8.18 12.31
N SER A 2 -18.54 -8.42 11.07
CA SER A 2 -19.37 -7.48 10.34
C SER A 2 -19.92 -8.12 9.07
N GLU A 3 -20.79 -7.41 8.36
CA GLU A 3 -21.32 -7.92 7.10
C GLU A 3 -20.24 -7.89 6.04
N GLU A 4 -19.37 -6.88 6.13
CA GLU A 4 -18.18 -6.82 5.33
C GLU A 4 -17.09 -7.63 6.02
N GLU A 5 -16.36 -8.41 5.24
CA GLU A 5 -15.27 -9.20 5.79
C GLU A 5 -13.95 -8.54 5.48
N SER A 6 -13.04 -8.52 6.44
CA SER A 6 -11.79 -7.83 6.28
C SER A 6 -10.63 -8.80 6.01
N PHE A 7 -9.68 -8.31 5.24
CA PHE A 7 -8.47 -9.03 4.92
C PHE A 7 -7.30 -8.26 5.51
N PHE A 8 -6.25 -8.97 5.88
CA PHE A 8 -5.14 -8.35 6.58
C PHE A 8 -4.17 -7.66 5.62
N VAL A 9 -4.02 -6.36 5.78
CA VAL A 9 -3.11 -5.58 4.95
C VAL A 9 -1.89 -5.17 5.74
N GLN A 10 -0.74 -5.40 5.16
CA GLN A 10 0.47 -4.76 5.62
C GLN A 10 0.81 -3.66 4.63
N VAL A 11 0.65 -2.42 5.05
CA VAL A 11 0.87 -1.28 4.19
C VAL A 11 1.78 -0.28 4.87
N HIS A 12 2.90 0.01 4.23
CA HIS A 12 3.90 0.88 4.83
C HIS A 12 3.43 2.31 4.87
N ASP A 13 3.92 3.05 5.85
CA ASP A 13 3.61 4.46 6.00
C ASP A 13 4.72 5.30 5.40
N VAL A 14 4.73 6.57 5.75
CA VAL A 14 5.79 7.48 5.36
C VAL A 14 6.47 8.00 6.64
N SER A 15 6.11 7.39 7.75
CA SER A 15 6.61 7.81 9.06
C SER A 15 7.62 6.79 9.60
N PRO A 16 8.55 7.23 10.46
CA PRO A 16 9.53 6.34 11.07
C PRO A 16 9.01 5.67 12.36
N GLU A 17 9.89 4.92 13.01
CA GLU A 17 9.57 4.17 14.25
C GLU A 17 8.71 2.95 13.92
N GLN A 18 7.58 3.20 13.28
CA GLN A 18 6.73 2.14 12.75
C GLN A 18 6.53 2.36 11.26
N PRO A 19 7.45 1.84 10.43
CA PRO A 19 7.44 2.07 8.99
C PRO A 19 6.50 1.14 8.24
N LEU A 20 5.70 0.39 8.99
CA LEU A 20 4.76 -0.55 8.38
C LEU A 20 3.46 -0.60 9.17
N THR A 21 2.36 -0.36 8.49
CA THR A 21 1.07 -0.46 9.11
C THR A 21 0.44 -1.83 8.89
N VAL A 22 0.06 -2.50 9.96
CA VAL A 22 -0.71 -3.74 9.86
C VAL A 22 -2.17 -3.44 10.18
N ILE A 23 -3.03 -3.57 9.18
CA ILE A 23 -4.45 -3.26 9.35
C ILE A 23 -5.32 -4.41 8.87
N LYS A 24 -6.59 -4.33 9.20
CA LYS A 24 -7.58 -5.22 8.65
C LYS A 24 -8.58 -4.41 7.85
N ALA A 25 -8.37 -4.34 6.55
CA ALA A 25 -9.21 -3.56 5.66
C ALA A 25 -10.17 -4.49 4.97
N PRO A 26 -11.28 -3.96 4.48
CA PRO A 26 -12.32 -4.79 3.90
C PRO A 26 -11.82 -5.51 2.67
N ARG A 27 -12.22 -6.76 2.51
CA ARG A 27 -11.82 -7.58 1.35
C ARG A 27 -12.34 -6.97 0.05
N VAL A 28 -13.06 -5.86 0.18
CA VAL A 28 -13.60 -5.11 -0.95
C VAL A 28 -12.94 -3.74 -1.04
N SER A 29 -12.14 -3.37 -0.04
CA SER A 29 -11.42 -2.10 -0.07
C SER A 29 -10.51 -2.03 -1.28
N THR A 30 -10.53 -0.90 -1.97
CA THR A 30 -9.57 -0.67 -3.03
C THR A 30 -8.46 0.20 -2.48
N ALA A 31 -7.60 0.72 -3.35
CA ALA A 31 -6.46 1.50 -2.90
C ALA A 31 -6.90 2.72 -2.12
N GLN A 32 -7.81 3.47 -2.69
CA GLN A 32 -8.30 4.69 -2.05
C GLN A 32 -8.91 4.40 -0.67
N ASP A 33 -9.50 3.22 -0.50
CA ASP A 33 -10.17 2.90 0.76
C ASP A 33 -9.14 2.64 1.83
N VAL A 34 -8.24 1.74 1.49
CA VAL A 34 -7.17 1.33 2.36
C VAL A 34 -6.19 2.49 2.60
N ILE A 35 -6.13 3.39 1.62
CA ILE A 35 -5.40 4.64 1.75
C ILE A 35 -5.92 5.43 2.96
N GLN A 36 -7.21 5.70 2.98
CA GLN A 36 -7.85 6.48 4.03
C GLN A 36 -7.75 5.77 5.37
N GLN A 37 -7.77 4.44 5.36
CA GLN A 37 -7.66 3.69 6.60
C GLN A 37 -6.33 3.98 7.28
N THR A 38 -5.28 4.11 6.47
CA THR A 38 -3.98 4.53 6.99
C THR A 38 -4.05 5.99 7.45
N LEU A 39 -4.78 6.81 6.69
CA LEU A 39 -5.02 8.20 7.07
C LEU A 39 -5.66 8.27 8.46
N CYS A 40 -6.56 7.34 8.73
CA CYS A 40 -7.26 7.26 10.00
C CYS A 40 -6.29 6.99 11.15
N LYS A 41 -5.37 6.05 10.96
CA LYS A 41 -4.38 5.73 11.97
C LYS A 41 -3.36 6.86 12.09
N ALA A 42 -3.03 7.47 10.96
CA ALA A 42 -2.05 8.54 10.91
C ALA A 42 -2.64 9.88 11.34
N LYS A 43 -3.82 9.84 11.93
CA LYS A 43 -4.43 11.03 12.50
C LYS A 43 -3.63 11.44 13.73
N TYR A 44 -3.11 12.67 13.70
CA TYR A 44 -2.14 13.13 14.69
C TYR A 44 -0.86 12.28 14.60
N SER A 45 -0.43 11.72 15.73
CA SER A 45 0.75 10.85 15.80
C SER A 45 2.03 11.62 15.46
N TYR A 46 2.35 11.68 14.17
CA TYR A 46 3.51 12.44 13.71
C TYR A 46 3.02 13.62 12.90
N SER A 47 1.75 13.94 13.13
CA SER A 47 1.02 14.98 12.43
C SER A 47 1.12 14.84 10.91
N ILE A 48 0.32 13.92 10.39
CA ILE A 48 0.18 13.71 8.96
C ILE A 48 -1.04 14.52 8.47
N LEU A 49 -1.49 15.42 9.33
CA LEU A 49 -2.74 16.15 9.10
C LEU A 49 -2.54 17.28 8.10
N SER A 50 -1.36 17.33 7.49
CA SER A 50 -1.08 18.32 6.46
C SER A 50 -1.85 18.00 5.18
N ASN A 51 -2.11 16.72 4.97
CA ASN A 51 -2.88 16.30 3.80
C ASN A 51 -3.84 15.18 4.19
N PRO A 52 -4.97 15.55 4.81
CA PRO A 52 -5.99 14.59 5.25
C PRO A 52 -6.91 14.17 4.11
N ASN A 53 -6.66 14.71 2.93
CA ASN A 53 -7.35 14.32 1.73
C ASN A 53 -6.50 13.33 0.95
N PRO A 54 -7.05 12.13 0.72
CA PRO A 54 -6.30 11.01 0.14
C PRO A 54 -6.21 11.07 -1.38
N SER A 55 -6.89 12.03 -1.97
CA SER A 55 -6.97 12.16 -3.42
C SER A 55 -5.61 12.48 -4.05
N ASP A 56 -4.65 12.85 -3.21
CA ASP A 56 -3.31 13.21 -3.69
C ASP A 56 -2.37 12.03 -3.52
N TYR A 57 -2.92 10.89 -3.18
CA TYR A 57 -2.14 9.72 -2.87
C TYR A 57 -2.44 8.58 -3.83
N VAL A 58 -1.40 7.89 -4.25
CA VAL A 58 -1.54 6.57 -4.84
C VAL A 58 -1.11 5.53 -3.84
N LEU A 59 -1.19 4.27 -4.22
CA LEU A 59 -0.75 3.19 -3.36
C LEU A 59 0.07 2.21 -4.17
N LEU A 60 1.07 1.62 -3.55
CA LEU A 60 1.95 0.68 -4.25
C LEU A 60 1.58 -0.75 -3.89
N GLU A 61 1.35 -1.59 -4.89
CA GLU A 61 1.22 -3.01 -4.67
C GLU A 61 2.60 -3.65 -4.84
N GLU A 62 3.39 -3.62 -3.79
CA GLU A 62 4.67 -4.24 -3.79
C GLU A 62 4.54 -5.69 -3.38
N VAL A 63 5.05 -6.57 -4.22
CA VAL A 63 5.08 -8.00 -3.90
C VAL A 63 6.52 -8.48 -3.83
N VAL A 64 6.96 -8.83 -2.63
CA VAL A 64 8.29 -9.39 -2.44
C VAL A 64 8.33 -10.83 -2.96
N LYS A 65 8.96 -10.99 -4.10
CA LYS A 65 9.28 -12.30 -4.63
C LYS A 65 10.59 -12.74 -4.02
N ASP A 66 10.52 -13.31 -2.84
CA ASP A 66 11.70 -13.64 -2.07
C ASP A 66 12.42 -14.84 -2.67
N THR A 67 13.73 -14.86 -2.47
CA THR A 67 14.58 -15.87 -3.05
C THR A 67 14.37 -17.24 -2.40
N THR A 68 13.69 -17.23 -1.24
CA THR A 68 13.26 -18.44 -0.55
C THR A 68 14.43 -19.35 -0.17
N ASN A 69 14.84 -20.22 -1.09
CA ASN A 69 15.89 -21.18 -0.85
C ASN A 69 17.20 -20.48 -0.56
N LYS A 70 17.40 -19.36 -1.23
CA LYS A 70 18.62 -18.62 -1.10
C LYS A 70 18.44 -17.39 -0.24
N LYS A 71 18.56 -17.56 1.08
CA LYS A 71 18.46 -16.45 2.01
C LYS A 71 19.73 -15.59 1.96
N THR A 72 20.80 -16.17 1.44
CA THR A 72 22.05 -15.45 1.27
C THR A 72 22.00 -14.57 0.01
N THR A 73 20.89 -14.69 -0.71
CA THR A 73 20.67 -13.89 -1.90
C THR A 73 19.51 -12.93 -1.65
N THR A 74 19.77 -11.65 -1.88
CA THR A 74 18.79 -10.59 -1.63
C THR A 74 17.45 -10.91 -2.29
N PRO A 75 16.35 -10.67 -1.56
CA PRO A 75 15.00 -10.89 -2.07
C PRO A 75 14.65 -9.91 -3.17
N LYS A 76 13.59 -10.19 -3.90
CA LYS A 76 13.23 -9.38 -5.05
C LYS A 76 11.88 -8.70 -4.84
N SER A 77 11.90 -7.47 -4.38
CA SER A 77 10.66 -6.73 -4.15
C SER A 77 10.17 -6.08 -5.44
N SER A 78 9.12 -6.65 -6.00
CA SER A 78 8.51 -6.10 -7.20
C SER A 78 7.44 -5.09 -6.81
N GLN A 79 7.79 -3.82 -6.88
CA GLN A 79 6.87 -2.77 -6.47
C GLN A 79 6.12 -2.25 -7.68
N ARG A 80 4.81 -2.16 -7.55
CA ARG A 80 3.94 -1.73 -8.62
C ARG A 80 3.07 -0.59 -8.12
N VAL A 81 2.66 0.34 -8.97
CA VAL A 81 1.91 1.49 -8.49
C VAL A 81 0.46 1.46 -8.99
N LEU A 82 -0.45 1.73 -8.08
CA LEU A 82 -1.88 1.81 -8.39
C LEU A 82 -2.24 3.24 -8.77
N LEU A 83 -3.52 3.55 -8.71
CA LEU A 83 -4.03 4.86 -9.06
C LEU A 83 -4.98 5.35 -7.97
N ASP A 84 -5.95 4.51 -7.62
CA ASP A 84 -6.90 4.78 -6.54
C ASP A 84 -7.94 3.66 -6.41
N GLN A 85 -8.40 3.12 -7.53
CA GLN A 85 -9.47 2.13 -7.49
C GLN A 85 -9.03 0.78 -8.06
N GLU A 86 -7.73 0.53 -8.12
CA GLU A 86 -7.20 -0.71 -8.68
C GLU A 86 -7.63 -1.95 -7.91
N CYS A 87 -8.29 -1.73 -6.76
CA CYS A 87 -8.69 -2.80 -5.87
C CYS A 87 -7.46 -3.44 -5.23
N VAL A 88 -7.11 -3.01 -4.03
CA VAL A 88 -5.92 -3.53 -3.36
C VAL A 88 -6.12 -4.98 -2.97
N PHE A 89 -7.35 -5.38 -2.74
CA PHE A 89 -7.59 -6.78 -2.41
C PHE A 89 -7.38 -7.62 -3.66
N GLN A 90 -7.82 -7.09 -4.79
CA GLN A 90 -7.62 -7.74 -6.07
C GLN A 90 -6.14 -7.73 -6.44
N ALA A 91 -5.50 -6.59 -6.23
CA ALA A 91 -4.06 -6.45 -6.44
C ALA A 91 -3.29 -7.46 -5.61
N GLN A 92 -3.63 -7.52 -4.33
CA GLN A 92 -3.01 -8.44 -3.41
C GLN A 92 -3.22 -9.88 -3.85
N SER A 93 -4.34 -10.13 -4.52
CA SER A 93 -4.67 -11.46 -4.99
C SER A 93 -3.87 -11.79 -6.26
N LYS A 94 -3.36 -10.76 -6.94
CA LYS A 94 -2.54 -10.94 -8.13
C LYS A 94 -1.15 -11.41 -7.76
N TRP A 95 -0.77 -11.12 -6.53
CA TRP A 95 0.60 -11.32 -6.05
C TRP A 95 1.04 -12.77 -6.13
N LYS A 96 2.36 -12.92 -6.14
CA LYS A 96 3.00 -14.23 -6.18
C LYS A 96 4.07 -14.29 -5.12
N GLY A 97 3.90 -13.45 -4.12
CA GLY A 97 4.83 -13.36 -3.02
C GLY A 97 4.23 -12.51 -1.93
N ALA A 98 4.91 -12.42 -0.80
CA ALA A 98 4.37 -11.66 0.32
C ALA A 98 4.90 -10.24 0.31
N GLY A 99 4.10 -9.32 -0.21
CA GLY A 99 4.53 -7.95 -0.30
C GLY A 99 3.82 -7.09 0.71
N LYS A 100 3.69 -5.82 0.38
CA LYS A 100 2.99 -4.85 1.21
C LYS A 100 2.54 -3.71 0.32
N PHE A 101 1.44 -3.08 0.67
CA PHE A 101 1.07 -1.86 0.00
C PHE A 101 1.82 -0.70 0.63
N ILE A 102 2.09 0.35 -0.14
CA ILE A 102 2.83 1.51 0.39
C ILE A 102 2.10 2.80 0.06
N LEU A 103 1.81 3.62 1.06
CA LEU A 103 1.20 4.92 0.84
C LEU A 103 2.21 5.86 0.21
N LYS A 104 1.80 6.54 -0.85
CA LYS A 104 2.66 7.48 -1.53
C LYS A 104 1.80 8.51 -2.26
N LEU A 105 2.39 9.57 -2.78
CA LEU A 105 1.62 10.56 -3.49
C LEU A 105 1.67 10.31 -4.98
N LYS A 106 0.58 10.60 -5.64
CA LYS A 106 0.48 10.45 -7.08
C LYS A 106 1.08 11.67 -7.77
N GLU A 107 1.32 12.68 -6.97
CA GLU A 107 2.08 13.85 -7.42
C GLU A 107 3.55 13.64 -7.14
N GLN A 108 3.88 12.52 -6.53
CA GLN A 108 5.26 12.19 -6.23
C GLN A 108 5.68 11.07 -7.17
N VAL A 109 4.75 10.13 -7.34
CA VAL A 109 4.88 9.10 -8.35
C VAL A 109 4.22 9.56 -9.63
N GLN A 110 5.03 9.92 -10.60
CA GLN A 110 4.55 10.48 -11.84
C GLN A 110 5.43 10.02 -12.98
N ALA A 111 5.16 10.51 -14.18
CA ALA A 111 6.04 10.25 -15.30
C ALA A 111 7.23 11.21 -15.25
N SER A 112 8.06 11.04 -14.23
CA SER A 112 9.16 11.95 -13.98
C SER A 112 10.48 11.31 -14.39
N ARG A 113 11.58 11.92 -14.00
CA ARG A 113 12.90 11.35 -14.23
C ARG A 113 13.39 10.67 -12.97
N GLU A 114 12.77 9.54 -12.65
CA GLU A 114 13.12 8.79 -11.46
C GLU A 114 13.80 7.48 -11.85
N ASP A 115 13.39 6.94 -13.00
CA ASP A 115 14.00 5.74 -13.57
C ASP A 115 13.81 4.53 -12.67
N LYS A 116 12.75 4.57 -11.87
CA LYS A 116 12.40 3.48 -10.97
C LYS A 116 13.56 3.13 -10.04
N SER A 1 -24.79 -6.38 10.57
CA SER A 1 -23.71 -6.06 11.53
C SER A 1 -22.41 -6.72 11.11
N SER A 2 -22.30 -8.03 11.34
CA SER A 2 -21.13 -8.78 10.91
C SER A 2 -21.35 -9.28 9.49
N GLU A 3 -21.09 -8.41 8.55
CA GLU A 3 -21.38 -8.66 7.15
C GLU A 3 -20.17 -8.32 6.29
N GLU A 4 -19.09 -7.96 6.96
CA GLU A 4 -17.88 -7.53 6.29
C GLU A 4 -16.72 -8.44 6.66
N GLU A 5 -16.09 -9.00 5.66
CA GLU A 5 -14.95 -9.87 5.87
C GLU A 5 -13.67 -9.08 5.54
N SER A 6 -12.80 -8.97 6.52
CA SER A 6 -11.61 -8.16 6.37
C SER A 6 -10.39 -8.99 6.04
N PHE A 7 -9.57 -8.46 5.17
CA PHE A 7 -8.33 -9.10 4.75
C PHE A 7 -7.18 -8.36 5.40
N PHE A 8 -6.06 -9.04 5.59
CA PHE A 8 -4.93 -8.42 6.28
C PHE A 8 -4.08 -7.59 5.33
N VAL A 9 -3.82 -6.35 5.70
CA VAL A 9 -2.93 -5.49 4.93
C VAL A 9 -1.78 -5.02 5.80
N GLN A 10 -0.57 -5.19 5.32
CA GLN A 10 0.54 -4.51 5.91
C GLN A 10 0.87 -3.30 5.04
N VAL A 11 0.50 -2.13 5.54
CA VAL A 11 0.54 -0.90 4.76
C VAL A 11 1.55 0.04 5.38
N HIS A 12 2.63 0.31 4.67
CA HIS A 12 3.73 1.10 5.23
C HIS A 12 3.30 2.50 5.58
N ASP A 13 3.79 2.98 6.72
CA ASP A 13 3.73 4.39 7.05
C ASP A 13 4.96 5.06 6.42
N VAL A 14 5.00 6.37 6.41
CA VAL A 14 6.14 7.07 5.81
C VAL A 14 7.32 7.12 6.77
N SER A 15 7.03 7.03 8.06
CA SER A 15 8.07 7.09 9.07
C SER A 15 8.57 5.68 9.42
N PRO A 16 9.88 5.53 9.65
CA PRO A 16 10.46 4.27 10.14
C PRO A 16 10.03 3.97 11.58
N GLU A 17 9.38 4.95 12.21
CA GLU A 17 8.81 4.78 13.54
C GLU A 17 7.76 3.66 13.49
N GLN A 18 7.07 3.58 12.35
CA GLN A 18 6.20 2.46 12.07
C GLN A 18 6.62 1.81 10.75
N PRO A 19 7.47 0.77 10.83
CA PRO A 19 8.03 0.10 9.64
C PRO A 19 6.96 -0.55 8.78
N LEU A 20 5.79 -0.77 9.37
CA LEU A 20 4.65 -1.31 8.66
C LEU A 20 3.40 -1.06 9.47
N THR A 21 2.41 -0.43 8.87
CA THR A 21 1.15 -0.24 9.54
C THR A 21 0.21 -1.39 9.18
N VAL A 22 -0.05 -2.28 10.12
CA VAL A 22 -0.86 -3.44 9.85
C VAL A 22 -2.33 -3.17 10.16
N ILE A 23 -3.17 -3.29 9.14
CA ILE A 23 -4.59 -3.09 9.30
C ILE A 23 -5.36 -4.25 8.72
N LYS A 24 -6.46 -4.62 9.34
CA LYS A 24 -7.36 -5.58 8.75
C LYS A 24 -8.49 -4.80 8.08
N ALA A 25 -8.33 -4.58 6.80
CA ALA A 25 -9.25 -3.75 6.04
C ALA A 25 -10.15 -4.63 5.22
N PRO A 26 -11.24 -4.08 4.69
CA PRO A 26 -12.20 -4.85 3.95
C PRO A 26 -11.65 -5.33 2.62
N ARG A 27 -11.99 -6.57 2.27
CA ARG A 27 -11.51 -7.20 1.04
C ARG A 27 -11.99 -6.41 -0.18
N VAL A 28 -12.87 -5.45 0.07
CA VAL A 28 -13.38 -4.57 -0.98
C VAL A 28 -12.66 -3.23 -0.97
N SER A 29 -11.87 -2.94 0.07
CA SER A 29 -11.07 -1.72 0.08
C SER A 29 -10.08 -1.70 -1.07
N THR A 30 -10.20 -0.69 -1.92
CA THR A 30 -9.25 -0.47 -2.97
C THR A 30 -8.28 0.61 -2.57
N ALA A 31 -7.31 0.92 -3.43
CA ALA A 31 -6.21 1.81 -3.08
C ALA A 31 -6.69 3.06 -2.40
N GLN A 32 -7.64 3.76 -3.02
CA GLN A 32 -8.11 5.02 -2.47
C GLN A 32 -8.81 4.82 -1.12
N ASP A 33 -9.46 3.68 -0.91
CA ASP A 33 -10.17 3.46 0.35
C ASP A 33 -9.17 3.19 1.45
N VAL A 34 -8.27 2.27 1.18
CA VAL A 34 -7.23 1.89 2.10
C VAL A 34 -6.25 3.06 2.31
N ILE A 35 -6.13 3.90 1.29
CA ILE A 35 -5.36 5.13 1.40
C ILE A 35 -5.87 5.98 2.57
N GLN A 36 -7.15 6.32 2.53
CA GLN A 36 -7.77 7.16 3.55
C GLN A 36 -7.81 6.44 4.89
N GLN A 37 -8.02 5.13 4.87
CA GLN A 37 -7.99 4.32 6.07
C GLN A 37 -6.63 4.43 6.75
N THR A 38 -5.57 4.37 5.95
CA THR A 38 -4.22 4.51 6.48
C THR A 38 -3.98 5.97 6.89
N LEU A 39 -4.62 6.90 6.18
CA LEU A 39 -4.63 8.32 6.57
C LEU A 39 -5.16 8.47 8.00
N CYS A 40 -6.18 7.68 8.32
CA CYS A 40 -6.79 7.72 9.65
C CYS A 40 -5.87 7.07 10.69
N LYS A 41 -5.07 6.11 10.24
CA LYS A 41 -4.12 5.44 11.13
C LYS A 41 -2.93 6.35 11.41
N ALA A 42 -2.46 7.04 10.38
CA ALA A 42 -1.37 8.01 10.50
C ALA A 42 -1.90 9.34 11.02
N LYS A 43 -2.74 9.24 12.04
CA LYS A 43 -3.30 10.40 12.69
C LYS A 43 -2.20 11.25 13.31
N TYR A 44 -1.12 10.61 13.74
CA TYR A 44 0.05 11.35 14.22
C TYR A 44 1.36 10.60 13.94
N SER A 45 1.26 9.44 13.28
CA SER A 45 2.41 8.56 13.05
C SER A 45 3.57 9.32 12.39
N TYR A 46 3.50 9.48 11.08
CA TYR A 46 4.42 10.37 10.35
C TYR A 46 3.79 11.75 10.29
N SER A 47 2.83 11.96 11.19
CA SER A 47 1.98 13.16 11.18
C SER A 47 1.42 13.41 9.78
N ILE A 48 0.75 12.40 9.23
CA ILE A 48 0.06 12.56 7.95
C ILE A 48 -1.21 13.34 8.19
N LEU A 49 -1.00 14.61 8.47
CA LEU A 49 -2.05 15.54 8.82
C LEU A 49 -1.97 16.72 7.87
N SER A 50 -0.76 16.98 7.39
CA SER A 50 -0.56 17.82 6.24
C SER A 50 -0.91 17.00 5.00
N ASN A 51 -1.86 17.49 4.20
CA ASN A 51 -2.46 16.71 3.12
C ASN A 51 -3.26 15.54 3.71
N PRO A 52 -4.38 15.86 4.38
CA PRO A 52 -5.28 14.86 4.95
C PRO A 52 -6.28 14.38 3.91
N ASN A 53 -6.07 14.79 2.68
CA ASN A 53 -6.92 14.41 1.57
C ASN A 53 -6.30 13.23 0.82
N PRO A 54 -7.07 12.15 0.68
CA PRO A 54 -6.57 10.89 0.12
C PRO A 54 -6.40 10.94 -1.40
N SER A 55 -6.91 11.99 -2.03
CA SER A 55 -6.90 12.10 -3.48
C SER A 55 -5.60 12.69 -4.02
N ASP A 56 -4.60 12.86 -3.15
CA ASP A 56 -3.25 13.19 -3.61
C ASP A 56 -2.34 12.00 -3.41
N TYR A 57 -2.89 10.94 -2.84
CA TYR A 57 -2.12 9.74 -2.56
C TYR A 57 -2.52 8.62 -3.51
N VAL A 58 -1.60 7.69 -3.71
CA VAL A 58 -1.88 6.44 -4.39
C VAL A 58 -1.24 5.31 -3.62
N LEU A 59 -1.76 4.12 -3.77
CA LEU A 59 -1.22 2.97 -3.08
C LEU A 59 -0.39 2.13 -4.04
N LEU A 60 0.65 1.53 -3.51
CA LEU A 60 1.54 0.68 -4.29
C LEU A 60 1.31 -0.79 -3.94
N GLU A 61 1.02 -1.61 -4.94
CA GLU A 61 0.98 -3.04 -4.73
C GLU A 61 2.40 -3.60 -4.93
N GLU A 62 3.20 -3.51 -3.89
CA GLU A 62 4.51 -4.05 -3.93
C GLU A 62 4.48 -5.50 -3.51
N VAL A 63 4.98 -6.37 -4.37
CA VAL A 63 5.03 -7.79 -4.06
C VAL A 63 6.46 -8.31 -4.07
N VAL A 64 6.90 -8.80 -2.92
CA VAL A 64 8.23 -9.38 -2.80
C VAL A 64 8.25 -10.80 -3.34
N LYS A 65 8.90 -10.98 -4.47
CA LYS A 65 9.10 -12.32 -5.00
C LYS A 65 10.42 -12.85 -4.46
N ASP A 66 10.32 -13.55 -3.35
CA ASP A 66 11.48 -14.05 -2.63
C ASP A 66 12.17 -15.18 -3.38
N THR A 67 13.46 -15.32 -3.16
CA THR A 67 14.28 -16.29 -3.87
C THR A 67 14.91 -17.29 -2.91
N THR A 68 15.12 -18.51 -3.39
CA THR A 68 15.74 -19.56 -2.60
C THR A 68 17.25 -19.34 -2.51
N ASN A 69 17.73 -18.35 -3.25
CA ASN A 69 19.17 -18.04 -3.31
C ASN A 69 19.64 -17.29 -2.09
N LYS A 70 18.73 -17.02 -1.16
CA LYS A 70 19.02 -16.14 -0.04
C LYS A 70 20.30 -16.51 0.71
N LYS A 71 21.37 -15.81 0.39
CA LYS A 71 22.66 -15.95 1.06
C LYS A 71 23.34 -14.61 1.02
N THR A 72 23.60 -14.14 -0.19
CA THR A 72 24.07 -12.80 -0.42
C THR A 72 22.96 -12.01 -1.13
N THR A 73 22.14 -12.76 -1.86
CA THR A 73 21.01 -12.19 -2.57
C THR A 73 19.81 -12.06 -1.64
N THR A 74 19.31 -10.85 -1.49
CA THR A 74 18.17 -10.58 -0.64
C THR A 74 16.87 -10.68 -1.43
N PRO A 75 15.73 -10.88 -0.74
CA PRO A 75 14.41 -10.92 -1.38
C PRO A 75 14.12 -9.68 -2.17
N LYS A 76 13.38 -9.88 -3.23
CA LYS A 76 13.26 -8.93 -4.27
C LYS A 76 11.84 -8.35 -4.34
N SER A 77 11.67 -7.17 -3.79
CA SER A 77 10.40 -6.48 -3.85
C SER A 77 10.13 -5.94 -5.25
N SER A 78 8.96 -6.23 -5.77
CA SER A 78 8.53 -5.68 -7.04
C SER A 78 7.39 -4.71 -6.80
N GLN A 79 7.66 -3.43 -6.92
CA GLN A 79 6.68 -2.41 -6.56
C GLN A 79 5.87 -2.00 -7.78
N ARG A 80 4.56 -1.99 -7.62
CA ARG A 80 3.67 -1.59 -8.68
C ARG A 80 2.72 -0.52 -8.14
N VAL A 81 2.23 0.37 -8.97
CA VAL A 81 1.35 1.43 -8.48
C VAL A 81 -0.10 1.17 -8.89
N LEU A 82 -1.01 1.53 -8.00
CA LEU A 82 -2.43 1.25 -8.19
C LEU A 82 -3.18 2.49 -8.65
N LEU A 83 -4.24 2.26 -9.40
CA LEU A 83 -5.17 3.31 -9.75
C LEU A 83 -6.25 3.41 -8.67
N ASP A 84 -7.27 4.24 -8.91
CA ASP A 84 -8.32 4.45 -7.92
C ASP A 84 -8.99 3.14 -7.52
N GLN A 85 -9.40 2.37 -8.51
CA GLN A 85 -10.10 1.12 -8.26
C GLN A 85 -9.30 -0.09 -8.75
N GLU A 86 -8.00 -0.06 -8.54
CA GLU A 86 -7.17 -1.20 -8.88
C GLU A 86 -7.34 -2.30 -7.83
N CYS A 87 -8.00 -1.91 -6.73
CA CYS A 87 -8.42 -2.82 -5.65
C CYS A 87 -7.24 -3.44 -4.92
N VAL A 88 -7.24 -3.31 -3.60
CA VAL A 88 -6.13 -3.75 -2.77
C VAL A 88 -6.16 -5.26 -2.62
N PHE A 89 -7.34 -5.81 -2.41
CA PHE A 89 -7.47 -7.25 -2.25
C PHE A 89 -7.25 -7.93 -3.58
N GLN A 90 -7.77 -7.31 -4.63
CA GLN A 90 -7.55 -7.78 -5.97
C GLN A 90 -6.07 -7.73 -6.31
N ALA A 91 -5.42 -6.64 -5.89
CA ALA A 91 -3.98 -6.49 -6.07
C ALA A 91 -3.23 -7.59 -5.34
N GLN A 92 -3.66 -7.86 -4.12
CA GLN A 92 -3.07 -8.89 -3.30
C GLN A 92 -3.18 -10.26 -3.96
N SER A 93 -4.26 -10.43 -4.71
CA SER A 93 -4.53 -11.68 -5.43
C SER A 93 -3.67 -11.78 -6.69
N LYS A 94 -3.06 -10.66 -7.10
CA LYS A 94 -2.19 -10.64 -8.27
C LYS A 94 -0.79 -11.06 -7.89
N TRP A 95 -0.52 -10.99 -6.60
CA TRP A 95 0.82 -11.15 -6.07
C TRP A 95 1.42 -12.52 -6.34
N LYS A 96 2.72 -12.50 -6.55
CA LYS A 96 3.49 -13.69 -6.86
C LYS A 96 4.47 -13.92 -5.72
N GLY A 97 4.09 -13.40 -4.57
CA GLY A 97 4.92 -13.41 -3.39
C GLY A 97 4.27 -12.65 -2.27
N ALA A 98 4.99 -12.43 -1.19
CA ALA A 98 4.44 -11.70 -0.05
C ALA A 98 4.94 -10.28 -0.05
N GLY A 99 4.08 -9.33 -0.35
CA GLY A 99 4.50 -7.95 -0.42
C GLY A 99 3.83 -7.09 0.62
N LYS A 100 3.67 -5.82 0.29
CA LYS A 100 3.07 -4.84 1.18
C LYS A 100 2.39 -3.79 0.34
N PHE A 101 1.33 -3.20 0.86
CA PHE A 101 0.78 -2.03 0.22
C PHE A 101 1.41 -0.77 0.81
N ILE A 102 2.01 0.06 -0.05
CA ILE A 102 2.73 1.24 0.39
C ILE A 102 2.00 2.53 -0.02
N LEU A 103 1.80 3.42 0.94
CA LEU A 103 1.21 4.73 0.66
C LEU A 103 2.24 5.67 0.04
N LYS A 104 1.86 6.31 -1.06
CA LYS A 104 2.70 7.29 -1.71
C LYS A 104 1.81 8.38 -2.30
N LEU A 105 2.39 9.35 -2.99
CA LEU A 105 1.60 10.42 -3.58
C LEU A 105 1.53 10.23 -5.08
N LYS A 106 0.34 10.39 -5.62
CA LYS A 106 0.11 10.19 -7.04
C LYS A 106 0.77 11.28 -7.88
N GLU A 107 0.85 12.48 -7.31
CA GLU A 107 1.51 13.59 -7.98
C GLU A 107 3.03 13.44 -7.94
N GLN A 108 3.50 12.56 -7.06
CA GLN A 108 4.92 12.25 -6.99
C GLN A 108 5.19 11.01 -7.83
N VAL A 109 4.14 10.23 -8.00
CA VAL A 109 4.17 9.06 -8.85
C VAL A 109 3.85 9.47 -10.30
N GLN A 110 3.79 10.78 -10.53
CA GLN A 110 3.67 11.31 -11.89
C GLN A 110 5.01 11.21 -12.59
N ALA A 111 5.59 10.02 -12.57
CA ALA A 111 6.90 9.77 -13.14
C ALA A 111 6.84 9.70 -14.66
N SER A 112 5.62 9.66 -15.20
CA SER A 112 5.43 9.57 -16.64
C SER A 112 4.48 10.67 -17.12
N ARG A 113 3.49 11.00 -16.31
CA ARG A 113 2.52 12.01 -16.67
C ARG A 113 2.80 13.32 -15.94
N GLU A 114 3.25 14.32 -16.67
CA GLU A 114 3.33 15.67 -16.14
C GLU A 114 2.11 16.44 -16.63
N ASP A 115 2.13 16.77 -17.92
CA ASP A 115 0.98 17.36 -18.59
C ASP A 115 1.32 17.51 -20.08
N LYS A 116 0.61 18.38 -20.78
CA LYS A 116 0.77 18.51 -22.23
C LYS A 116 0.76 19.98 -22.65
N SER A 1 -21.97 -13.59 13.34
CA SER A 1 -21.61 -12.52 14.31
C SER A 1 -20.44 -11.68 13.78
N SER A 2 -20.33 -11.64 12.46
CA SER A 2 -19.27 -10.92 11.77
C SER A 2 -19.49 -11.12 10.28
N GLU A 3 -20.44 -10.38 9.74
CA GLU A 3 -20.92 -10.63 8.39
C GLU A 3 -20.15 -9.76 7.41
N GLU A 4 -19.43 -8.81 7.96
CA GLU A 4 -18.56 -7.95 7.17
C GLU A 4 -17.22 -8.66 6.98
N GLU A 5 -16.56 -8.41 5.86
CA GLU A 5 -15.34 -9.14 5.54
C GLU A 5 -14.16 -8.20 5.34
N SER A 6 -13.18 -8.33 6.21
CA SER A 6 -11.97 -7.56 6.11
C SER A 6 -10.75 -8.46 6.01
N PHE A 7 -9.82 -8.07 5.16
CA PHE A 7 -8.61 -8.81 4.93
C PHE A 7 -7.43 -8.08 5.57
N PHE A 8 -6.45 -8.81 6.04
CA PHE A 8 -5.32 -8.20 6.73
C PHE A 8 -4.33 -7.60 5.72
N VAL A 9 -3.93 -6.37 5.95
CA VAL A 9 -2.96 -5.72 5.09
C VAL A 9 -1.76 -5.26 5.89
N GLN A 10 -0.59 -5.38 5.30
CA GLN A 10 0.59 -4.76 5.83
C GLN A 10 1.00 -3.65 4.88
N VAL A 11 0.78 -2.40 5.29
CA VAL A 11 1.05 -1.26 4.43
C VAL A 11 2.04 -0.33 5.12
N HIS A 12 2.97 0.22 4.37
CA HIS A 12 3.90 1.16 4.95
C HIS A 12 3.35 2.57 4.85
N ASP A 13 3.19 3.24 5.97
CA ASP A 13 2.81 4.64 5.97
C ASP A 13 4.03 5.47 6.37
N VAL A 14 3.92 6.79 6.27
CA VAL A 14 5.09 7.65 6.44
C VAL A 14 5.29 8.03 7.91
N SER A 15 5.07 7.08 8.81
CA SER A 15 5.27 7.32 10.24
C SER A 15 6.40 6.46 10.79
N PRO A 16 7.07 6.93 11.84
CA PRO A 16 8.17 6.22 12.48
C PRO A 16 7.73 5.39 13.68
N GLU A 17 6.49 5.59 14.12
CA GLU A 17 5.95 4.85 15.25
C GLU A 17 5.61 3.44 14.83
N GLN A 18 5.35 3.26 13.54
CA GLN A 18 5.11 1.95 12.99
C GLN A 18 5.58 1.92 11.55
N PRO A 19 6.82 1.46 11.30
CA PRO A 19 7.39 1.42 9.95
C PRO A 19 6.53 0.60 8.99
N LEU A 20 6.09 -0.56 9.45
CA LEU A 20 5.14 -1.35 8.71
C LEU A 20 3.78 -1.28 9.38
N THR A 21 2.92 -0.44 8.85
CA THR A 21 1.59 -0.24 9.38
C THR A 21 0.69 -1.45 9.06
N VAL A 22 0.37 -2.24 10.06
CA VAL A 22 -0.46 -3.41 9.84
C VAL A 22 -1.92 -3.08 10.14
N ILE A 23 -2.78 -3.28 9.15
CA ILE A 23 -4.18 -2.96 9.29
C ILE A 23 -5.04 -4.14 8.85
N LYS A 24 -6.34 -4.00 9.02
CA LYS A 24 -7.28 -4.96 8.49
C LYS A 24 -8.39 -4.20 7.78
N ALA A 25 -8.24 -4.09 6.46
CA ALA A 25 -9.17 -3.33 5.63
C ALA A 25 -10.12 -4.27 4.95
N PRO A 26 -11.28 -3.78 4.52
CA PRO A 26 -12.30 -4.62 3.96
C PRO A 26 -11.82 -5.32 2.69
N ARG A 27 -12.23 -6.59 2.51
CA ARG A 27 -11.81 -7.37 1.32
C ARG A 27 -12.32 -6.71 0.03
N VAL A 28 -13.04 -5.61 0.22
CA VAL A 28 -13.61 -4.82 -0.85
C VAL A 28 -12.87 -3.50 -0.99
N SER A 29 -12.19 -3.07 0.07
CA SER A 29 -11.42 -1.83 0.04
C SER A 29 -10.41 -1.87 -1.10
N THR A 30 -10.42 -0.84 -1.93
CA THR A 30 -9.44 -0.75 -2.97
C THR A 30 -8.31 0.13 -2.48
N ALA A 31 -7.43 0.57 -3.38
CA ALA A 31 -6.29 1.36 -2.99
C ALA A 31 -6.72 2.63 -2.28
N GLN A 32 -7.64 3.37 -2.89
CA GLN A 32 -8.09 4.63 -2.33
C GLN A 32 -8.74 4.42 -0.94
N ASP A 33 -9.36 3.26 -0.74
CA ASP A 33 -10.05 2.99 0.51
C ASP A 33 -9.04 2.74 1.62
N VAL A 34 -8.16 1.81 1.32
CA VAL A 34 -7.12 1.41 2.21
C VAL A 34 -6.14 2.55 2.43
N ILE A 35 -6.02 3.42 1.44
CA ILE A 35 -5.28 4.66 1.55
C ILE A 35 -5.83 5.49 2.71
N GLN A 36 -7.13 5.78 2.67
CA GLN A 36 -7.78 6.61 3.69
C GLN A 36 -7.85 5.88 5.02
N GLN A 37 -8.01 4.57 5.01
CA GLN A 37 -7.98 3.81 6.24
C GLN A 37 -6.62 3.95 6.92
N THR A 38 -5.57 4.02 6.11
CA THR A 38 -4.24 4.27 6.63
C THR A 38 -4.14 5.70 7.13
N LEU A 39 -4.80 6.62 6.42
CA LEU A 39 -4.94 8.01 6.90
C LEU A 39 -5.53 8.02 8.30
N CYS A 40 -6.55 7.21 8.50
CA CYS A 40 -7.24 7.12 9.78
C CYS A 40 -6.32 6.62 10.88
N LYS A 41 -5.42 5.71 10.54
CA LYS A 41 -4.46 5.18 11.51
C LYS A 41 -3.25 6.11 11.68
N ALA A 42 -3.11 7.09 10.79
CA ALA A 42 -1.95 7.98 10.83
C ALA A 42 -2.34 9.43 11.07
N LYS A 43 -3.56 9.65 11.57
CA LYS A 43 -4.03 11.01 11.83
C LYS A 43 -3.37 11.64 13.05
N TYR A 44 -2.32 10.98 13.56
CA TYR A 44 -1.44 11.59 14.55
C TYR A 44 -0.15 10.76 14.71
N SER A 45 0.00 9.73 13.89
CA SER A 45 1.13 8.80 14.01
C SER A 45 2.46 9.54 13.79
N TYR A 46 2.69 9.98 12.56
CA TYR A 46 3.77 10.92 12.28
C TYR A 46 3.19 12.33 12.38
N SER A 47 2.05 12.38 13.07
CA SER A 47 1.24 13.58 13.17
C SER A 47 0.84 14.08 11.77
N ILE A 48 0.30 13.16 10.98
CA ILE A 48 -0.21 13.51 9.66
C ILE A 48 -1.61 14.09 9.80
N LEU A 49 -1.68 15.28 10.39
CA LEU A 49 -2.95 15.97 10.55
C LEU A 49 -3.04 17.10 9.53
N SER A 50 -1.94 17.32 8.82
CA SER A 50 -1.87 18.37 7.83
C SER A 50 -2.58 17.95 6.54
N ASN A 51 -2.68 16.64 6.32
CA ASN A 51 -3.33 16.11 5.14
C ASN A 51 -4.48 15.19 5.52
N PRO A 52 -5.72 15.69 5.45
CA PRO A 52 -6.92 14.91 5.70
C PRO A 52 -7.62 14.46 4.43
N ASN A 53 -6.96 14.57 3.29
CA ASN A 53 -7.58 14.21 2.02
C ASN A 53 -6.69 13.29 1.20
N PRO A 54 -7.15 12.06 0.97
CA PRO A 54 -6.38 11.03 0.28
C PRO A 54 -6.40 11.19 -1.23
N SER A 55 -6.94 12.31 -1.67
CA SER A 55 -7.08 12.62 -3.09
C SER A 55 -5.74 12.97 -3.73
N ASP A 56 -4.69 13.03 -2.92
CA ASP A 56 -3.35 13.28 -3.42
C ASP A 56 -2.52 12.02 -3.35
N TYR A 57 -3.10 10.95 -2.81
CA TYR A 57 -2.37 9.73 -2.52
C TYR A 57 -2.66 8.65 -3.54
N VAL A 58 -1.65 7.83 -3.81
CA VAL A 58 -1.83 6.57 -4.51
C VAL A 58 -1.03 5.49 -3.82
N LEU A 59 -1.49 4.26 -3.92
CA LEU A 59 -0.87 3.17 -3.20
C LEU A 59 -0.03 2.31 -4.12
N LEU A 60 1.05 1.75 -3.58
CA LEU A 60 1.91 0.84 -4.32
C LEU A 60 1.64 -0.59 -3.90
N GLU A 61 1.33 -1.45 -4.86
CA GLU A 61 1.24 -2.87 -4.56
C GLU A 61 2.63 -3.48 -4.76
N GLU A 62 3.44 -3.46 -3.72
CA GLU A 62 4.71 -4.10 -3.78
C GLU A 62 4.56 -5.56 -3.40
N VAL A 63 5.00 -6.44 -4.27
CA VAL A 63 4.99 -7.86 -4.00
C VAL A 63 6.42 -8.40 -4.02
N VAL A 64 6.89 -8.84 -2.87
CA VAL A 64 8.22 -9.41 -2.76
C VAL A 64 8.24 -10.84 -3.29
N LYS A 65 8.89 -11.02 -4.42
CA LYS A 65 9.13 -12.36 -4.94
C LYS A 65 10.55 -12.78 -4.57
N ASP A 66 10.68 -13.41 -3.42
CA ASP A 66 11.99 -13.76 -2.91
C ASP A 66 12.25 -15.25 -3.08
N THR A 67 13.48 -15.65 -2.82
CA THR A 67 13.85 -17.03 -2.81
C THR A 67 14.90 -17.25 -1.72
N THR A 68 14.54 -18.07 -0.75
CA THR A 68 15.40 -18.30 0.40
C THR A 68 16.37 -19.45 0.11
N ASN A 69 16.15 -20.10 -1.02
CA ASN A 69 16.97 -21.24 -1.41
C ASN A 69 17.99 -20.81 -2.45
N LYS A 70 17.48 -20.30 -3.58
CA LYS A 70 18.32 -19.93 -4.69
C LYS A 70 18.92 -18.56 -4.47
N LYS A 71 20.01 -18.49 -3.72
CA LYS A 71 20.59 -17.21 -3.33
C LYS A 71 21.46 -16.64 -4.45
N THR A 72 21.28 -17.15 -5.66
CA THR A 72 21.90 -16.55 -6.84
C THR A 72 21.31 -15.16 -7.08
N THR A 73 20.15 -14.93 -6.48
CA THR A 73 19.51 -13.63 -6.53
C THR A 73 19.04 -13.26 -5.13
N THR A 74 18.99 -11.97 -4.87
CA THR A 74 18.46 -11.45 -3.62
C THR A 74 16.94 -11.39 -3.67
N PRO A 75 16.27 -11.28 -2.51
CA PRO A 75 14.82 -11.09 -2.49
C PRO A 75 14.41 -9.86 -3.27
N LYS A 76 13.51 -10.05 -4.20
CA LYS A 76 13.16 -9.01 -5.14
C LYS A 76 11.78 -8.44 -4.88
N SER A 77 11.75 -7.29 -4.21
CA SER A 77 10.52 -6.58 -3.97
C SER A 77 10.04 -5.93 -5.26
N SER A 78 9.04 -6.54 -5.87
CA SER A 78 8.49 -6.02 -7.10
C SER A 78 7.42 -5.00 -6.79
N GLN A 79 7.78 -3.73 -6.90
CA GLN A 79 6.85 -2.68 -6.54
C GLN A 79 6.09 -2.21 -7.75
N ARG A 80 4.77 -2.15 -7.62
CA ARG A 80 3.89 -1.74 -8.70
C ARG A 80 3.02 -0.60 -8.18
N VAL A 81 2.65 0.33 -9.03
CA VAL A 81 1.80 1.42 -8.57
C VAL A 81 0.36 1.18 -9.01
N LEU A 82 -0.56 1.55 -8.14
CA LEU A 82 -1.98 1.32 -8.37
C LEU A 82 -2.67 2.56 -8.92
N LEU A 83 -3.84 2.32 -9.47
CA LEU A 83 -4.75 3.39 -9.78
C LEU A 83 -5.56 3.70 -8.53
N ASP A 84 -6.38 4.71 -8.55
CA ASP A 84 -7.18 5.07 -7.38
C ASP A 84 -8.00 3.86 -6.92
N GLN A 85 -8.61 3.16 -7.86
CA GLN A 85 -9.36 1.97 -7.54
C GLN A 85 -8.81 0.76 -8.28
N GLU A 86 -7.50 0.51 -8.16
CA GLU A 86 -6.92 -0.70 -8.73
C GLU A 86 -7.27 -1.92 -7.88
N CYS A 87 -7.95 -1.66 -6.76
CA CYS A 87 -8.37 -2.70 -5.83
C CYS A 87 -7.17 -3.39 -5.19
N VAL A 88 -6.90 -3.09 -3.93
CA VAL A 88 -5.75 -3.66 -3.23
C VAL A 88 -5.98 -5.10 -2.86
N PHE A 89 -7.23 -5.49 -2.68
CA PHE A 89 -7.53 -6.89 -2.43
C PHE A 89 -7.31 -7.66 -3.72
N GLN A 90 -7.68 -7.04 -4.83
CA GLN A 90 -7.45 -7.61 -6.14
C GLN A 90 -5.95 -7.71 -6.38
N ALA A 91 -5.25 -6.62 -6.10
CA ALA A 91 -3.81 -6.56 -6.20
C ALA A 91 -3.16 -7.67 -5.39
N GLN A 92 -3.58 -7.79 -4.14
CA GLN A 92 -3.03 -8.78 -3.25
C GLN A 92 -3.34 -10.20 -3.71
N SER A 93 -4.52 -10.42 -4.27
CA SER A 93 -4.87 -11.72 -4.83
C SER A 93 -4.16 -11.94 -6.17
N LYS A 94 -3.57 -10.87 -6.67
CA LYS A 94 -2.87 -10.86 -7.93
C LYS A 94 -1.36 -10.93 -7.70
N TRP A 95 -0.97 -10.98 -6.43
CA TRP A 95 0.42 -11.14 -6.06
C TRP A 95 0.91 -12.55 -6.23
N LYS A 96 2.22 -12.64 -6.35
CA LYS A 96 2.89 -13.91 -6.54
C LYS A 96 3.98 -14.06 -5.49
N GLY A 97 3.71 -13.45 -4.34
CA GLY A 97 4.63 -13.50 -3.22
C GLY A 97 4.03 -12.83 -2.01
N ALA A 98 4.88 -12.31 -1.13
CA ALA A 98 4.41 -11.60 0.03
C ALA A 98 4.96 -10.18 0.04
N GLY A 99 4.10 -9.23 -0.29
CA GLY A 99 4.55 -7.86 -0.35
C GLY A 99 3.91 -6.97 0.69
N LYS A 100 3.85 -5.69 0.37
CA LYS A 100 3.30 -4.67 1.26
C LYS A 100 2.73 -3.52 0.43
N PHE A 101 1.56 -3.02 0.81
CA PHE A 101 1.03 -1.85 0.16
C PHE A 101 1.67 -0.59 0.72
N ILE A 102 2.34 0.16 -0.12
CA ILE A 102 3.13 1.30 0.34
C ILE A 102 2.50 2.63 -0.08
N LEU A 103 2.16 3.44 0.91
CA LEU A 103 1.49 4.72 0.66
C LEU A 103 2.44 5.73 0.02
N LYS A 104 2.00 6.31 -1.09
CA LYS A 104 2.75 7.36 -1.76
C LYS A 104 1.77 8.38 -2.35
N LEU A 105 2.27 9.39 -3.03
CA LEU A 105 1.40 10.40 -3.61
C LEU A 105 1.34 10.30 -5.11
N LYS A 106 0.19 10.68 -5.64
CA LYS A 106 -0.08 10.65 -7.07
C LYS A 106 0.38 11.96 -7.72
N GLU A 107 0.67 12.92 -6.86
CA GLU A 107 1.33 14.14 -7.29
C GLU A 107 2.83 13.88 -7.43
N GLN A 108 3.24 12.68 -7.03
CA GLN A 108 4.60 12.21 -7.23
C GLN A 108 4.57 11.17 -8.33
N VAL A 109 3.68 10.21 -8.15
CA VAL A 109 3.44 9.18 -9.13
C VAL A 109 2.46 9.69 -10.19
N GLN A 110 3.00 10.27 -11.25
CA GLN A 110 2.19 10.87 -12.29
C GLN A 110 2.67 10.41 -13.67
N ALA A 111 2.93 9.10 -13.78
CA ALA A 111 3.47 8.48 -15.00
C ALA A 111 4.91 8.91 -15.29
N SER A 112 5.37 9.94 -14.56
CA SER A 112 6.73 10.49 -14.67
C SER A 112 7.06 10.97 -16.08
N ARG A 113 8.23 11.57 -16.22
CA ARG A 113 8.69 12.05 -17.51
C ARG A 113 9.83 11.17 -17.98
N GLU A 114 10.48 10.54 -17.01
CA GLU A 114 11.63 9.69 -17.26
C GLU A 114 11.22 8.39 -17.94
N ASP A 115 10.00 7.94 -17.65
CA ASP A 115 9.48 6.70 -18.21
C ASP A 115 9.38 6.78 -19.73
N LYS A 116 10.20 5.96 -20.40
CA LYS A 116 10.22 5.94 -21.86
C LYS A 116 9.20 4.93 -22.39
N SER A 1 -20.24 -12.76 0.94
CA SER A 1 -19.15 -13.74 0.83
C SER A 1 -17.88 -13.20 1.49
N SER A 2 -17.42 -12.03 1.05
CA SER A 2 -16.22 -11.43 1.62
C SER A 2 -16.38 -9.93 1.79
N GLU A 3 -17.56 -9.44 1.51
CA GLU A 3 -17.88 -8.04 1.65
C GLU A 3 -18.29 -7.75 3.09
N GLU A 4 -18.51 -8.82 3.85
CA GLU A 4 -18.89 -8.71 5.25
C GLU A 4 -17.68 -8.98 6.13
N GLU A 5 -16.55 -9.13 5.47
CA GLU A 5 -15.32 -9.51 6.13
C GLU A 5 -14.20 -8.56 5.72
N SER A 6 -13.28 -8.32 6.64
CA SER A 6 -12.13 -7.49 6.36
C SER A 6 -10.86 -8.34 6.38
N PHE A 7 -9.95 -8.02 5.49
CA PHE A 7 -8.72 -8.77 5.34
C PHE A 7 -7.57 -7.99 5.95
N PHE A 8 -6.54 -8.67 6.38
CA PHE A 8 -5.42 -8.01 7.03
C PHE A 8 -4.45 -7.46 5.99
N VAL A 9 -3.96 -6.25 6.21
CA VAL A 9 -2.97 -5.68 5.31
C VAL A 9 -1.78 -5.18 6.11
N GLN A 10 -0.60 -5.40 5.59
CA GLN A 10 0.56 -4.71 6.09
C GLN A 10 0.98 -3.68 5.04
N VAL A 11 0.72 -2.41 5.33
CA VAL A 11 1.11 -1.37 4.41
C VAL A 11 2.14 -0.47 5.07
N HIS A 12 3.20 -0.15 4.37
CA HIS A 12 4.25 0.67 4.94
C HIS A 12 3.95 2.14 4.71
N ASP A 13 4.34 2.98 5.65
CA ASP A 13 4.13 4.41 5.55
C ASP A 13 5.42 5.07 5.05
N VAL A 14 5.48 6.38 5.14
CA VAL A 14 6.68 7.13 4.78
C VAL A 14 7.34 7.64 6.05
N SER A 15 6.57 7.61 7.13
CA SER A 15 7.01 8.15 8.41
C SER A 15 7.59 7.06 9.31
N PRO A 16 8.52 7.43 10.21
CA PRO A 16 9.08 6.51 11.20
C PRO A 16 8.08 6.17 12.29
N GLU A 17 8.53 5.41 13.31
CA GLU A 17 7.68 4.94 14.40
C GLU A 17 6.74 3.83 13.92
N GLN A 18 6.17 4.03 12.74
CA GLN A 18 5.33 3.03 12.11
C GLN A 18 5.87 2.67 10.72
N PRO A 19 7.02 1.94 10.67
CA PRO A 19 7.63 1.55 9.40
C PRO A 19 6.72 0.61 8.63
N LEU A 20 6.08 -0.28 9.37
CA LEU A 20 5.09 -1.18 8.82
C LEU A 20 3.76 -0.94 9.53
N THR A 21 2.79 -0.45 8.79
CA THR A 21 1.47 -0.22 9.35
C THR A 21 0.59 -1.44 9.13
N VAL A 22 0.27 -2.16 10.20
CA VAL A 22 -0.60 -3.32 10.10
C VAL A 22 -2.05 -2.92 10.32
N ILE A 23 -2.84 -3.03 9.28
CA ILE A 23 -4.24 -2.67 9.33
C ILE A 23 -5.12 -3.85 8.97
N LYS A 24 -6.41 -3.69 9.16
CA LYS A 24 -7.37 -4.68 8.70
C LYS A 24 -8.44 -3.96 7.90
N ALA A 25 -8.27 -3.96 6.60
CA ALA A 25 -9.15 -3.24 5.69
C ALA A 25 -10.07 -4.22 5.01
N PRO A 26 -11.17 -3.74 4.44
CA PRO A 26 -12.20 -4.61 3.92
C PRO A 26 -11.70 -5.41 2.74
N ARG A 27 -12.14 -6.67 2.63
CA ARG A 27 -11.73 -7.55 1.55
C ARG A 27 -12.18 -6.99 0.19
N VAL A 28 -12.88 -5.87 0.24
CA VAL A 28 -13.36 -5.19 -0.95
C VAL A 28 -12.75 -3.78 -1.04
N SER A 29 -11.93 -3.41 -0.07
CA SER A 29 -11.23 -2.14 -0.11
C SER A 29 -10.35 -2.04 -1.35
N THR A 30 -10.34 -0.89 -1.97
CA THR A 30 -9.38 -0.62 -3.02
C THR A 30 -8.33 0.35 -2.51
N ALA A 31 -7.37 0.68 -3.35
CA ALA A 31 -6.26 1.51 -2.95
C ALA A 31 -6.73 2.79 -2.28
N GLN A 32 -7.68 3.48 -2.88
CA GLN A 32 -8.18 4.72 -2.32
C GLN A 32 -8.78 4.50 -0.93
N ASP A 33 -9.36 3.31 -0.70
CA ASP A 33 -10.00 3.04 0.58
C ASP A 33 -8.96 2.84 1.65
N VAL A 34 -8.07 1.94 1.35
CA VAL A 34 -6.98 1.57 2.23
C VAL A 34 -6.04 2.77 2.42
N ILE A 35 -6.02 3.63 1.40
CA ILE A 35 -5.39 4.94 1.50
C ILE A 35 -6.00 5.74 2.64
N GLN A 36 -7.33 5.89 2.59
CA GLN A 36 -8.05 6.70 3.56
C GLN A 36 -8.01 6.06 4.93
N GLN A 37 -8.02 4.73 5.00
CA GLN A 37 -7.95 4.04 6.29
C GLN A 37 -6.62 4.28 6.98
N THR A 38 -5.52 4.10 6.25
CA THR A 38 -4.19 4.34 6.78
C THR A 38 -4.03 5.82 7.14
N LEU A 39 -4.57 6.67 6.29
CA LEU A 39 -4.53 8.09 6.44
C LEU A 39 -5.30 8.53 7.69
N CYS A 40 -6.45 7.93 7.85
CA CYS A 40 -7.35 8.21 8.95
C CYS A 40 -6.70 7.86 10.28
N LYS A 41 -5.88 6.81 10.28
CA LYS A 41 -5.14 6.42 11.46
C LYS A 41 -3.99 7.39 11.70
N ALA A 42 -3.29 7.72 10.62
CA ALA A 42 -2.12 8.60 10.68
C ALA A 42 -2.49 10.03 11.01
N LYS A 43 -3.78 10.33 11.05
CA LYS A 43 -4.24 11.67 11.43
C LYS A 43 -3.94 11.92 12.90
N TYR A 44 -3.56 10.86 13.61
CA TYR A 44 -3.09 10.96 15.00
C TYR A 44 -1.93 10.00 15.23
N SER A 45 -1.87 8.93 14.42
CA SER A 45 -0.78 7.96 14.51
C SER A 45 0.53 8.63 14.10
N TYR A 46 1.46 8.72 15.06
CA TYR A 46 2.72 9.45 14.85
C TYR A 46 2.41 10.94 14.69
N SER A 47 1.12 11.24 14.84
CA SER A 47 0.55 12.56 14.61
C SER A 47 1.05 13.17 13.31
N ILE A 48 0.62 12.59 12.20
CA ILE A 48 0.90 13.14 10.88
C ILE A 48 -0.01 14.34 10.63
N LEU A 49 -1.31 14.06 10.50
CA LEU A 49 -2.35 15.08 10.31
C LEU A 49 -2.25 15.82 8.97
N SER A 50 -1.04 16.25 8.61
CA SER A 50 -0.80 16.99 7.39
C SER A 50 -1.33 16.24 6.17
N ASN A 51 -2.08 16.95 5.34
CA ASN A 51 -2.72 16.36 4.15
C ASN A 51 -3.59 15.17 4.53
N PRO A 52 -4.74 15.43 5.17
CA PRO A 52 -5.69 14.39 5.55
C PRO A 52 -6.63 14.03 4.40
N ASN A 53 -6.35 14.60 3.24
CA ASN A 53 -7.14 14.37 2.04
C ASN A 53 -6.58 13.18 1.25
N PRO A 54 -7.38 12.12 1.11
CA PRO A 54 -6.92 10.85 0.54
C PRO A 54 -7.00 10.82 -0.98
N SER A 55 -7.41 11.93 -1.55
CA SER A 55 -7.61 12.02 -2.99
C SER A 55 -6.31 12.37 -3.70
N ASP A 56 -5.27 12.56 -2.90
CA ASP A 56 -4.00 13.02 -3.42
C ASP A 56 -2.91 12.01 -3.12
N TYR A 57 -3.33 10.84 -2.65
CA TYR A 57 -2.40 9.76 -2.33
C TYR A 57 -2.64 8.57 -3.27
N VAL A 58 -1.69 7.65 -3.27
CA VAL A 58 -1.85 6.38 -3.96
C VAL A 58 -1.18 5.28 -3.16
N LEU A 59 -1.39 4.05 -3.57
CA LEU A 59 -0.84 2.93 -2.85
C LEU A 59 0.00 2.08 -3.79
N LEU A 60 1.07 1.51 -3.25
CA LEU A 60 1.96 0.67 -4.03
C LEU A 60 1.63 -0.79 -3.79
N GLU A 61 1.48 -1.55 -4.86
CA GLU A 61 1.35 -2.97 -4.74
C GLU A 61 2.73 -3.61 -4.94
N GLU A 62 3.49 -3.68 -3.88
CA GLU A 62 4.76 -4.33 -3.95
C GLU A 62 4.56 -5.81 -3.70
N VAL A 63 5.01 -6.61 -4.63
CA VAL A 63 4.99 -8.06 -4.45
C VAL A 63 6.42 -8.57 -4.40
N VAL A 64 6.82 -9.01 -3.22
CA VAL A 64 8.19 -9.47 -3.00
C VAL A 64 8.36 -10.90 -3.48
N LYS A 65 9.16 -11.08 -4.52
CA LYS A 65 9.50 -12.41 -4.98
C LYS A 65 10.86 -12.81 -4.43
N ASP A 66 10.95 -12.83 -3.10
CA ASP A 66 12.18 -13.21 -2.44
C ASP A 66 12.44 -14.69 -2.62
N THR A 67 13.66 -15.02 -2.97
CA THR A 67 14.03 -16.40 -3.20
C THR A 67 15.45 -16.65 -2.72
N THR A 68 15.61 -17.69 -1.92
CA THR A 68 16.90 -18.06 -1.38
C THR A 68 17.17 -19.54 -1.64
N ASN A 69 16.30 -20.16 -2.43
CA ASN A 69 16.40 -21.59 -2.69
C ASN A 69 17.54 -21.88 -3.64
N LYS A 70 17.55 -21.17 -4.76
CA LYS A 70 18.55 -21.39 -5.78
C LYS A 70 19.89 -20.85 -5.32
N LYS A 71 20.03 -19.53 -5.44
CA LYS A 71 21.18 -18.80 -4.96
C LYS A 71 21.02 -17.33 -5.32
N THR A 72 20.70 -16.52 -4.33
CA THR A 72 20.43 -15.12 -4.58
C THR A 72 21.06 -14.23 -3.52
N THR A 73 21.84 -13.26 -3.97
CA THR A 73 22.52 -12.33 -3.09
C THR A 73 21.54 -11.49 -2.29
N THR A 74 20.60 -10.86 -2.98
CA THR A 74 19.57 -10.06 -2.33
C THR A 74 18.19 -10.35 -2.93
N PRO A 75 17.16 -10.46 -2.08
CA PRO A 75 15.77 -10.69 -2.52
C PRO A 75 15.25 -9.60 -3.41
N LYS A 76 14.24 -9.92 -4.20
CA LYS A 76 13.71 -9.00 -5.19
C LYS A 76 12.30 -8.56 -4.84
N SER A 77 12.15 -7.30 -4.50
CA SER A 77 10.85 -6.73 -4.21
C SER A 77 10.32 -6.02 -5.45
N SER A 78 9.38 -6.66 -6.13
CA SER A 78 8.78 -6.08 -7.32
C SER A 78 7.70 -5.09 -6.94
N GLN A 79 8.03 -3.81 -6.95
CA GLN A 79 7.11 -2.79 -6.50
C GLN A 79 6.34 -2.21 -7.68
N ARG A 80 5.04 -2.11 -7.54
CA ARG A 80 4.18 -1.56 -8.58
C ARG A 80 3.29 -0.49 -7.96
N VAL A 81 2.72 0.41 -8.75
CA VAL A 81 1.94 1.50 -8.19
C VAL A 81 0.49 1.44 -8.67
N LEU A 82 -0.42 1.85 -7.80
CA LEU A 82 -1.85 1.90 -8.11
C LEU A 82 -2.27 3.33 -8.42
N LEU A 83 -3.52 3.51 -8.78
CA LEU A 83 -4.05 4.80 -9.20
C LEU A 83 -5.08 5.32 -8.19
N ASP A 84 -6.03 4.45 -7.85
CA ASP A 84 -7.00 4.69 -6.79
C ASP A 84 -7.97 3.52 -6.66
N GLN A 85 -8.50 3.03 -7.78
CA GLN A 85 -9.46 1.95 -7.74
C GLN A 85 -8.95 0.69 -8.43
N GLU A 86 -7.66 0.43 -8.33
CA GLU A 86 -7.10 -0.81 -8.82
C GLU A 86 -7.61 -2.01 -8.04
N CYS A 87 -8.22 -1.73 -6.87
CA CYS A 87 -8.68 -2.76 -5.96
C CYS A 87 -7.48 -3.51 -5.37
N VAL A 88 -7.15 -3.22 -4.11
CA VAL A 88 -5.96 -3.76 -3.50
C VAL A 88 -6.11 -5.23 -3.15
N PHE A 89 -7.32 -5.66 -2.83
CA PHE A 89 -7.53 -7.08 -2.54
C PHE A 89 -7.45 -7.86 -3.85
N GLN A 90 -7.98 -7.27 -4.91
CA GLN A 90 -7.86 -7.82 -6.25
C GLN A 90 -6.40 -7.82 -6.71
N ALA A 91 -5.70 -6.73 -6.45
CA ALA A 91 -4.28 -6.62 -6.75
C ALA A 91 -3.51 -7.71 -6.00
N GLN A 92 -3.87 -7.89 -4.74
CA GLN A 92 -3.22 -8.84 -3.85
C GLN A 92 -3.30 -10.27 -4.39
N SER A 93 -4.45 -10.62 -4.93
CA SER A 93 -4.69 -11.97 -5.44
C SER A 93 -3.94 -12.20 -6.77
N LYS A 94 -3.44 -11.12 -7.37
CA LYS A 94 -2.71 -11.21 -8.62
C LYS A 94 -1.24 -11.47 -8.37
N TRP A 95 -0.83 -11.24 -7.13
CA TRP A 95 0.57 -11.37 -6.75
C TRP A 95 1.10 -12.76 -6.95
N LYS A 96 2.42 -12.83 -7.06
CA LYS A 96 3.12 -14.10 -7.21
C LYS A 96 4.25 -14.15 -6.20
N GLY A 97 4.01 -13.46 -5.10
CA GLY A 97 4.94 -13.42 -4.00
C GLY A 97 4.36 -12.58 -2.88
N ALA A 98 4.83 -12.76 -1.67
CA ALA A 98 4.29 -12.02 -0.56
C ALA A 98 4.91 -10.64 -0.48
N GLY A 99 4.12 -9.64 -0.84
CA GLY A 99 4.59 -8.28 -0.81
C GLY A 99 3.94 -7.47 0.28
N LYS A 100 3.85 -6.18 0.05
CA LYS A 100 3.28 -5.25 0.99
C LYS A 100 2.65 -4.09 0.24
N PHE A 101 1.54 -3.57 0.73
CA PHE A 101 1.03 -2.33 0.19
C PHE A 101 1.77 -1.17 0.83
N ILE A 102 1.87 -0.05 0.13
CA ILE A 102 2.67 1.08 0.61
C ILE A 102 1.95 2.40 0.34
N LEU A 103 1.79 3.20 1.39
CA LEU A 103 1.13 4.49 1.26
C LEU A 103 2.06 5.49 0.60
N LYS A 104 1.55 6.24 -0.37
CA LYS A 104 2.34 7.24 -1.07
C LYS A 104 1.43 8.38 -1.53
N LEU A 105 1.99 9.41 -2.13
CA LEU A 105 1.21 10.50 -2.66
C LEU A 105 1.15 10.37 -4.18
N LYS A 106 0.01 10.62 -4.79
CA LYS A 106 -0.12 10.38 -6.23
C LYS A 106 0.39 11.56 -7.04
N GLU A 107 0.21 12.76 -6.53
CA GLU A 107 0.76 13.94 -7.18
C GLU A 107 2.29 13.95 -7.03
N GLN A 108 2.79 12.96 -6.31
CA GLN A 108 4.22 12.78 -6.11
C GLN A 108 4.70 11.60 -6.96
N VAL A 109 3.75 10.76 -7.36
CA VAL A 109 4.06 9.53 -8.07
C VAL A 109 3.74 9.65 -9.57
N GLN A 110 2.91 10.63 -9.93
CA GLN A 110 2.53 10.86 -11.33
C GLN A 110 3.72 11.33 -12.17
N ALA A 111 4.59 10.37 -12.50
CA ALA A 111 5.81 10.62 -13.27
C ALA A 111 6.82 11.44 -12.45
N SER A 112 6.35 11.94 -11.31
CA SER A 112 7.18 12.71 -10.39
C SER A 112 7.67 14.00 -11.04
N ARG A 113 6.79 14.98 -11.08
CA ARG A 113 7.14 16.31 -11.54
C ARG A 113 7.74 17.09 -10.39
N GLU A 114 8.99 17.49 -10.55
CA GLU A 114 9.75 18.17 -9.50
C GLU A 114 10.02 17.23 -8.33
N ASP A 115 10.65 17.75 -7.28
CA ASP A 115 10.90 16.96 -6.09
C ASP A 115 9.94 17.36 -4.99
N LYS A 116 9.33 16.37 -4.36
CA LYS A 116 8.34 16.63 -3.33
C LYS A 116 8.50 15.65 -2.17
N SER A 1 -18.87 -13.98 13.83
CA SER A 1 -17.80 -13.18 14.46
C SER A 1 -17.51 -11.96 13.60
N SER A 2 -16.84 -12.16 12.48
CA SER A 2 -16.68 -11.12 11.50
C SER A 2 -17.83 -11.22 10.49
N GLU A 3 -18.85 -10.41 10.72
CA GLU A 3 -20.04 -10.44 9.89
C GLU A 3 -19.79 -9.73 8.56
N GLU A 4 -18.78 -8.87 8.57
CA GLU A 4 -18.34 -8.19 7.36
C GLU A 4 -17.20 -8.97 6.73
N GLU A 5 -16.74 -8.54 5.57
CA GLU A 5 -15.62 -9.22 4.92
C GLU A 5 -14.34 -8.42 5.12
N SER A 6 -13.45 -8.98 5.92
CA SER A 6 -12.24 -8.29 6.27
C SER A 6 -11.01 -9.11 5.91
N PHE A 7 -9.96 -8.43 5.50
CA PHE A 7 -8.71 -9.05 5.18
C PHE A 7 -7.59 -8.23 5.81
N PHE A 8 -6.54 -8.91 6.21
CA PHE A 8 -5.46 -8.23 6.90
C PHE A 8 -4.48 -7.64 5.89
N VAL A 9 -4.04 -6.41 6.13
CA VAL A 9 -3.06 -5.80 5.26
C VAL A 9 -1.84 -5.39 6.05
N GLN A 10 -0.69 -5.54 5.43
CA GLN A 10 0.51 -4.94 5.92
C GLN A 10 0.90 -3.85 4.94
N VAL A 11 0.73 -2.60 5.33
CA VAL A 11 1.01 -1.48 4.45
C VAL A 11 2.03 -0.56 5.11
N HIS A 12 2.99 -0.06 4.35
CA HIS A 12 3.97 0.85 4.90
C HIS A 12 3.49 2.28 4.83
N ASP A 13 3.23 2.86 5.99
CA ASP A 13 2.94 4.29 6.07
C ASP A 13 4.24 5.04 6.31
N VAL A 14 4.20 6.36 6.25
CA VAL A 14 5.40 7.17 6.46
C VAL A 14 5.70 7.32 7.95
N SER A 15 4.69 7.05 8.79
CA SER A 15 4.87 7.14 10.23
C SER A 15 5.91 6.13 10.73
N PRO A 16 6.76 6.57 11.66
CA PRO A 16 7.87 5.76 12.18
C PRO A 16 7.46 4.89 13.35
N GLU A 17 6.23 5.08 13.82
CA GLU A 17 5.73 4.35 14.98
C GLU A 17 5.43 2.91 14.62
N GLN A 18 5.21 2.67 13.33
CA GLN A 18 4.96 1.33 12.83
C GLN A 18 5.38 1.25 11.37
N PRO A 19 6.66 0.88 11.13
CA PRO A 19 7.22 0.82 9.78
C PRO A 19 6.33 0.03 8.84
N LEU A 20 6.14 -1.25 9.13
CA LEU A 20 5.15 -2.03 8.42
C LEU A 20 3.83 -1.92 9.16
N THR A 21 3.02 -0.98 8.74
CA THR A 21 1.75 -0.72 9.38
C THR A 21 0.77 -1.85 9.11
N VAL A 22 0.48 -2.64 10.14
CA VAL A 22 -0.46 -3.76 10.00
C VAL A 22 -1.87 -3.28 10.31
N ILE A 23 -2.76 -3.41 9.34
CA ILE A 23 -4.14 -3.00 9.50
C ILE A 23 -5.09 -4.11 9.10
N LYS A 24 -6.34 -3.98 9.49
CA LYS A 24 -7.37 -4.91 9.09
C LYS A 24 -8.42 -4.16 8.28
N ALA A 25 -8.41 -4.35 6.98
CA ALA A 25 -9.26 -3.62 6.07
C ALA A 25 -10.29 -4.54 5.45
N PRO A 26 -11.29 -3.99 4.77
CA PRO A 26 -12.30 -4.78 4.11
C PRO A 26 -11.78 -5.41 2.83
N ARG A 27 -12.19 -6.66 2.57
CA ARG A 27 -11.75 -7.39 1.36
C ARG A 27 -12.24 -6.66 0.10
N VAL A 28 -13.02 -5.63 0.33
CA VAL A 28 -13.61 -4.80 -0.70
C VAL A 28 -12.86 -3.47 -0.80
N SER A 29 -12.14 -3.10 0.27
CA SER A 29 -11.35 -1.87 0.24
C SER A 29 -10.35 -1.92 -0.90
N THR A 30 -10.37 -0.90 -1.72
CA THR A 30 -9.39 -0.80 -2.78
C THR A 30 -8.24 0.07 -2.31
N ALA A 31 -7.40 0.53 -3.22
CA ALA A 31 -6.24 1.32 -2.86
C ALA A 31 -6.67 2.61 -2.17
N GLN A 32 -7.58 3.33 -2.78
CA GLN A 32 -8.05 4.60 -2.22
C GLN A 32 -8.67 4.38 -0.84
N ASP A 33 -9.30 3.23 -0.64
CA ASP A 33 -9.99 2.96 0.62
C ASP A 33 -8.99 2.77 1.72
N VAL A 34 -8.06 1.88 1.44
CA VAL A 34 -7.02 1.51 2.36
C VAL A 34 -6.04 2.67 2.55
N ILE A 35 -5.93 3.50 1.52
CA ILE A 35 -5.18 4.76 1.58
C ILE A 35 -5.74 5.64 2.70
N GLN A 36 -7.03 5.94 2.61
CA GLN A 36 -7.68 6.85 3.54
C GLN A 36 -7.76 6.23 4.95
N GLN A 37 -7.92 4.91 5.00
CA GLN A 37 -7.93 4.21 6.27
C GLN A 37 -6.61 4.43 7.01
N THR A 38 -5.51 4.37 6.26
CA THR A 38 -4.20 4.63 6.83
C THR A 38 -4.07 6.12 7.16
N LEU A 39 -4.64 6.97 6.30
CA LEU A 39 -4.71 8.40 6.57
C LEU A 39 -5.33 8.66 7.94
N CYS A 40 -6.44 7.98 8.20
CA CYS A 40 -7.20 8.17 9.42
C CYS A 40 -6.45 7.64 10.63
N LYS A 41 -5.63 6.61 10.41
CA LYS A 41 -4.87 6.01 11.50
C LYS A 41 -3.60 6.83 11.81
N ALA A 42 -3.06 7.47 10.79
CA ALA A 42 -1.82 8.22 10.94
C ALA A 42 -2.06 9.72 11.01
N LYS A 43 -3.30 10.11 11.30
CA LYS A 43 -3.67 11.53 11.39
C LYS A 43 -3.07 12.21 12.62
N TYR A 44 -1.91 11.74 13.06
CA TYR A 44 -1.21 12.28 14.22
C TYR A 44 0.09 11.51 14.45
N SER A 45 0.16 10.28 13.92
CA SER A 45 1.30 9.40 14.13
C SER A 45 2.58 10.03 13.59
N TYR A 46 2.68 10.13 12.27
CA TYR A 46 3.71 10.95 11.63
C TYR A 46 3.20 12.39 11.56
N SER A 47 2.09 12.59 12.24
CA SER A 47 1.35 13.84 12.21
C SER A 47 0.84 14.12 10.80
N ILE A 48 0.13 13.15 10.25
CA ILE A 48 -0.50 13.31 8.95
C ILE A 48 -1.82 14.08 9.13
N LEU A 49 -1.69 15.31 9.61
CA LEU A 49 -2.84 16.19 9.75
C LEU A 49 -2.81 17.24 8.65
N SER A 50 -1.61 17.49 8.14
CA SER A 50 -1.39 18.52 7.13
C SER A 50 -2.12 18.21 5.83
N ASN A 51 -2.19 16.94 5.47
CA ASN A 51 -2.88 16.53 4.26
C ASN A 51 -3.95 15.50 4.61
N PRO A 52 -5.20 15.96 4.76
CA PRO A 52 -6.30 15.10 5.15
C PRO A 52 -6.99 14.41 3.97
N ASN A 53 -6.73 14.86 2.75
CA ASN A 53 -7.40 14.29 1.60
C ASN A 53 -6.54 13.22 0.94
N PRO A 54 -7.15 12.07 0.66
CA PRO A 54 -6.45 10.94 0.08
C PRO A 54 -6.50 10.91 -1.44
N SER A 55 -7.08 11.95 -2.01
CA SER A 55 -7.24 12.04 -3.46
C SER A 55 -5.91 12.41 -4.14
N ASP A 56 -4.91 12.79 -3.33
CA ASP A 56 -3.60 13.10 -3.86
C ASP A 56 -2.67 11.91 -3.67
N TYR A 57 -3.20 10.87 -3.07
CA TYR A 57 -2.42 9.69 -2.71
C TYR A 57 -2.65 8.57 -3.70
N VAL A 58 -1.61 7.81 -3.95
CA VAL A 58 -1.76 6.53 -4.63
C VAL A 58 -1.01 5.46 -3.88
N LEU A 59 -1.55 4.27 -3.86
CA LEU A 59 -0.96 3.18 -3.13
C LEU A 59 -0.11 2.31 -4.05
N LEU A 60 1.00 1.84 -3.54
CA LEU A 60 1.87 0.93 -4.28
C LEU A 60 1.59 -0.49 -3.86
N GLU A 61 1.37 -1.37 -4.81
CA GLU A 61 1.30 -2.77 -4.52
C GLU A 61 2.69 -3.38 -4.71
N GLU A 62 3.50 -3.35 -3.67
CA GLU A 62 4.77 -3.99 -3.76
C GLU A 62 4.64 -5.45 -3.41
N VAL A 63 5.09 -6.30 -4.31
CA VAL A 63 5.09 -7.72 -4.06
C VAL A 63 6.52 -8.26 -4.08
N VAL A 64 6.98 -8.70 -2.91
CA VAL A 64 8.28 -9.31 -2.80
C VAL A 64 8.24 -10.72 -3.34
N LYS A 65 8.80 -10.93 -4.51
CA LYS A 65 8.83 -12.26 -5.09
C LYS A 65 10.26 -12.72 -5.20
N ASP A 66 10.74 -13.32 -4.12
CA ASP A 66 12.14 -13.69 -4.02
C ASP A 66 12.35 -15.13 -4.43
N THR A 67 13.60 -15.53 -4.46
CA THR A 67 13.95 -16.90 -4.73
C THR A 67 14.51 -17.53 -3.46
N THR A 68 13.69 -18.34 -2.81
CA THR A 68 14.07 -18.97 -1.57
C THR A 68 14.89 -20.23 -1.84
N ASN A 69 14.63 -20.85 -2.99
CA ASN A 69 15.35 -22.06 -3.39
C ASN A 69 16.80 -21.71 -3.73
N LYS A 70 16.95 -20.80 -4.68
CA LYS A 70 18.25 -20.43 -5.17
C LYS A 70 18.75 -19.19 -4.45
N LYS A 71 19.98 -19.20 -3.99
CA LYS A 71 20.51 -18.08 -3.23
C LYS A 71 21.74 -17.47 -3.88
N THR A 72 21.80 -17.48 -5.19
CA THR A 72 22.87 -16.81 -5.91
C THR A 72 22.59 -15.30 -5.96
N THR A 73 21.32 -14.94 -5.82
CA THR A 73 20.92 -13.54 -5.76
C THR A 73 20.15 -13.28 -4.47
N THR A 74 19.69 -12.05 -4.29
CA THR A 74 18.97 -11.67 -3.09
C THR A 74 17.48 -11.52 -3.37
N PRO A 75 16.65 -11.64 -2.32
CA PRO A 75 15.20 -11.39 -2.42
C PRO A 75 14.91 -10.00 -2.95
N LYS A 76 14.01 -9.93 -3.90
CA LYS A 76 13.74 -8.69 -4.60
C LYS A 76 12.26 -8.30 -4.55
N SER A 77 12.03 -7.04 -4.26
CA SER A 77 10.69 -6.49 -4.17
C SER A 77 10.28 -5.90 -5.51
N SER A 78 9.22 -6.44 -6.09
CA SER A 78 8.67 -5.88 -7.30
C SER A 78 7.54 -4.92 -6.93
N GLN A 79 7.85 -3.63 -6.97
CA GLN A 79 6.90 -2.63 -6.55
C GLN A 79 6.10 -2.12 -7.75
N ARG A 80 4.79 -2.08 -7.60
CA ARG A 80 3.91 -1.63 -8.66
C ARG A 80 3.05 -0.49 -8.14
N VAL A 81 2.57 0.38 -9.00
CA VAL A 81 1.75 1.49 -8.54
C VAL A 81 0.30 1.30 -8.99
N LEU A 82 -0.61 1.44 -8.05
CA LEU A 82 -2.03 1.22 -8.30
C LEU A 82 -2.69 2.48 -8.83
N LEU A 83 -3.90 2.30 -9.35
CA LEU A 83 -4.78 3.40 -9.64
C LEU A 83 -5.52 3.73 -8.35
N ASP A 84 -6.38 4.73 -8.39
CA ASP A 84 -7.16 5.08 -7.21
C ASP A 84 -7.94 3.87 -6.72
N GLN A 85 -8.62 3.20 -7.64
CA GLN A 85 -9.38 2.03 -7.29
C GLN A 85 -8.91 0.81 -8.07
N GLU A 86 -7.60 0.55 -8.07
CA GLU A 86 -7.04 -0.64 -8.70
C GLU A 86 -7.40 -1.89 -7.88
N CYS A 87 -8.05 -1.67 -6.73
CA CYS A 87 -8.45 -2.73 -5.82
C CYS A 87 -7.23 -3.42 -5.20
N VAL A 88 -6.95 -3.13 -3.94
CA VAL A 88 -5.79 -3.71 -3.27
C VAL A 88 -6.01 -5.16 -2.91
N PHE A 89 -7.26 -5.55 -2.74
CA PHE A 89 -7.54 -6.96 -2.50
C PHE A 89 -7.33 -7.71 -3.81
N GLN A 90 -7.67 -7.07 -4.90
CA GLN A 90 -7.43 -7.61 -6.22
C GLN A 90 -5.93 -7.69 -6.47
N ALA A 91 -5.24 -6.60 -6.17
CA ALA A 91 -3.80 -6.54 -6.27
C ALA A 91 -3.18 -7.66 -5.45
N GLN A 92 -3.63 -7.80 -4.23
CA GLN A 92 -3.16 -8.81 -3.31
C GLN A 92 -3.33 -10.21 -3.89
N SER A 93 -4.52 -10.49 -4.42
CA SER A 93 -4.81 -11.79 -5.04
C SER A 93 -4.05 -11.93 -6.37
N LYS A 94 -3.41 -10.85 -6.78
CA LYS A 94 -2.72 -10.78 -8.06
C LYS A 94 -1.20 -10.81 -7.83
N TRP A 95 -0.81 -10.90 -6.56
CA TRP A 95 0.60 -10.99 -6.19
C TRP A 95 1.21 -12.35 -6.49
N LYS A 96 2.51 -12.35 -6.62
CA LYS A 96 3.28 -13.54 -6.91
C LYS A 96 4.29 -13.78 -5.79
N GLY A 97 3.95 -13.23 -4.64
CA GLY A 97 4.81 -13.29 -3.48
C GLY A 97 4.22 -12.49 -2.35
N ALA A 98 4.94 -12.38 -1.24
CA ALA A 98 4.45 -11.63 -0.09
C ALA A 98 5.04 -10.24 -0.05
N GLY A 99 4.23 -9.24 -0.41
CA GLY A 99 4.70 -7.88 -0.39
C GLY A 99 4.02 -7.05 0.68
N LYS A 100 3.82 -5.78 0.38
CA LYS A 100 3.10 -4.85 1.26
C LYS A 100 2.63 -3.65 0.45
N PHE A 101 1.48 -3.12 0.80
CA PHE A 101 0.99 -1.90 0.16
C PHE A 101 1.68 -0.69 0.77
N ILE A 102 2.03 0.29 -0.05
CA ILE A 102 2.81 1.43 0.43
C ILE A 102 2.16 2.75 0.02
N LEU A 103 1.91 3.62 1.00
CA LEU A 103 1.30 4.91 0.72
C LEU A 103 2.29 5.87 0.06
N LYS A 104 1.87 6.44 -1.04
CA LYS A 104 2.66 7.44 -1.76
C LYS A 104 1.71 8.46 -2.38
N LEU A 105 2.24 9.47 -3.03
CA LEU A 105 1.40 10.48 -3.66
C LEU A 105 1.42 10.37 -5.17
N LYS A 106 0.26 10.63 -5.77
CA LYS A 106 0.08 10.56 -7.20
C LYS A 106 0.53 11.86 -7.85
N GLU A 107 0.66 12.90 -7.03
CA GLU A 107 1.24 14.15 -7.49
C GLU A 107 2.75 13.98 -7.64
N GLN A 108 3.27 12.88 -7.10
CA GLN A 108 4.69 12.54 -7.25
C GLN A 108 4.79 11.40 -8.24
N VAL A 109 3.90 10.44 -8.09
CA VAL A 109 3.73 9.37 -9.06
C VAL A 109 2.92 9.91 -10.24
N GLN A 110 3.59 10.67 -11.09
CA GLN A 110 2.94 11.41 -12.17
C GLN A 110 3.31 10.84 -13.52
N ALA A 111 3.53 9.52 -13.57
CA ALA A 111 3.87 8.79 -14.80
C ALA A 111 5.30 9.06 -15.26
N SER A 112 5.89 10.17 -14.78
CA SER A 112 7.25 10.60 -15.08
C SER A 112 7.48 10.88 -16.58
N ARG A 113 8.16 11.98 -16.87
CA ARG A 113 8.43 12.38 -18.25
C ARG A 113 9.51 11.49 -18.87
N GLU A 114 10.35 10.92 -18.01
CA GLU A 114 11.43 10.06 -18.49
C GLU A 114 11.00 8.59 -18.50
N ASP A 115 9.70 8.36 -18.53
CA ASP A 115 9.17 7.01 -18.62
C ASP A 115 9.56 6.39 -19.96
N LYS A 116 10.44 5.40 -19.92
CA LYS A 116 10.93 4.77 -21.13
C LYS A 116 10.16 3.48 -21.40
N SER A 1 -23.48 -7.61 14.58
CA SER A 1 -22.08 -7.78 14.11
C SER A 1 -21.96 -7.39 12.64
N SER A 2 -20.74 -7.43 12.12
CA SER A 2 -20.52 -7.12 10.72
C SER A 2 -20.53 -8.39 9.90
N GLU A 3 -21.36 -8.41 8.86
CA GLU A 3 -21.44 -9.56 7.97
C GLU A 3 -20.34 -9.47 6.93
N GLU A 4 -19.86 -8.26 6.69
CA GLU A 4 -18.76 -8.05 5.77
C GLU A 4 -17.47 -8.62 6.34
N GLU A 5 -16.65 -9.21 5.49
CA GLU A 5 -15.41 -9.81 5.91
C GLU A 5 -14.26 -8.89 5.58
N SER A 6 -13.48 -8.54 6.56
CA SER A 6 -12.34 -7.68 6.36
C SER A 6 -11.07 -8.51 6.23
N PHE A 7 -10.20 -8.08 5.32
CA PHE A 7 -8.99 -8.81 5.02
C PHE A 7 -7.79 -8.05 5.62
N PHE A 8 -6.72 -8.74 5.87
CA PHE A 8 -5.58 -8.14 6.56
C PHE A 8 -4.59 -7.54 5.55
N VAL A 9 -4.10 -6.35 5.85
CA VAL A 9 -3.13 -5.68 4.99
C VAL A 9 -1.87 -5.36 5.77
N GLN A 10 -0.74 -5.52 5.12
CA GLN A 10 0.50 -4.98 5.61
C GLN A 10 0.92 -3.85 4.66
N VAL A 11 0.84 -2.62 5.12
CA VAL A 11 1.07 -1.46 4.27
C VAL A 11 1.95 -0.43 4.98
N HIS A 12 2.90 0.15 4.26
CA HIS A 12 3.84 1.10 4.86
C HIS A 12 3.39 2.54 4.59
N ASP A 13 4.06 3.47 5.27
CA ASP A 13 3.92 4.89 5.00
C ASP A 13 5.29 5.55 5.20
N VAL A 14 5.36 6.86 5.06
CA VAL A 14 6.59 7.58 5.32
C VAL A 14 6.68 7.93 6.81
N SER A 15 5.52 7.97 7.45
CA SER A 15 5.43 8.24 8.87
C SER A 15 6.10 7.14 9.68
N PRO A 16 6.93 7.54 10.66
CA PRO A 16 7.66 6.61 11.52
C PRO A 16 6.77 6.03 12.62
N GLU A 17 7.39 5.27 13.52
CA GLU A 17 6.68 4.56 14.59
C GLU A 17 5.83 3.44 14.00
N GLN A 18 6.39 2.24 14.00
CA GLN A 18 5.80 1.08 13.33
C GLN A 18 5.83 1.26 11.82
N PRO A 19 6.98 0.97 11.20
CA PRO A 19 7.19 1.13 9.76
C PRO A 19 6.20 0.33 8.92
N LEU A 20 5.99 -0.93 9.28
CA LEU A 20 5.01 -1.75 8.61
C LEU A 20 3.67 -1.62 9.29
N THR A 21 2.75 -0.90 8.66
CA THR A 21 1.43 -0.73 9.21
C THR A 21 0.57 -1.96 8.92
N VAL A 22 0.28 -2.76 9.93
CA VAL A 22 -0.57 -3.92 9.75
C VAL A 22 -2.01 -3.56 10.11
N ILE A 23 -2.88 -3.60 9.11
CA ILE A 23 -4.27 -3.21 9.29
C ILE A 23 -5.21 -4.31 8.86
N LYS A 24 -6.48 -4.10 9.09
CA LYS A 24 -7.51 -4.98 8.59
C LYS A 24 -8.50 -4.16 7.78
N ALA A 25 -8.31 -4.15 6.47
CA ALA A 25 -9.10 -3.35 5.57
C ALA A 25 -10.13 -4.22 4.90
N PRO A 26 -11.15 -3.61 4.30
CA PRO A 26 -12.23 -4.36 3.69
C PRO A 26 -11.79 -5.07 2.43
N ARG A 27 -12.35 -6.26 2.22
CA ARG A 27 -11.99 -7.08 1.06
C ARG A 27 -12.32 -6.36 -0.24
N VAL A 28 -13.01 -5.23 -0.11
CA VAL A 28 -13.36 -4.40 -1.25
C VAL A 28 -12.53 -3.12 -1.27
N SER A 29 -11.73 -2.90 -0.22
CA SER A 29 -10.87 -1.72 -0.16
C SER A 29 -9.96 -1.65 -1.38
N THR A 30 -10.00 -0.52 -2.04
CA THR A 30 -9.06 -0.25 -3.10
C THR A 30 -8.07 0.78 -2.61
N ALA A 31 -7.14 1.17 -3.47
CA ALA A 31 -6.03 2.03 -3.10
C ALA A 31 -6.50 3.23 -2.31
N GLN A 32 -7.51 3.91 -2.79
CA GLN A 32 -7.98 5.11 -2.11
C GLN A 32 -8.71 4.78 -0.79
N ASP A 33 -9.31 3.58 -0.69
CA ASP A 33 -9.96 3.16 0.54
C ASP A 33 -8.91 2.93 1.61
N VAL A 34 -7.94 2.12 1.23
CA VAL A 34 -6.81 1.79 2.08
C VAL A 34 -5.94 3.02 2.30
N ILE A 35 -5.98 3.94 1.33
CA ILE A 35 -5.37 5.26 1.48
C ILE A 35 -5.96 5.93 2.72
N GLN A 36 -7.29 6.06 2.73
CA GLN A 36 -8.01 6.72 3.82
C GLN A 36 -7.87 5.92 5.11
N GLN A 37 -7.79 4.60 4.99
CA GLN A 37 -7.58 3.75 6.12
C GLN A 37 -6.23 4.06 6.78
N THR A 38 -5.21 4.22 5.95
CA THR A 38 -3.89 4.59 6.45
C THR A 38 -3.91 6.03 6.97
N LEU A 39 -4.64 6.90 6.27
CA LEU A 39 -4.92 8.26 6.74
C LEU A 39 -5.44 8.24 8.17
N CYS A 40 -6.34 7.29 8.43
CA CYS A 40 -6.97 7.15 9.74
C CYS A 40 -5.94 6.81 10.83
N LYS A 41 -5.06 5.85 10.55
CA LYS A 41 -4.06 5.45 11.54
C LYS A 41 -2.87 6.41 11.59
N ALA A 42 -2.69 7.19 10.54
CA ALA A 42 -1.62 8.18 10.50
C ALA A 42 -2.11 9.51 11.04
N LYS A 43 -3.27 9.47 11.68
CA LYS A 43 -3.93 10.67 12.20
C LYS A 43 -3.03 11.42 13.18
N TYR A 44 -2.44 12.50 12.69
CA TYR A 44 -1.57 13.37 13.45
C TYR A 44 -0.36 12.62 14.02
N SER A 45 0.04 11.54 13.35
CA SER A 45 1.24 10.80 13.73
C SER A 45 2.49 11.60 13.36
N TYR A 46 2.94 11.46 12.11
CA TYR A 46 3.99 12.32 11.58
C TYR A 46 3.31 13.45 10.80
N SER A 47 2.01 13.55 11.02
CA SER A 47 1.14 14.49 10.33
C SER A 47 1.10 14.18 8.84
N ILE A 48 0.23 13.25 8.49
CA ILE A 48 -0.04 12.91 7.10
C ILE A 48 -1.38 13.55 6.73
N LEU A 49 -1.76 14.52 7.54
CA LEU A 49 -3.11 15.05 7.51
C LEU A 49 -3.18 16.38 6.77
N SER A 50 -2.08 16.74 6.11
CA SER A 50 -2.07 17.92 5.26
C SER A 50 -2.98 17.68 4.07
N ASN A 51 -3.02 16.43 3.64
CA ASN A 51 -3.99 15.99 2.65
C ASN A 51 -4.80 14.83 3.22
N PRO A 52 -5.91 15.13 3.89
CA PRO A 52 -6.79 14.11 4.45
C PRO A 52 -7.75 13.56 3.41
N ASN A 53 -7.47 13.85 2.17
CA ASN A 53 -8.28 13.38 1.06
C ASN A 53 -7.53 12.29 0.29
N PRO A 54 -8.23 11.21 -0.08
CA PRO A 54 -7.64 10.10 -0.83
C PRO A 54 -7.49 10.42 -2.31
N SER A 55 -7.59 11.70 -2.64
CA SER A 55 -7.61 12.15 -4.01
C SER A 55 -6.20 12.36 -4.55
N ASP A 56 -5.31 12.85 -3.69
CA ASP A 56 -3.98 13.24 -4.12
C ASP A 56 -2.94 12.19 -3.73
N TYR A 57 -3.42 11.00 -3.45
CA TYR A 57 -2.54 9.90 -3.09
C TYR A 57 -2.62 8.78 -4.12
N VAL A 58 -1.82 7.77 -3.88
CA VAL A 58 -1.84 6.51 -4.61
C VAL A 58 -1.42 5.40 -3.65
N LEU A 59 -1.39 4.18 -4.13
CA LEU A 59 -1.04 3.06 -3.28
C LEU A 59 -0.24 2.05 -4.11
N LEU A 60 0.78 1.47 -3.49
CA LEU A 60 1.67 0.54 -4.18
C LEU A 60 1.36 -0.90 -3.77
N GLU A 61 1.15 -1.77 -4.75
CA GLU A 61 1.11 -3.21 -4.47
C GLU A 61 2.51 -3.78 -4.73
N GLU A 62 3.34 -3.71 -3.71
CA GLU A 62 4.63 -4.30 -3.78
C GLU A 62 4.57 -5.76 -3.39
N VAL A 63 5.02 -6.64 -4.26
CA VAL A 63 5.13 -8.05 -3.95
C VAL A 63 6.59 -8.47 -3.98
N VAL A 64 7.10 -8.93 -2.83
CA VAL A 64 8.48 -9.35 -2.74
C VAL A 64 8.72 -10.62 -3.54
N LYS A 65 9.44 -10.48 -4.63
CA LYS A 65 9.82 -11.60 -5.45
C LYS A 65 11.34 -11.72 -5.42
N ASP A 66 11.83 -12.48 -4.46
CA ASP A 66 13.26 -12.58 -4.16
C ASP A 66 14.10 -13.01 -5.35
N THR A 67 15.40 -12.91 -5.18
CA THR A 67 16.33 -13.39 -6.17
C THR A 67 17.02 -14.64 -5.66
N THR A 68 16.43 -15.79 -5.98
CA THR A 68 17.01 -17.07 -5.63
C THR A 68 18.33 -17.25 -6.36
N ASN A 69 18.45 -16.56 -7.49
CA ASN A 69 19.70 -16.46 -8.22
C ASN A 69 20.52 -15.31 -7.67
N LYS A 70 21.39 -14.74 -8.49
CA LYS A 70 22.12 -13.58 -8.08
C LYS A 70 21.95 -12.41 -9.05
N LYS A 71 21.03 -11.52 -8.72
CA LYS A 71 20.86 -10.25 -9.43
C LYS A 71 20.79 -9.11 -8.43
N THR A 72 20.79 -9.46 -7.15
CA THR A 72 20.65 -8.49 -6.07
C THR A 72 21.24 -9.10 -4.79
N THR A 73 21.80 -8.26 -3.92
CA THR A 73 22.42 -8.75 -2.68
C THR A 73 21.38 -9.23 -1.68
N THR A 74 20.14 -8.83 -1.87
CA THR A 74 19.06 -9.21 -0.98
C THR A 74 17.81 -9.58 -1.77
N PRO A 75 16.88 -10.33 -1.17
CA PRO A 75 15.57 -10.59 -1.77
C PRO A 75 14.91 -9.30 -2.23
N LYS A 76 14.50 -9.28 -3.48
CA LYS A 76 14.09 -8.05 -4.12
C LYS A 76 12.57 -7.90 -4.16
N SER A 77 12.12 -6.67 -4.08
CA SER A 77 10.70 -6.36 -4.07
C SER A 77 10.24 -5.93 -5.46
N SER A 78 9.09 -6.43 -5.89
CA SER A 78 8.48 -6.01 -7.13
C SER A 78 7.36 -5.04 -6.81
N GLN A 79 7.64 -3.76 -6.94
CA GLN A 79 6.70 -2.73 -6.54
C GLN A 79 5.87 -2.27 -7.74
N ARG A 80 4.55 -2.21 -7.56
CA ARG A 80 3.66 -1.79 -8.61
C ARG A 80 2.73 -0.71 -8.08
N VAL A 81 2.37 0.28 -8.88
CA VAL A 81 1.52 1.36 -8.39
C VAL A 81 0.08 1.19 -8.89
N LEU A 82 -0.86 1.50 -8.01
CA LEU A 82 -2.28 1.33 -8.28
C LEU A 82 -2.94 2.64 -8.65
N LEU A 83 -4.05 2.53 -9.35
CA LEU A 83 -4.96 3.65 -9.52
C LEU A 83 -5.92 3.65 -8.33
N ASP A 84 -6.72 4.70 -8.19
CA ASP A 84 -7.62 4.85 -7.06
C ASP A 84 -8.53 3.63 -6.87
N GLN A 85 -8.88 2.96 -7.97
CA GLN A 85 -9.79 1.84 -7.91
C GLN A 85 -9.17 0.55 -8.46
N GLU A 86 -7.87 0.38 -8.28
CA GLU A 86 -7.21 -0.86 -8.68
C GLU A 86 -7.56 -2.02 -7.75
N CYS A 87 -8.19 -1.70 -6.61
CA CYS A 87 -8.60 -2.69 -5.62
C CYS A 87 -7.40 -3.34 -4.94
N VAL A 88 -7.32 -3.17 -3.62
CA VAL A 88 -6.19 -3.64 -2.85
C VAL A 88 -6.29 -5.13 -2.66
N PHE A 89 -7.51 -5.62 -2.48
CA PHE A 89 -7.71 -7.04 -2.30
C PHE A 89 -7.50 -7.75 -3.64
N GLN A 90 -7.97 -7.11 -4.70
CA GLN A 90 -7.71 -7.59 -6.05
C GLN A 90 -6.21 -7.66 -6.30
N ALA A 91 -5.50 -6.60 -5.91
CA ALA A 91 -4.05 -6.53 -6.04
C ALA A 91 -3.38 -7.65 -5.24
N GLN A 92 -3.74 -7.76 -3.98
CA GLN A 92 -3.16 -8.74 -3.08
C GLN A 92 -3.39 -10.17 -3.59
N SER A 93 -4.42 -10.36 -4.39
CA SER A 93 -4.76 -11.67 -4.91
C SER A 93 -3.92 -12.00 -6.16
N LYS A 94 -3.18 -11.01 -6.66
CA LYS A 94 -2.31 -11.21 -7.82
C LYS A 94 -0.95 -11.72 -7.37
N TRP A 95 -0.61 -11.41 -6.13
CA TRP A 95 0.73 -11.60 -5.61
C TRP A 95 1.23 -13.03 -5.76
N LYS A 96 2.52 -13.12 -6.04
CA LYS A 96 3.19 -14.40 -6.17
C LYS A 96 4.38 -14.43 -5.22
N GLY A 97 4.30 -13.55 -4.24
CA GLY A 97 5.32 -13.39 -3.23
C GLY A 97 4.77 -12.52 -2.12
N ALA A 98 5.28 -12.64 -0.93
CA ALA A 98 4.74 -11.88 0.19
C ALA A 98 5.29 -10.46 0.20
N GLY A 99 4.46 -9.52 -0.22
CA GLY A 99 4.87 -8.13 -0.28
C GLY A 99 4.18 -7.29 0.78
N LYS A 100 3.94 -6.04 0.45
CA LYS A 100 3.20 -5.12 1.30
C LYS A 100 2.63 -4.04 0.40
N PHE A 101 1.56 -3.42 0.81
CA PHE A 101 1.11 -2.24 0.13
C PHE A 101 1.86 -1.04 0.71
N ILE A 102 2.05 0.00 -0.08
CA ILE A 102 2.74 1.19 0.40
C ILE A 102 1.95 2.43 0.04
N LEU A 103 1.66 3.26 1.04
CA LEU A 103 0.94 4.50 0.79
C LEU A 103 1.91 5.55 0.28
N LYS A 104 1.51 6.26 -0.77
CA LYS A 104 2.34 7.30 -1.35
C LYS A 104 1.44 8.39 -1.90
N LEU A 105 1.97 9.59 -2.09
CA LEU A 105 1.22 10.60 -2.81
C LEU A 105 1.41 10.37 -4.30
N LYS A 106 0.43 10.75 -5.09
CA LYS A 106 0.57 10.64 -6.53
C LYS A 106 1.43 11.77 -7.05
N GLU A 107 1.46 12.86 -6.28
CA GLU A 107 2.40 13.95 -6.51
C GLU A 107 3.78 13.55 -6.00
N GLN A 108 3.90 12.32 -5.53
CA GLN A 108 5.15 11.76 -5.07
C GLN A 108 5.46 10.50 -5.86
N VAL A 109 4.57 10.18 -6.80
CA VAL A 109 4.72 9.00 -7.63
C VAL A 109 4.87 9.41 -9.09
N GLN A 110 4.74 10.71 -9.34
CA GLN A 110 4.58 11.25 -10.69
C GLN A 110 5.79 10.95 -11.58
N ALA A 111 5.78 9.76 -12.13
CA ALA A 111 6.73 9.36 -13.16
C ALA A 111 6.05 9.42 -14.52
N SER A 112 4.81 9.87 -14.49
CA SER A 112 3.98 10.01 -15.68
C SER A 112 4.34 11.31 -16.40
N ARG A 113 3.92 11.43 -17.66
CA ARG A 113 4.14 12.66 -18.42
C ARG A 113 3.31 13.78 -17.81
N GLU A 114 2.12 13.41 -17.37
CA GLU A 114 1.22 14.32 -16.69
C GLU A 114 0.51 13.59 -15.56
N ASP A 115 0.31 14.28 -14.46
CA ASP A 115 -0.35 13.72 -13.28
C ASP A 115 -1.81 14.16 -13.22
N LYS A 116 -2.09 15.33 -13.78
CA LYS A 116 -3.42 15.90 -13.75
C LYS A 116 -4.31 15.25 -14.81
N SER A 1 -19.46 -7.72 0.39
CA SER A 1 -20.62 -6.81 0.44
C SER A 1 -21.15 -6.67 1.86
N SER A 2 -20.33 -7.06 2.83
CA SER A 2 -20.77 -7.08 4.22
C SER A 2 -19.63 -6.67 5.14
N GLU A 3 -19.80 -6.89 6.44
CA GLU A 3 -18.75 -6.59 7.41
C GLU A 3 -18.02 -7.87 7.79
N GLU A 4 -18.50 -9.00 7.27
CA GLU A 4 -17.90 -10.30 7.54
C GLU A 4 -16.70 -10.53 6.63
N GLU A 5 -16.31 -9.49 5.94
CA GLU A 5 -15.18 -9.53 5.04
C GLU A 5 -14.07 -8.65 5.57
N SER A 6 -12.92 -9.23 5.77
CA SER A 6 -11.76 -8.47 6.18
C SER A 6 -10.50 -9.22 5.75
N PHE A 7 -9.54 -8.48 5.29
CA PHE A 7 -8.29 -9.04 4.85
C PHE A 7 -7.15 -8.24 5.47
N PHE A 8 -6.02 -8.87 5.66
CA PHE A 8 -4.91 -8.22 6.33
C PHE A 8 -4.07 -7.42 5.35
N VAL A 9 -3.81 -6.17 5.70
CA VAL A 9 -2.99 -5.30 4.87
C VAL A 9 -1.76 -4.88 5.63
N GLN A 10 -0.61 -5.24 5.14
CA GLN A 10 0.60 -4.61 5.59
C GLN A 10 0.85 -3.43 4.68
N VAL A 11 0.66 -2.23 5.19
CA VAL A 11 0.85 -1.03 4.39
C VAL A 11 1.89 -0.12 5.01
N HIS A 12 3.00 0.04 4.30
CA HIS A 12 4.11 0.86 4.77
C HIS A 12 3.75 2.33 4.73
N ASP A 13 4.18 3.06 5.74
CA ASP A 13 4.07 4.52 5.74
C ASP A 13 5.46 5.11 5.58
N VAL A 14 5.54 6.37 5.18
CA VAL A 14 6.82 7.04 5.00
C VAL A 14 7.30 7.62 6.32
N SER A 15 6.36 7.84 7.23
CA SER A 15 6.64 8.48 8.50
C SER A 15 7.17 7.46 9.52
N PRO A 16 8.06 7.91 10.42
CA PRO A 16 8.61 7.05 11.45
C PRO A 16 7.71 6.93 12.67
N GLU A 17 7.55 5.69 13.13
CA GLU A 17 6.68 5.32 14.25
C GLU A 17 6.58 3.81 14.24
N GLN A 18 6.13 3.33 13.11
CA GLN A 18 6.14 1.91 12.78
C GLN A 18 6.16 1.81 11.27
N PRO A 19 7.36 1.64 10.69
CA PRO A 19 7.58 1.74 9.24
C PRO A 19 6.55 0.96 8.42
N LEU A 20 6.17 -0.20 8.93
CA LEU A 20 5.16 -1.02 8.28
C LEU A 20 3.87 -0.97 9.08
N THR A 21 2.86 -0.31 8.54
CA THR A 21 1.58 -0.20 9.21
C THR A 21 0.72 -1.42 8.90
N VAL A 22 0.52 -2.29 9.87
CA VAL A 22 -0.28 -3.49 9.66
C VAL A 22 -1.73 -3.24 10.08
N ILE A 23 -2.62 -3.22 9.11
CA ILE A 23 -4.04 -2.97 9.37
C ILE A 23 -4.89 -4.11 8.85
N LYS A 24 -6.16 -4.09 9.20
CA LYS A 24 -7.12 -5.02 8.65
C LYS A 24 -8.21 -4.22 7.92
N ALA A 25 -8.25 -4.37 6.62
CA ALA A 25 -9.17 -3.63 5.78
C ALA A 25 -10.16 -4.56 5.13
N PRO A 26 -11.21 -4.04 4.52
CA PRO A 26 -12.23 -4.86 3.89
C PRO A 26 -11.75 -5.42 2.57
N ARG A 27 -12.14 -6.65 2.27
CA ARG A 27 -11.67 -7.33 1.06
C ARG A 27 -12.06 -6.53 -0.19
N VAL A 28 -13.02 -5.64 -0.04
CA VAL A 28 -13.41 -4.74 -1.11
C VAL A 28 -12.60 -3.44 -1.11
N SER A 29 -11.88 -3.16 -0.02
CA SER A 29 -11.08 -1.92 0.04
C SER A 29 -10.11 -1.85 -1.13
N THR A 30 -10.15 -0.73 -1.81
CA THR A 30 -9.25 -0.47 -2.89
C THR A 30 -8.29 0.63 -2.49
N ALA A 31 -7.35 0.95 -3.37
CA ALA A 31 -6.26 1.85 -3.03
C ALA A 31 -6.77 3.11 -2.37
N GLN A 32 -7.71 3.78 -3.01
CA GLN A 32 -8.24 5.04 -2.46
C GLN A 32 -8.82 4.84 -1.05
N ASP A 33 -9.42 3.68 -0.78
CA ASP A 33 -10.07 3.47 0.52
C ASP A 33 -9.04 3.22 1.59
N VAL A 34 -8.18 2.27 1.31
CA VAL A 34 -7.07 1.91 2.19
C VAL A 34 -6.12 3.09 2.35
N ILE A 35 -6.08 3.95 1.33
CA ILE A 35 -5.34 5.21 1.38
C ILE A 35 -5.82 6.04 2.58
N GLN A 36 -7.12 6.32 2.61
CA GLN A 36 -7.70 7.16 3.65
C GLN A 36 -7.75 6.42 4.99
N GLN A 37 -7.92 5.10 4.95
CA GLN A 37 -7.88 4.30 6.15
C GLN A 37 -6.55 4.49 6.87
N THR A 38 -5.49 4.61 6.09
CA THR A 38 -4.16 4.89 6.63
C THR A 38 -4.11 6.33 7.16
N LEU A 39 -4.75 7.24 6.43
CA LEU A 39 -4.88 8.63 6.87
C LEU A 39 -5.52 8.70 8.26
N CYS A 40 -6.55 7.89 8.46
CA CYS A 40 -7.27 7.84 9.73
C CYS A 40 -6.42 7.20 10.81
N LYS A 41 -5.66 6.17 10.43
CA LYS A 41 -4.84 5.42 11.38
C LYS A 41 -3.63 6.24 11.80
N ALA A 42 -3.20 7.17 10.95
CA ALA A 42 -1.96 7.90 11.15
C ALA A 42 -2.20 9.35 11.55
N LYS A 43 -3.41 9.68 12.00
CA LYS A 43 -3.71 11.04 12.42
C LYS A 43 -2.90 11.42 13.66
N TYR A 44 -1.90 12.29 13.44
CA TYR A 44 -0.96 12.74 14.49
C TYR A 44 0.00 11.60 14.88
N SER A 45 -0.46 10.37 14.75
CA SER A 45 0.33 9.16 14.99
C SER A 45 1.62 9.20 14.18
N TYR A 46 1.47 9.06 12.87
CA TYR A 46 2.60 9.22 11.94
C TYR A 46 2.71 10.68 11.56
N SER A 47 1.96 11.50 12.29
CA SER A 47 1.83 12.92 12.01
C SER A 47 1.35 13.15 10.59
N ILE A 48 0.43 12.31 10.14
CA ILE A 48 -0.19 12.47 8.84
C ILE A 48 -1.38 13.43 8.96
N LEU A 49 -1.08 14.73 9.02
CA LEU A 49 -2.11 15.75 9.15
C LEU A 49 -1.99 16.78 8.02
N SER A 50 -0.80 16.89 7.45
CA SER A 50 -0.52 17.85 6.39
C SER A 50 -1.46 17.64 5.21
N ASN A 51 -1.57 16.39 4.76
CA ASN A 51 -2.52 16.05 3.72
C ASN A 51 -3.63 15.19 4.31
N PRO A 52 -4.73 15.83 4.72
CA PRO A 52 -5.88 15.14 5.31
C PRO A 52 -6.83 14.60 4.25
N ASN A 53 -6.52 14.90 3.01
CA ASN A 53 -7.31 14.43 1.89
C ASN A 53 -6.59 13.27 1.20
N PRO A 54 -7.32 12.19 0.91
CA PRO A 54 -6.74 10.98 0.33
C PRO A 54 -6.62 11.04 -1.18
N SER A 55 -6.96 12.18 -1.76
CA SER A 55 -6.98 12.35 -3.19
C SER A 55 -5.61 12.70 -3.77
N ASP A 56 -4.63 12.93 -2.91
CA ASP A 56 -3.25 13.18 -3.36
C ASP A 56 -2.38 11.95 -3.15
N TYR A 57 -3.01 10.86 -2.71
CA TYR A 57 -2.27 9.65 -2.42
C TYR A 57 -2.60 8.57 -3.44
N VAL A 58 -1.68 7.63 -3.59
CA VAL A 58 -1.89 6.41 -4.35
C VAL A 58 -1.19 5.27 -3.66
N LEU A 59 -1.75 4.08 -3.75
CA LEU A 59 -1.20 2.94 -3.06
C LEU A 59 -0.38 2.08 -4.01
N LEU A 60 0.66 1.46 -3.48
CA LEU A 60 1.52 0.58 -4.24
C LEU A 60 1.24 -0.87 -3.87
N GLU A 61 1.10 -1.74 -4.85
CA GLU A 61 1.03 -3.15 -4.58
C GLU A 61 2.44 -3.74 -4.74
N GLU A 62 3.20 -3.67 -3.67
CA GLU A 62 4.51 -4.23 -3.68
C GLU A 62 4.42 -5.70 -3.32
N VAL A 63 4.91 -6.56 -4.18
CA VAL A 63 4.95 -7.98 -3.90
C VAL A 63 6.40 -8.45 -3.77
N VAL A 64 6.77 -8.82 -2.56
CA VAL A 64 8.12 -9.30 -2.29
C VAL A 64 8.33 -10.66 -2.92
N LYS A 65 8.98 -10.65 -4.07
CA LYS A 65 9.33 -11.87 -4.75
C LYS A 65 10.74 -12.30 -4.39
N ASP A 66 10.86 -13.05 -3.32
CA ASP A 66 12.15 -13.58 -2.91
C ASP A 66 12.46 -14.81 -3.74
N THR A 67 13.60 -14.81 -4.41
CA THR A 67 13.94 -15.87 -5.32
C THR A 67 15.44 -16.10 -5.38
N THR A 68 15.88 -17.19 -4.78
CA THR A 68 17.26 -17.62 -4.90
C THR A 68 17.32 -18.77 -5.92
N ASN A 69 16.57 -19.84 -5.63
CA ASN A 69 16.42 -20.99 -6.53
C ASN A 69 17.74 -21.71 -6.76
N LYS A 70 18.52 -21.18 -7.68
CA LYS A 70 19.68 -21.87 -8.16
C LYS A 70 20.96 -21.18 -7.68
N LYS A 71 21.31 -20.10 -8.36
CA LYS A 71 22.46 -19.29 -7.95
C LYS A 71 22.03 -18.33 -6.85
N THR A 72 22.96 -17.96 -5.98
CA THR A 72 22.68 -17.02 -4.90
C THR A 72 22.08 -15.74 -5.45
N THR A 73 20.77 -15.61 -5.34
CA THR A 73 20.05 -14.47 -5.86
C THR A 73 19.30 -13.79 -4.74
N THR A 74 19.48 -12.48 -4.62
CA THR A 74 18.91 -11.73 -3.52
C THR A 74 17.40 -11.59 -3.65
N PRO A 75 16.69 -11.66 -2.50
CA PRO A 75 15.24 -11.42 -2.45
C PRO A 75 14.89 -10.04 -2.93
N LYS A 76 13.72 -9.91 -3.54
CA LYS A 76 13.36 -8.68 -4.21
C LYS A 76 11.95 -8.25 -3.85
N SER A 77 11.68 -6.97 -4.02
CA SER A 77 10.34 -6.44 -3.84
C SER A 77 9.84 -5.84 -5.15
N SER A 78 8.96 -6.56 -5.81
CA SER A 78 8.40 -6.09 -7.05
C SER A 78 7.29 -5.11 -6.75
N GLN A 79 7.60 -3.83 -6.83
CA GLN A 79 6.67 -2.80 -6.43
C GLN A 79 5.89 -2.32 -7.66
N ARG A 80 4.58 -2.25 -7.53
CA ARG A 80 3.71 -1.83 -8.60
C ARG A 80 2.80 -0.73 -8.08
N VAL A 81 2.32 0.17 -8.93
CA VAL A 81 1.46 1.24 -8.44
C VAL A 81 0.02 1.01 -8.90
N LEU A 82 -0.91 1.37 -8.04
CA LEU A 82 -2.34 1.14 -8.28
C LEU A 82 -3.01 2.41 -8.77
N LEU A 83 -4.14 2.22 -9.43
CA LEU A 83 -5.02 3.32 -9.74
C LEU A 83 -6.04 3.48 -8.64
N ASP A 84 -6.94 4.44 -8.78
CA ASP A 84 -7.96 4.73 -7.78
C ASP A 84 -8.69 3.46 -7.36
N GLN A 85 -9.21 2.71 -8.33
CA GLN A 85 -9.94 1.51 -8.05
C GLN A 85 -9.29 0.27 -8.68
N GLU A 86 -7.99 0.08 -8.45
CA GLU A 86 -7.33 -1.16 -8.83
C GLU A 86 -7.77 -2.29 -7.91
N CYS A 87 -8.24 -1.90 -6.71
CA CYS A 87 -8.68 -2.81 -5.67
C CYS A 87 -7.48 -3.47 -4.99
N VAL A 88 -7.42 -3.34 -3.67
CA VAL A 88 -6.28 -3.81 -2.91
C VAL A 88 -6.29 -5.32 -2.79
N PHE A 89 -7.46 -5.87 -2.53
CA PHE A 89 -7.57 -7.32 -2.39
C PHE A 89 -7.44 -7.97 -3.76
N GLN A 90 -7.95 -7.26 -4.77
CA GLN A 90 -7.78 -7.68 -6.16
C GLN A 90 -6.29 -7.64 -6.54
N ALA A 91 -5.59 -6.61 -6.09
CA ALA A 91 -4.15 -6.50 -6.34
C ALA A 91 -3.41 -7.61 -5.62
N GLN A 92 -3.81 -7.88 -4.39
CA GLN A 92 -3.18 -8.90 -3.58
C GLN A 92 -3.32 -10.29 -4.20
N SER A 93 -4.41 -10.49 -4.94
CA SER A 93 -4.63 -11.77 -5.61
C SER A 93 -3.79 -11.88 -6.88
N LYS A 94 -3.13 -10.78 -7.24
CA LYS A 94 -2.23 -10.75 -8.38
C LYS A 94 -0.83 -11.17 -7.95
N TRP A 95 -0.58 -11.02 -6.66
CA TRP A 95 0.74 -11.23 -6.09
C TRP A 95 1.23 -12.66 -6.25
N LYS A 96 2.54 -12.77 -6.39
CA LYS A 96 3.19 -14.07 -6.53
C LYS A 96 4.13 -14.28 -5.35
N GLY A 97 3.95 -13.43 -4.35
CA GLY A 97 4.78 -13.46 -3.16
C GLY A 97 4.15 -12.59 -2.09
N ALA A 98 4.71 -12.59 -0.90
CA ALA A 98 4.12 -11.83 0.19
C ALA A 98 4.72 -10.43 0.27
N GLY A 99 4.00 -9.45 -0.26
CA GLY A 99 4.49 -8.09 -0.26
C GLY A 99 3.80 -7.25 0.78
N LYS A 100 3.60 -5.98 0.45
CA LYS A 100 2.86 -5.04 1.27
C LYS A 100 2.28 -4.00 0.35
N PHE A 101 1.19 -3.40 0.75
CA PHE A 101 0.70 -2.26 0.03
C PHE A 101 1.36 -1.00 0.58
N ILE A 102 2.03 -0.24 -0.25
CA ILE A 102 2.83 0.87 0.22
C ILE A 102 2.10 2.18 -0.01
N LEU A 103 1.90 2.94 1.07
CA LEU A 103 1.25 4.23 0.98
C LEU A 103 2.20 5.25 0.37
N LYS A 104 1.75 5.92 -0.67
CA LYS A 104 2.58 6.91 -1.35
C LYS A 104 1.69 8.02 -1.88
N LEU A 105 2.29 9.11 -2.34
CA LEU A 105 1.53 10.16 -2.96
C LEU A 105 1.55 9.98 -4.46
N LYS A 106 0.60 10.60 -5.12
CA LYS A 106 0.56 10.58 -6.57
C LYS A 106 1.37 11.75 -7.12
N GLU A 107 1.81 12.57 -6.19
CA GLU A 107 2.85 13.58 -6.47
C GLU A 107 4.23 12.94 -6.31
N GLN A 108 4.26 11.80 -5.63
CA GLN A 108 5.50 11.05 -5.46
C GLN A 108 5.54 10.00 -6.53
N VAL A 109 4.37 9.42 -6.76
CA VAL A 109 4.12 8.59 -7.91
C VAL A 109 3.64 9.46 -9.06
N GLN A 110 4.57 10.21 -9.60
CA GLN A 110 4.32 11.06 -10.74
C GLN A 110 5.07 10.46 -11.92
N ALA A 111 5.30 11.25 -12.95
CA ALA A 111 6.20 10.83 -14.02
C ALA A 111 7.64 11.10 -13.56
N SER A 112 7.86 10.77 -12.29
CA SER A 112 9.05 11.15 -11.53
C SER A 112 10.35 10.96 -12.30
N ARG A 113 10.95 12.08 -12.68
CA ARG A 113 12.29 12.07 -13.24
C ARG A 113 13.29 12.10 -12.10
N GLU A 114 13.82 10.93 -11.77
CA GLU A 114 14.72 10.74 -10.63
C GLU A 114 13.94 10.76 -9.31
N ASP A 115 13.14 11.79 -9.09
CA ASP A 115 12.30 11.89 -7.90
C ASP A 115 11.14 12.84 -8.12
N LYS A 116 10.02 12.56 -7.45
CA LYS A 116 8.79 13.37 -7.52
C LYS A 116 8.29 13.54 -8.95
N SER A 1 -20.57 -4.63 -0.07
CA SER A 1 -19.91 -4.44 1.23
C SER A 1 -20.69 -5.16 2.32
N SER A 2 -20.14 -6.27 2.80
CA SER A 2 -20.79 -7.07 3.82
C SER A 2 -20.03 -6.97 5.14
N GLU A 3 -20.55 -7.62 6.16
CA GLU A 3 -19.91 -7.66 7.46
C GLU A 3 -18.95 -8.85 7.55
N GLU A 4 -19.12 -9.77 6.61
CA GLU A 4 -18.39 -11.02 6.61
C GLU A 4 -17.06 -10.90 5.88
N GLU A 5 -16.69 -9.67 5.57
CA GLU A 5 -15.51 -9.43 4.76
C GLU A 5 -14.52 -8.51 5.45
N SER A 6 -13.39 -9.07 5.82
CA SER A 6 -12.28 -8.31 6.30
C SER A 6 -10.98 -9.04 5.96
N PHE A 7 -9.98 -8.30 5.55
CA PHE A 7 -8.72 -8.87 5.13
C PHE A 7 -7.59 -8.01 5.70
N PHE A 8 -6.42 -8.60 5.88
CA PHE A 8 -5.31 -7.90 6.51
C PHE A 8 -4.45 -7.17 5.49
N VAL A 9 -4.13 -5.92 5.80
CA VAL A 9 -3.24 -5.14 4.96
C VAL A 9 -2.02 -4.72 5.73
N GLN A 10 -0.88 -5.11 5.25
CA GLN A 10 0.35 -4.56 5.72
C GLN A 10 0.73 -3.44 4.78
N VAL A 11 0.62 -2.20 5.25
CA VAL A 11 0.87 -1.05 4.42
C VAL A 11 1.90 -0.13 5.05
N HIS A 12 2.96 0.14 4.32
CA HIS A 12 4.05 0.98 4.81
C HIS A 12 3.68 2.45 4.70
N ASP A 13 4.22 3.25 5.60
CA ASP A 13 4.13 4.71 5.48
C ASP A 13 5.56 5.27 5.42
N VAL A 14 5.69 6.56 5.16
CA VAL A 14 6.99 7.19 5.05
C VAL A 14 7.54 7.53 6.44
N SER A 15 6.64 7.64 7.41
CA SER A 15 7.00 8.03 8.77
C SER A 15 7.63 6.86 9.53
N PRO A 16 8.37 7.16 10.62
CA PRO A 16 8.99 6.13 11.46
C PRO A 16 7.99 5.48 12.42
N GLU A 17 8.45 5.19 13.65
CA GLU A 17 7.67 4.49 14.67
C GLU A 17 7.52 3.02 14.31
N GLN A 18 6.80 2.77 13.24
CA GLN A 18 6.63 1.42 12.72
C GLN A 18 6.49 1.49 11.22
N PRO A 19 7.62 1.31 10.50
CA PRO A 19 7.68 1.44 9.04
C PRO A 19 6.56 0.69 8.33
N LEU A 20 6.27 -0.51 8.80
CA LEU A 20 5.17 -1.29 8.23
C LEU A 20 3.94 -1.21 9.09
N THR A 21 2.93 -0.48 8.62
CA THR A 21 1.66 -0.42 9.29
C THR A 21 0.87 -1.70 9.01
N VAL A 22 0.10 -2.16 9.98
CA VAL A 22 -0.73 -3.34 9.80
C VAL A 22 -2.18 -3.02 10.16
N ILE A 23 -3.07 -3.13 9.20
CA ILE A 23 -4.48 -2.85 9.40
C ILE A 23 -5.34 -4.02 8.95
N LYS A 24 -6.62 -3.97 9.27
CA LYS A 24 -7.58 -4.92 8.74
C LYS A 24 -8.65 -4.15 7.98
N ALA A 25 -8.55 -4.20 6.66
CA ALA A 25 -9.44 -3.46 5.79
C ALA A 25 -10.48 -4.39 5.21
N PRO A 26 -11.50 -3.84 4.55
CA PRO A 26 -12.54 -4.64 3.94
C PRO A 26 -12.05 -5.30 2.66
N ARG A 27 -12.47 -6.52 2.41
CA ARG A 27 -11.98 -7.27 1.24
C ARG A 27 -12.30 -6.54 -0.06
N VAL A 28 -13.20 -5.58 0.02
CA VAL A 28 -13.55 -4.74 -1.13
C VAL A 28 -12.73 -3.45 -1.16
N SER A 29 -12.04 -3.12 -0.06
CA SER A 29 -11.22 -1.91 -0.03
C SER A 29 -10.23 -1.88 -1.19
N THR A 30 -10.27 -0.80 -1.94
CA THR A 30 -9.30 -0.59 -2.99
C THR A 30 -8.35 0.49 -2.55
N ALA A 31 -7.39 0.84 -3.41
CA ALA A 31 -6.32 1.75 -3.05
C ALA A 31 -6.88 2.99 -2.38
N GLN A 32 -7.85 3.63 -3.02
CA GLN A 32 -8.45 4.84 -2.47
C GLN A 32 -9.00 4.60 -1.05
N ASP A 33 -9.59 3.43 -0.79
CA ASP A 33 -10.21 3.18 0.51
C ASP A 33 -9.15 3.04 1.58
N VAL A 34 -8.23 2.14 1.28
CA VAL A 34 -7.13 1.81 2.16
C VAL A 34 -6.20 3.01 2.31
N ILE A 35 -6.17 3.86 1.29
CA ILE A 35 -5.47 5.13 1.35
C ILE A 35 -5.97 5.95 2.54
N GLN A 36 -7.28 6.22 2.56
CA GLN A 36 -7.89 6.99 3.63
C GLN A 36 -7.88 6.20 4.95
N GLN A 37 -8.01 4.88 4.87
CA GLN A 37 -7.95 4.05 6.05
C GLN A 37 -6.58 4.21 6.73
N THR A 38 -5.53 4.25 5.93
CA THR A 38 -4.19 4.52 6.45
C THR A 38 -4.10 5.95 6.97
N LEU A 39 -4.76 6.88 6.26
CA LEU A 39 -4.89 8.25 6.73
C LEU A 39 -5.49 8.30 8.14
N CYS A 40 -6.49 7.47 8.35
CA CYS A 40 -7.21 7.41 9.62
C CYS A 40 -6.35 6.76 10.69
N LYS A 41 -5.55 5.78 10.29
CA LYS A 41 -4.67 5.07 11.20
C LYS A 41 -3.48 5.93 11.62
N ALA A 42 -2.95 6.68 10.66
CA ALA A 42 -1.72 7.43 10.87
C ALA A 42 -1.96 8.87 11.27
N LYS A 43 -3.21 9.29 11.39
CA LYS A 43 -3.51 10.64 11.84
C LYS A 43 -2.98 10.85 13.24
N TYR A 44 -2.05 11.80 13.36
CA TYR A 44 -1.35 12.11 14.63
C TYR A 44 -0.36 11.00 14.99
N SER A 45 -0.79 9.74 14.79
CA SER A 45 0.03 8.56 15.04
C SER A 45 1.39 8.67 14.36
N TYR A 46 1.37 8.67 13.03
CA TYR A 46 2.58 8.85 12.24
C TYR A 46 2.71 10.33 11.92
N SER A 47 2.00 11.13 12.72
CA SER A 47 1.83 12.56 12.47
C SER A 47 1.50 12.85 11.02
N ILE A 48 0.59 12.04 10.48
CA ILE A 48 0.07 12.26 9.14
C ILE A 48 -1.10 13.23 9.20
N LEU A 49 -0.78 14.51 9.38
CA LEU A 49 -1.79 15.56 9.46
C LEU A 49 -1.54 16.63 8.40
N SER A 50 -0.42 16.48 7.69
CA SER A 50 -0.03 17.42 6.65
C SER A 50 -1.00 17.34 5.47
N ASN A 51 -1.22 16.12 5.00
CA ASN A 51 -2.19 15.88 3.95
C ASN A 51 -3.31 14.97 4.46
N PRO A 52 -4.41 15.58 4.92
CA PRO A 52 -5.59 14.84 5.35
C PRO A 52 -6.49 14.51 4.17
N ASN A 53 -6.05 14.91 2.99
CA ASN A 53 -6.78 14.61 1.77
C ASN A 53 -6.09 13.48 1.01
N PRO A 54 -6.83 12.42 0.71
CA PRO A 54 -6.27 11.21 0.10
C PRO A 54 -6.05 11.37 -1.41
N SER A 55 -6.41 12.51 -1.94
CA SER A 55 -6.41 12.73 -3.39
C SER A 55 -5.00 12.81 -3.96
N ASP A 56 -4.01 13.15 -3.12
CA ASP A 56 -2.62 13.26 -3.57
C ASP A 56 -1.84 12.00 -3.28
N TYR A 57 -2.52 10.95 -2.86
CA TYR A 57 -1.85 9.71 -2.54
C TYR A 57 -2.22 8.63 -3.54
N VAL A 58 -1.31 7.66 -3.70
CA VAL A 58 -1.58 6.45 -4.45
C VAL A 58 -0.94 5.28 -3.73
N LEU A 59 -1.61 4.14 -3.74
CA LEU A 59 -1.10 2.97 -3.04
C LEU A 59 -0.29 2.10 -3.99
N LEU A 60 0.74 1.49 -3.44
CA LEU A 60 1.61 0.60 -4.21
C LEU A 60 1.34 -0.84 -3.82
N GLU A 61 1.13 -1.71 -4.79
CA GLU A 61 1.10 -3.12 -4.52
C GLU A 61 2.51 -3.67 -4.72
N GLU A 62 3.30 -3.59 -3.68
CA GLU A 62 4.63 -4.12 -3.71
C GLU A 62 4.59 -5.59 -3.33
N VAL A 63 5.10 -6.44 -4.20
CA VAL A 63 5.20 -7.85 -3.91
C VAL A 63 6.66 -8.28 -3.92
N VAL A 64 7.14 -8.71 -2.75
CA VAL A 64 8.52 -9.19 -2.64
C VAL A 64 8.71 -10.45 -3.47
N LYS A 65 9.37 -10.27 -4.59
CA LYS A 65 9.65 -11.35 -5.50
C LYS A 65 11.14 -11.62 -5.53
N ASP A 66 11.54 -12.64 -4.78
CA ASP A 66 12.93 -13.08 -4.81
C ASP A 66 13.30 -13.53 -6.22
N THR A 67 14.53 -13.26 -6.60
CA THR A 67 14.97 -13.58 -7.96
C THR A 67 16.13 -14.57 -7.91
N THR A 68 16.27 -15.25 -6.77
CA THR A 68 17.29 -16.27 -6.60
C THR A 68 17.15 -17.32 -7.69
N ASN A 69 16.04 -18.07 -7.64
CA ASN A 69 15.68 -19.05 -8.66
C ASN A 69 16.77 -20.10 -8.86
N LYS A 70 17.71 -19.79 -9.74
CA LYS A 70 18.72 -20.74 -10.15
C LYS A 70 19.95 -20.65 -9.24
N LYS A 71 20.33 -19.44 -8.90
CA LYS A 71 21.57 -19.21 -8.16
C LYS A 71 21.36 -18.09 -7.15
N THR A 72 22.18 -18.10 -6.09
CA THR A 72 22.11 -17.07 -5.05
C THR A 72 22.07 -15.67 -5.64
N THR A 73 20.90 -15.06 -5.55
CA THR A 73 20.68 -13.71 -6.02
C THR A 73 19.72 -13.01 -5.05
N THR A 74 20.07 -11.78 -4.64
CA THR A 74 19.30 -11.07 -3.63
C THR A 74 17.84 -10.88 -4.04
N PRO A 75 16.91 -11.15 -3.11
CA PRO A 75 15.48 -10.99 -3.36
C PRO A 75 15.08 -9.54 -3.55
N LYS A 76 14.15 -9.33 -4.45
CA LYS A 76 13.71 -7.99 -4.80
C LYS A 76 12.28 -7.75 -4.35
N SER A 77 11.89 -6.50 -4.36
CA SER A 77 10.51 -6.14 -4.08
C SER A 77 9.89 -5.49 -5.32
N SER A 78 9.06 -6.26 -6.01
CA SER A 78 8.43 -5.78 -7.21
C SER A 78 7.30 -4.85 -6.84
N GLN A 79 7.57 -3.55 -6.92
CA GLN A 79 6.61 -2.56 -6.50
C GLN A 79 5.81 -2.10 -7.72
N ARG A 80 4.50 -2.06 -7.59
CA ARG A 80 3.62 -1.71 -8.68
C ARG A 80 2.60 -0.71 -8.20
N VAL A 81 2.30 0.32 -8.97
CA VAL A 81 1.42 1.38 -8.48
C VAL A 81 -0.02 1.19 -8.95
N LEU A 82 -0.95 1.40 -8.05
CA LEU A 82 -2.37 1.17 -8.28
C LEU A 82 -3.06 2.44 -8.73
N LEU A 83 -4.29 2.26 -9.19
CA LEU A 83 -5.15 3.39 -9.51
C LEU A 83 -6.24 3.48 -8.45
N ASP A 84 -7.20 4.39 -8.65
CA ASP A 84 -8.31 4.58 -7.72
C ASP A 84 -8.93 3.24 -7.32
N GLN A 85 -9.33 2.44 -8.30
CA GLN A 85 -9.93 1.16 -8.01
C GLN A 85 -9.21 0.01 -8.72
N GLU A 86 -7.98 -0.25 -8.30
CA GLU A 86 -7.31 -1.50 -8.65
C GLU A 86 -7.85 -2.62 -7.77
N CYS A 87 -8.36 -2.21 -6.60
CA CYS A 87 -8.82 -3.11 -5.56
C CYS A 87 -7.63 -3.73 -4.83
N VAL A 88 -7.56 -3.52 -3.52
CA VAL A 88 -6.39 -3.92 -2.73
C VAL A 88 -6.39 -5.42 -2.53
N PHE A 89 -7.56 -5.97 -2.28
CA PHE A 89 -7.66 -7.41 -2.06
C PHE A 89 -7.49 -8.13 -3.39
N GLN A 90 -7.95 -7.47 -4.45
CA GLN A 90 -7.76 -7.94 -5.80
C GLN A 90 -6.29 -7.84 -6.22
N ALA A 91 -5.61 -6.81 -5.72
CA ALA A 91 -4.20 -6.63 -5.99
C ALA A 91 -3.39 -7.67 -5.24
N GLN A 92 -3.75 -7.89 -3.98
CA GLN A 92 -3.08 -8.85 -3.14
C GLN A 92 -3.21 -10.27 -3.71
N SER A 93 -4.29 -10.53 -4.42
CA SER A 93 -4.51 -11.84 -5.01
C SER A 93 -3.74 -11.99 -6.32
N LYS A 94 -3.10 -10.90 -6.76
CA LYS A 94 -2.25 -10.93 -7.94
C LYS A 94 -0.85 -11.39 -7.57
N TRP A 95 -0.52 -11.20 -6.29
CA TRP A 95 0.85 -11.38 -5.81
C TRP A 95 1.36 -12.79 -5.97
N LYS A 96 2.66 -12.87 -6.19
CA LYS A 96 3.34 -14.15 -6.30
C LYS A 96 4.53 -14.15 -5.34
N GLY A 97 4.43 -13.26 -4.38
CA GLY A 97 5.42 -13.11 -3.34
C GLY A 97 4.81 -12.37 -2.18
N ALA A 98 5.51 -12.31 -1.05
CA ALA A 98 4.95 -11.67 0.13
C ALA A 98 5.35 -10.20 0.19
N GLY A 99 4.45 -9.32 -0.25
CA GLY A 99 4.78 -7.92 -0.26
C GLY A 99 4.00 -7.14 0.76
N LYS A 100 3.77 -5.86 0.47
CA LYS A 100 2.97 -4.98 1.29
C LYS A 100 2.41 -3.90 0.41
N PHE A 101 1.31 -3.31 0.79
CA PHE A 101 0.82 -2.16 0.09
C PHE A 101 1.50 -0.91 0.65
N ILE A 102 2.11 -0.12 -0.21
CA ILE A 102 2.88 1.04 0.24
C ILE A 102 2.09 2.32 0.03
N LEU A 103 1.90 3.09 1.09
CA LEU A 103 1.21 4.36 1.00
C LEU A 103 2.17 5.44 0.52
N LYS A 104 2.03 5.84 -0.73
CA LYS A 104 2.90 6.85 -1.31
C LYS A 104 2.06 7.97 -1.89
N LEU A 105 2.70 9.06 -2.29
CA LEU A 105 1.99 10.13 -2.95
C LEU A 105 2.03 9.93 -4.44
N LYS A 106 1.14 10.60 -5.14
CA LYS A 106 1.14 10.58 -6.59
C LYS A 106 1.99 11.71 -7.12
N GLU A 107 2.41 12.56 -6.20
CA GLU A 107 3.43 13.55 -6.47
C GLU A 107 4.80 12.92 -6.30
N GLN A 108 4.82 11.75 -5.66
CA GLN A 108 6.04 11.00 -5.46
C GLN A 108 6.04 9.86 -6.45
N VAL A 109 4.87 9.31 -6.67
CA VAL A 109 4.62 8.42 -7.78
C VAL A 109 4.18 9.24 -8.98
N GLN A 110 5.15 9.86 -9.61
CA GLN A 110 4.92 10.64 -10.81
C GLN A 110 5.79 10.07 -11.91
N ALA A 111 5.90 10.79 -13.01
CA ALA A 111 6.87 10.41 -14.00
C ALA A 111 8.25 10.80 -13.50
N SER A 112 8.80 9.95 -12.64
CA SER A 112 10.02 10.23 -11.91
C SER A 112 11.23 10.44 -12.82
N ARG A 113 11.45 11.69 -13.18
CA ARG A 113 12.67 12.09 -13.83
C ARG A 113 13.68 12.50 -12.79
N GLU A 114 14.56 11.56 -12.44
CA GLU A 114 15.54 11.72 -11.36
C GLU A 114 14.87 11.60 -9.99
N ASP A 115 13.70 12.23 -9.85
CA ASP A 115 12.93 12.16 -8.61
C ASP A 115 11.53 12.74 -8.83
N LYS A 116 10.63 12.52 -7.88
CA LYS A 116 9.26 13.05 -7.95
C LYS A 116 8.55 12.60 -9.21
N SER A 1 -21.71 -6.93 -0.30
CA SER A 1 -20.72 -6.56 0.74
C SER A 1 -21.36 -6.60 2.11
N SER A 2 -20.55 -6.88 3.12
CA SER A 2 -21.04 -6.99 4.48
C SER A 2 -19.99 -6.42 5.44
N GLU A 3 -20.13 -6.71 6.73
CA GLU A 3 -19.14 -6.31 7.71
C GLU A 3 -18.46 -7.54 8.28
N GLU A 4 -18.75 -8.68 7.68
CA GLU A 4 -18.08 -9.94 8.03
C GLU A 4 -16.82 -10.11 7.20
N GLU A 5 -16.58 -9.12 6.37
CA GLU A 5 -15.48 -9.17 5.43
C GLU A 5 -14.32 -8.29 5.89
N SER A 6 -13.25 -8.92 6.27
CA SER A 6 -12.07 -8.20 6.71
C SER A 6 -10.82 -9.02 6.40
N PHE A 7 -9.79 -8.34 5.95
CA PHE A 7 -8.54 -8.97 5.62
C PHE A 7 -7.40 -8.12 6.17
N PHE A 8 -6.28 -8.74 6.46
CA PHE A 8 -5.17 -8.03 7.08
C PHE A 8 -4.25 -7.42 6.04
N VAL A 9 -3.95 -6.13 6.21
CA VAL A 9 -3.06 -5.42 5.31
C VAL A 9 -1.80 -5.01 6.04
N GLN A 10 -0.67 -5.28 5.45
CA GLN A 10 0.53 -4.62 5.85
C GLN A 10 0.81 -3.51 4.84
N VAL A 11 0.62 -2.28 5.26
CA VAL A 11 0.85 -1.15 4.39
C VAL A 11 1.87 -0.20 4.98
N HIS A 12 3.02 -0.11 4.31
CA HIS A 12 4.12 0.72 4.78
C HIS A 12 3.73 2.19 4.69
N ASP A 13 4.20 2.98 5.66
CA ASP A 13 4.00 4.42 5.63
C ASP A 13 5.36 5.12 5.61
N VAL A 14 5.37 6.41 5.30
CA VAL A 14 6.62 7.16 5.21
C VAL A 14 7.11 7.55 6.60
N SER A 15 6.18 7.63 7.54
CA SER A 15 6.47 8.06 8.90
C SER A 15 7.13 6.93 9.71
N PRO A 16 7.79 7.29 10.83
CA PRO A 16 8.45 6.32 11.71
C PRO A 16 7.47 5.61 12.63
N GLU A 17 7.89 5.37 13.88
CA GLU A 17 7.13 4.58 14.85
C GLU A 17 7.17 3.11 14.44
N GLN A 18 6.52 2.81 13.35
CA GLN A 18 6.55 1.49 12.73
C GLN A 18 6.35 1.66 11.23
N PRO A 19 7.43 1.50 10.45
CA PRO A 19 7.42 1.76 9.00
C PRO A 19 6.40 0.89 8.26
N LEU A 20 6.01 -0.21 8.86
CA LEU A 20 5.00 -1.09 8.29
C LEU A 20 3.70 -1.00 9.07
N THR A 21 2.71 -0.33 8.49
CA THR A 21 1.44 -0.19 9.16
C THR A 21 0.58 -1.43 8.96
N VAL A 22 0.38 -2.20 10.02
CA VAL A 22 -0.44 -3.40 9.93
C VAL A 22 -1.89 -3.07 10.33
N ILE A 23 -2.79 -3.12 9.37
CA ILE A 23 -4.19 -2.81 9.59
C ILE A 23 -5.08 -3.96 9.16
N LYS A 24 -6.37 -3.80 9.41
CA LYS A 24 -7.36 -4.74 8.91
C LYS A 24 -8.39 -3.99 8.09
N ALA A 25 -8.38 -4.21 6.79
CA ALA A 25 -9.25 -3.52 5.86
C ALA A 25 -10.27 -4.48 5.31
N PRO A 26 -11.28 -3.98 4.62
CA PRO A 26 -12.31 -4.82 4.06
C PRO A 26 -11.81 -5.57 2.85
N ARG A 27 -12.24 -6.83 2.71
CA ARG A 27 -11.75 -7.70 1.64
C ARG A 27 -12.14 -7.16 0.25
N VAL A 28 -12.86 -6.05 0.24
CA VAL A 28 -13.23 -5.38 -0.99
C VAL A 28 -12.53 -4.01 -1.09
N SER A 29 -11.83 -3.59 -0.02
CA SER A 29 -11.11 -2.32 -0.03
C SER A 29 -10.22 -2.19 -1.26
N THR A 30 -10.20 -0.98 -1.82
CA THR A 30 -9.32 -0.68 -2.92
C THR A 30 -8.36 0.41 -2.51
N ALA A 31 -7.41 0.72 -3.38
CA ALA A 31 -6.33 1.62 -3.04
C ALA A 31 -6.86 2.90 -2.43
N GLN A 32 -7.79 3.56 -3.10
CA GLN A 32 -8.34 4.81 -2.60
C GLN A 32 -8.92 4.64 -1.18
N ASP A 33 -9.48 3.48 -0.89
CA ASP A 33 -10.14 3.26 0.41
C ASP A 33 -9.10 3.06 1.49
N VAL A 34 -8.21 2.13 1.23
CA VAL A 34 -7.12 1.80 2.13
C VAL A 34 -6.18 2.99 2.29
N ILE A 35 -6.13 3.83 1.25
CA ILE A 35 -5.43 5.10 1.29
C ILE A 35 -5.97 5.94 2.46
N GLN A 36 -7.27 6.20 2.45
CA GLN A 36 -7.94 6.98 3.49
C GLN A 36 -7.92 6.25 4.83
N GLN A 37 -8.02 4.92 4.79
CA GLN A 37 -7.95 4.14 5.99
C GLN A 37 -6.63 4.37 6.71
N THR A 38 -5.54 4.41 5.95
CA THR A 38 -4.23 4.69 6.53
C THR A 38 -4.16 6.14 7.02
N LEU A 39 -4.84 7.03 6.30
CA LEU A 39 -5.01 8.41 6.73
C LEU A 39 -5.61 8.47 8.13
N CYS A 40 -6.75 7.81 8.30
CA CYS A 40 -7.44 7.74 9.57
C CYS A 40 -6.61 7.01 10.62
N LYS A 41 -5.88 6.01 10.16
CA LYS A 41 -5.01 5.22 11.03
C LYS A 41 -3.89 6.07 11.60
N ALA A 42 -3.36 6.98 10.80
CA ALA A 42 -2.17 7.74 11.16
C ALA A 42 -2.48 9.18 11.54
N LYS A 43 -3.77 9.48 11.81
CA LYS A 43 -4.16 10.82 12.23
C LYS A 43 -3.44 11.22 13.51
N TYR A 44 -2.47 12.13 13.37
CA TYR A 44 -1.61 12.60 14.48
C TYR A 44 -0.64 11.49 14.91
N SER A 45 -1.09 10.25 14.83
CA SER A 45 -0.30 9.06 15.18
C SER A 45 1.06 9.09 14.50
N TYR A 46 1.04 9.03 13.17
CA TYR A 46 2.24 9.16 12.37
C TYR A 46 2.38 10.60 11.90
N SER A 47 1.67 11.48 12.62
CA SER A 47 1.55 12.88 12.26
C SER A 47 1.18 13.07 10.80
N ILE A 48 0.31 12.19 10.30
CA ILE A 48 -0.21 12.31 8.96
C ILE A 48 -1.42 13.24 8.96
N LEU A 49 -1.14 14.54 9.04
CA LEU A 49 -2.17 15.56 9.03
C LEU A 49 -1.93 16.54 7.88
N SER A 50 -0.72 16.50 7.33
CA SER A 50 -0.32 17.39 6.25
C SER A 50 -1.22 17.19 5.03
N ASN A 51 -1.49 15.94 4.70
CA ASN A 51 -2.45 15.62 3.66
C ASN A 51 -3.56 14.76 4.24
N PRO A 52 -4.66 15.39 4.68
CA PRO A 52 -5.85 14.69 5.16
C PRO A 52 -6.72 14.26 3.99
N ASN A 53 -6.27 14.59 2.79
CA ASN A 53 -6.98 14.24 1.58
C ASN A 53 -6.38 12.99 0.95
N PRO A 54 -7.22 11.98 0.70
CA PRO A 54 -6.78 10.69 0.19
C PRO A 54 -6.57 10.71 -1.32
N SER A 55 -6.75 11.88 -1.89
CA SER A 55 -6.65 12.07 -3.33
C SER A 55 -5.21 12.27 -3.78
N ASP A 56 -4.37 12.78 -2.89
CA ASP A 56 -3.00 13.15 -3.24
C ASP A 56 -2.05 11.99 -3.02
N TYR A 57 -2.61 10.84 -2.68
CA TYR A 57 -1.82 9.64 -2.47
C TYR A 57 -2.11 8.62 -3.56
N VAL A 58 -1.20 7.69 -3.71
CA VAL A 58 -1.42 6.49 -4.52
C VAL A 58 -0.81 5.30 -3.82
N LEU A 59 -1.52 4.20 -3.80
CA LEU A 59 -1.04 3.02 -3.11
C LEU A 59 -0.21 2.15 -4.05
N LEU A 60 0.86 1.60 -3.53
CA LEU A 60 1.73 0.71 -4.29
C LEU A 60 1.43 -0.74 -3.91
N GLU A 61 1.21 -1.57 -4.89
CA GLU A 61 1.14 -3.00 -4.65
C GLU A 61 2.53 -3.59 -4.84
N GLU A 62 3.35 -3.53 -3.82
CA GLU A 62 4.64 -4.13 -3.91
C GLU A 62 4.55 -5.58 -3.53
N VAL A 63 4.93 -6.43 -4.45
CA VAL A 63 5.01 -7.85 -4.17
C VAL A 63 6.47 -8.24 -3.99
N VAL A 64 6.84 -8.45 -2.74
CA VAL A 64 8.20 -8.86 -2.40
C VAL A 64 8.50 -10.21 -2.99
N LYS A 65 9.31 -10.22 -4.04
CA LYS A 65 9.66 -11.44 -4.72
C LYS A 65 11.06 -11.88 -4.34
N ASP A 66 11.14 -12.70 -3.33
CA ASP A 66 12.41 -13.31 -2.96
C ASP A 66 12.69 -14.47 -3.90
N THR A 67 13.94 -14.58 -4.34
CA THR A 67 14.30 -15.63 -5.26
C THR A 67 15.79 -15.91 -5.16
N THR A 68 16.16 -17.17 -5.38
CA THR A 68 17.55 -17.58 -5.37
C THR A 68 17.72 -18.75 -6.34
N ASN A 69 16.97 -19.82 -6.07
CA ASN A 69 16.94 -21.02 -6.92
C ASN A 69 18.32 -21.63 -7.11
N LYS A 70 19.05 -21.11 -8.08
CA LYS A 70 20.28 -21.72 -8.55
C LYS A 70 21.48 -21.27 -7.72
N LYS A 71 21.78 -19.98 -7.77
CA LYS A 71 22.95 -19.44 -7.09
C LYS A 71 22.52 -18.32 -6.15
N THR A 72 23.39 -17.99 -5.19
CA THR A 72 23.11 -16.96 -4.20
C THR A 72 22.63 -15.66 -4.84
N THR A 73 21.35 -15.37 -4.67
CA THR A 73 20.74 -14.19 -5.24
C THR A 73 19.95 -13.47 -4.16
N THR A 74 20.03 -12.14 -4.14
CA THR A 74 19.38 -11.35 -3.11
C THR A 74 17.88 -11.23 -3.37
N PRO A 75 17.08 -11.30 -2.30
CA PRO A 75 15.63 -11.13 -2.36
C PRO A 75 15.26 -9.75 -2.87
N LYS A 76 14.14 -9.67 -3.58
CA LYS A 76 13.75 -8.46 -4.27
C LYS A 76 12.32 -8.09 -3.94
N SER A 77 11.88 -6.96 -4.45
CA SER A 77 10.50 -6.54 -4.30
C SER A 77 10.02 -5.89 -5.59
N SER A 78 8.99 -6.46 -6.18
CA SER A 78 8.43 -5.92 -7.41
C SER A 78 7.32 -4.94 -7.05
N GLN A 79 7.63 -3.65 -7.13
CA GLN A 79 6.68 -2.64 -6.71
C GLN A 79 5.87 -2.14 -7.91
N ARG A 80 4.55 -2.09 -7.75
CA ARG A 80 3.67 -1.61 -8.80
C ARG A 80 2.78 -0.53 -8.21
N VAL A 81 2.32 0.42 -9.01
CA VAL A 81 1.44 1.46 -8.48
C VAL A 81 0.02 1.25 -8.97
N LEU A 82 -0.94 1.48 -8.08
CA LEU A 82 -2.35 1.21 -8.35
C LEU A 82 -3.05 2.45 -8.87
N LEU A 83 -4.23 2.22 -9.41
CA LEU A 83 -5.14 3.30 -9.72
C LEU A 83 -6.14 3.46 -8.58
N ASP A 84 -7.11 4.33 -8.77
CA ASP A 84 -8.14 4.56 -7.76
C ASP A 84 -8.80 3.24 -7.34
N GLN A 85 -9.24 2.48 -8.33
CA GLN A 85 -9.95 1.25 -8.07
C GLN A 85 -9.33 0.04 -8.77
N GLU A 86 -8.03 -0.20 -8.53
CA GLU A 86 -7.42 -1.48 -8.90
C GLU A 86 -7.91 -2.56 -7.94
N CYS A 87 -8.34 -2.09 -6.76
CA CYS A 87 -8.78 -2.94 -5.66
C CYS A 87 -7.59 -3.59 -4.96
N VAL A 88 -7.58 -3.52 -3.63
CA VAL A 88 -6.46 -4.00 -2.84
C VAL A 88 -6.46 -5.50 -2.79
N PHE A 89 -7.63 -6.07 -2.59
CA PHE A 89 -7.75 -7.51 -2.51
C PHE A 89 -7.58 -8.10 -3.91
N GLN A 90 -8.04 -7.35 -4.90
CA GLN A 90 -7.85 -7.72 -6.29
C GLN A 90 -6.37 -7.62 -6.69
N ALA A 91 -5.68 -6.62 -6.14
CA ALA A 91 -4.25 -6.44 -6.38
C ALA A 91 -3.46 -7.56 -5.71
N GLN A 92 -3.82 -7.84 -4.46
CA GLN A 92 -3.13 -8.82 -3.67
C GLN A 92 -3.22 -10.22 -4.28
N SER A 93 -4.33 -10.50 -4.97
CA SER A 93 -4.52 -11.80 -5.59
C SER A 93 -3.70 -11.94 -6.87
N LYS A 94 -3.23 -10.81 -7.40
CA LYS A 94 -2.38 -10.80 -8.59
C LYS A 94 -0.97 -11.27 -8.22
N TRP A 95 -0.62 -11.04 -6.96
CA TRP A 95 0.74 -11.20 -6.47
C TRP A 95 1.32 -12.58 -6.74
N LYS A 96 2.62 -12.58 -7.01
CA LYS A 96 3.37 -13.80 -7.29
C LYS A 96 4.28 -14.10 -6.11
N GLY A 97 4.01 -13.42 -5.00
CA GLY A 97 4.80 -13.56 -3.81
C GLY A 97 4.13 -12.84 -2.67
N ALA A 98 4.84 -12.63 -1.57
CA ALA A 98 4.27 -11.93 -0.42
C ALA A 98 4.85 -10.53 -0.29
N GLY A 99 4.05 -9.53 -0.60
CA GLY A 99 4.50 -8.16 -0.52
C GLY A 99 3.74 -7.36 0.51
N LYS A 100 3.57 -6.09 0.24
CA LYS A 100 2.75 -5.20 1.06
C LYS A 100 2.23 -4.10 0.18
N PHE A 101 1.18 -3.45 0.62
CA PHE A 101 0.75 -2.25 -0.05
C PHE A 101 1.46 -1.05 0.58
N ILE A 102 2.15 -0.28 -0.24
CA ILE A 102 2.96 0.83 0.26
C ILE A 102 2.24 2.15 0.02
N LEU A 103 2.00 2.89 1.09
CA LEU A 103 1.32 4.17 1.00
C LEU A 103 2.29 5.25 0.53
N LYS A 104 2.08 5.75 -0.67
CA LYS A 104 2.95 6.78 -1.22
C LYS A 104 2.10 7.92 -1.78
N LEU A 105 2.73 9.03 -2.11
CA LEU A 105 2.01 10.13 -2.72
C LEU A 105 2.06 10.01 -4.22
N LYS A 106 1.16 10.69 -4.90
CA LYS A 106 1.20 10.74 -6.34
C LYS A 106 2.07 11.91 -6.79
N GLU A 107 2.42 12.74 -5.82
CA GLU A 107 3.47 13.74 -6.01
C GLU A 107 4.83 13.08 -5.87
N GLN A 108 4.81 11.83 -5.40
CA GLN A 108 6.01 11.05 -5.21
C GLN A 108 6.06 9.99 -6.29
N VAL A 109 4.89 9.44 -6.57
CA VAL A 109 4.68 8.57 -7.71
C VAL A 109 4.05 9.36 -8.84
N GLN A 110 4.90 9.91 -9.70
CA GLN A 110 4.43 10.73 -10.80
C GLN A 110 5.07 10.30 -12.10
N ALA A 111 6.29 10.74 -12.22
CA ALA A 111 7.13 10.47 -13.36
C ALA A 111 8.53 10.91 -13.01
N SER A 112 9.07 10.25 -12.00
CA SER A 112 10.35 10.59 -11.42
C SER A 112 11.46 10.67 -12.46
N ARG A 113 11.83 11.89 -12.80
CA ARG A 113 12.94 12.13 -13.71
C ARG A 113 14.22 12.23 -12.91
N GLU A 114 14.93 11.11 -12.80
CA GLU A 114 16.10 10.96 -11.93
C GLU A 114 15.67 10.94 -10.47
N ASP A 115 14.98 11.98 -10.05
CA ASP A 115 14.42 12.06 -8.71
C ASP A 115 13.39 13.18 -8.65
N LYS A 116 12.33 12.96 -7.88
CA LYS A 116 11.24 13.93 -7.74
C LYS A 116 10.54 14.17 -9.07
N SER A 1 -21.64 -3.73 0.62
CA SER A 1 -20.56 -4.54 1.21
C SER A 1 -21.01 -5.20 2.51
N SER A 2 -20.34 -6.27 2.90
CA SER A 2 -20.68 -6.98 4.11
C SER A 2 -20.03 -6.30 5.32
N GLU A 3 -20.42 -6.72 6.52
CA GLU A 3 -19.82 -6.18 7.73
C GLU A 3 -18.79 -7.14 8.27
N GLU A 4 -18.84 -8.38 7.80
CA GLU A 4 -17.92 -9.42 8.27
C GLU A 4 -16.76 -9.61 7.32
N GLU A 5 -16.60 -8.68 6.40
CA GLU A 5 -15.55 -8.78 5.40
C GLU A 5 -14.38 -7.85 5.74
N SER A 6 -13.27 -8.44 6.14
CA SER A 6 -12.05 -7.69 6.36
C SER A 6 -10.85 -8.61 6.23
N PHE A 7 -9.88 -8.17 5.46
CA PHE A 7 -8.65 -8.88 5.27
C PHE A 7 -7.52 -8.07 5.87
N PHE A 8 -6.43 -8.71 6.21
CA PHE A 8 -5.33 -8.02 6.88
C PHE A 8 -4.38 -7.40 5.87
N VAL A 9 -4.01 -6.15 6.10
CA VAL A 9 -3.11 -5.46 5.20
C VAL A 9 -1.85 -5.06 5.93
N GLN A 10 -0.71 -5.38 5.37
CA GLN A 10 0.51 -4.76 5.78
C GLN A 10 0.80 -3.62 4.81
N VAL A 11 0.63 -2.40 5.28
CA VAL A 11 0.90 -1.24 4.46
C VAL A 11 1.93 -0.34 5.13
N HIS A 12 3.05 -0.15 4.46
CA HIS A 12 4.14 0.65 5.01
C HIS A 12 3.82 2.14 4.92
N ASP A 13 4.18 2.87 5.95
CA ASP A 13 4.11 4.33 5.92
C ASP A 13 5.53 4.88 5.80
N VAL A 14 5.65 6.16 5.50
CA VAL A 14 6.96 6.78 5.29
C VAL A 14 7.49 7.36 6.60
N SER A 15 6.62 7.46 7.58
CA SER A 15 6.97 8.08 8.85
C SER A 15 7.30 7.02 9.92
N PRO A 16 8.07 7.42 10.93
CA PRO A 16 8.46 6.53 12.02
C PRO A 16 7.42 6.48 13.14
N GLU A 17 7.23 5.26 13.65
CA GLU A 17 6.25 4.93 14.69
C GLU A 17 6.09 3.43 14.68
N GLN A 18 5.58 2.95 13.56
CA GLN A 18 5.55 1.54 13.23
C GLN A 18 5.59 1.44 11.72
N PRO A 19 6.80 1.49 11.13
CA PRO A 19 6.99 1.63 9.68
C PRO A 19 6.09 0.71 8.86
N LEU A 20 5.94 -0.53 9.32
CA LEU A 20 4.98 -1.43 8.71
C LEU A 20 3.64 -1.29 9.39
N THR A 21 2.71 -0.60 8.75
CA THR A 21 1.40 -0.41 9.32
C THR A 21 0.52 -1.62 9.02
N VAL A 22 0.25 -2.42 10.05
CA VAL A 22 -0.59 -3.60 9.87
C VAL A 22 -2.03 -3.26 10.24
N ILE A 23 -2.90 -3.25 9.26
CA ILE A 23 -4.29 -2.90 9.46
C ILE A 23 -5.22 -4.03 9.06
N LYS A 24 -6.50 -3.85 9.30
CA LYS A 24 -7.52 -4.74 8.79
C LYS A 24 -8.49 -3.92 7.96
N ALA A 25 -8.62 -4.27 6.70
CA ALA A 25 -9.36 -3.48 5.75
C ALA A 25 -10.37 -4.35 5.06
N PRO A 26 -11.31 -3.78 4.34
CA PRO A 26 -12.37 -4.55 3.72
C PRO A 26 -11.84 -5.45 2.62
N ARG A 27 -12.34 -6.67 2.55
CA ARG A 27 -11.88 -7.65 1.57
C ARG A 27 -12.25 -7.20 0.15
N VAL A 28 -12.93 -6.05 0.06
CA VAL A 28 -13.25 -5.43 -1.21
C VAL A 28 -12.49 -4.12 -1.39
N SER A 29 -11.81 -3.66 -0.33
CA SER A 29 -11.09 -2.37 -0.33
C SER A 29 -10.24 -2.20 -1.58
N THR A 30 -10.25 -0.98 -2.09
CA THR A 30 -9.37 -0.59 -3.17
C THR A 30 -8.44 0.50 -2.68
N ALA A 31 -7.50 0.88 -3.53
CA ALA A 31 -6.43 1.79 -3.14
C ALA A 31 -6.98 3.02 -2.44
N GLN A 32 -7.94 3.68 -3.04
CA GLN A 32 -8.49 4.90 -2.45
C GLN A 32 -9.04 4.64 -1.04
N ASP A 33 -9.61 3.47 -0.81
CA ASP A 33 -10.23 3.19 0.49
C ASP A 33 -9.15 3.01 1.54
N VAL A 34 -8.24 2.13 1.22
CA VAL A 34 -7.11 1.81 2.07
C VAL A 34 -6.19 3.03 2.23
N ILE A 35 -6.20 3.89 1.20
CA ILE A 35 -5.46 5.14 1.24
C ILE A 35 -5.89 5.98 2.45
N GLN A 36 -7.17 6.30 2.52
CA GLN A 36 -7.70 7.16 3.57
C GLN A 36 -7.77 6.39 4.89
N GLN A 37 -8.02 5.09 4.81
CA GLN A 37 -7.99 4.25 5.99
C GLN A 37 -6.63 4.33 6.67
N THR A 38 -5.57 4.30 5.87
CA THR A 38 -4.23 4.47 6.38
C THR A 38 -4.05 5.88 6.95
N LEU A 39 -4.64 6.86 6.27
CA LEU A 39 -4.67 8.24 6.76
C LEU A 39 -5.24 8.30 8.18
N CYS A 40 -6.32 7.57 8.41
CA CYS A 40 -6.96 7.48 9.71
C CYS A 40 -6.01 6.84 10.74
N LYS A 41 -5.20 5.91 10.27
CA LYS A 41 -4.28 5.17 11.11
C LYS A 41 -3.00 5.98 11.38
N ALA A 42 -2.73 6.95 10.52
CA ALA A 42 -1.47 7.70 10.57
C ALA A 42 -1.65 9.11 11.12
N LYS A 43 -2.89 9.55 11.28
CA LYS A 43 -3.15 10.89 11.81
C LYS A 43 -2.56 11.05 13.21
N TYR A 44 -1.56 11.93 13.30
CA TYR A 44 -0.79 12.18 14.54
C TYR A 44 0.12 10.98 14.87
N SER A 45 -0.44 9.78 14.74
CA SER A 45 0.28 8.52 14.94
C SER A 45 1.64 8.55 14.25
N TYR A 46 1.62 8.72 12.94
CA TYR A 46 2.83 8.83 12.15
C TYR A 46 3.06 10.29 11.81
N SER A 47 2.40 11.15 12.58
CA SER A 47 2.35 12.59 12.35
C SER A 47 2.00 12.90 10.89
N ILE A 48 1.13 12.08 10.32
CA ILE A 48 0.59 12.33 9.00
C ILE A 48 -0.59 13.30 9.13
N LEU A 49 -0.27 14.57 9.28
CA LEU A 49 -1.30 15.61 9.40
C LEU A 49 -1.13 16.65 8.30
N SER A 50 0.02 16.60 7.63
CA SER A 50 0.31 17.54 6.55
C SER A 50 -0.61 17.29 5.37
N ASN A 51 -0.75 16.03 5.00
CA ASN A 51 -1.69 15.64 3.96
C ASN A 51 -2.70 14.63 4.49
N PRO A 52 -3.79 15.13 5.06
CA PRO A 52 -4.90 14.30 5.54
C PRO A 52 -5.93 14.05 4.44
N ASN A 53 -5.59 14.47 3.24
CA ASN A 53 -6.47 14.32 2.08
C ASN A 53 -6.03 13.12 1.25
N PRO A 54 -6.97 12.22 0.96
CA PRO A 54 -6.68 10.96 0.25
C PRO A 54 -6.58 11.13 -1.27
N SER A 55 -6.65 12.36 -1.73
CA SER A 55 -6.67 12.65 -3.14
C SER A 55 -5.27 12.59 -3.76
N ASP A 56 -4.26 13.01 -2.99
CA ASP A 56 -2.90 13.13 -3.51
C ASP A 56 -2.09 11.86 -3.27
N TYR A 57 -2.76 10.80 -2.86
CA TYR A 57 -2.07 9.56 -2.51
C TYR A 57 -2.42 8.46 -3.49
N VAL A 58 -1.49 7.53 -3.65
CA VAL A 58 -1.71 6.29 -4.39
C VAL A 58 -1.06 5.16 -3.63
N LEU A 59 -1.70 4.00 -3.64
CA LEU A 59 -1.16 2.86 -2.95
C LEU A 59 -0.35 2.00 -3.92
N LEU A 60 0.74 1.45 -3.43
CA LEU A 60 1.62 0.62 -4.23
C LEU A 60 1.45 -0.83 -3.83
N GLU A 61 1.15 -1.71 -4.76
CA GLU A 61 1.16 -3.12 -4.47
C GLU A 61 2.58 -3.66 -4.72
N GLU A 62 3.42 -3.54 -3.72
CA GLU A 62 4.73 -4.07 -3.81
C GLU A 62 4.71 -5.52 -3.37
N VAL A 63 5.14 -6.39 -4.25
CA VAL A 63 5.25 -7.80 -3.93
C VAL A 63 6.72 -8.22 -3.84
N VAL A 64 7.15 -8.54 -2.63
CA VAL A 64 8.53 -8.98 -2.39
C VAL A 64 8.78 -10.31 -3.08
N LYS A 65 9.55 -10.25 -4.14
CA LYS A 65 9.91 -11.42 -4.91
C LYS A 65 11.37 -11.78 -4.68
N ASP A 66 11.59 -12.67 -3.73
CA ASP A 66 12.93 -13.21 -3.53
C ASP A 66 13.17 -14.32 -4.54
N THR A 67 14.37 -14.39 -5.08
CA THR A 67 14.64 -15.30 -6.18
C THR A 67 16.01 -15.95 -6.06
N THR A 68 16.37 -16.33 -4.85
CA THR A 68 17.61 -17.05 -4.61
C THR A 68 17.58 -18.37 -5.40
N ASN A 69 16.58 -19.19 -5.10
CA ASN A 69 16.29 -20.42 -5.84
C ASN A 69 17.45 -21.41 -5.81
N LYS A 70 18.42 -21.16 -6.68
CA LYS A 70 19.46 -22.12 -6.97
C LYS A 70 20.81 -21.66 -6.43
N LYS A 71 21.04 -20.36 -6.49
CA LYS A 71 22.31 -19.77 -6.06
C LYS A 71 22.04 -18.50 -5.29
N THR A 72 22.98 -18.11 -4.42
CA THR A 72 22.84 -16.89 -3.63
C THR A 72 22.48 -15.69 -4.50
N THR A 73 21.20 -15.37 -4.52
CA THR A 73 20.68 -14.26 -5.29
C THR A 73 19.91 -13.34 -4.37
N THR A 74 20.16 -12.04 -4.49
CA THR A 74 19.54 -11.08 -3.59
C THR A 74 18.06 -10.92 -3.89
N PRO A 75 17.22 -10.91 -2.84
CA PRO A 75 15.77 -10.73 -2.97
C PRO A 75 15.41 -9.38 -3.56
N LYS A 76 14.20 -9.28 -4.06
CA LYS A 76 13.75 -8.10 -4.76
C LYS A 76 12.34 -7.69 -4.33
N SER A 77 11.96 -6.48 -4.68
CA SER A 77 10.64 -5.97 -4.34
C SER A 77 9.97 -5.40 -5.58
N SER A 78 9.02 -6.14 -6.14
CA SER A 78 8.33 -5.69 -7.32
C SER A 78 7.22 -4.72 -6.93
N GLN A 79 7.49 -3.43 -7.07
CA GLN A 79 6.53 -2.43 -6.66
C GLN A 79 5.66 -2.03 -7.85
N ARG A 80 4.36 -2.02 -7.63
CA ARG A 80 3.40 -1.64 -8.64
C ARG A 80 2.51 -0.54 -8.08
N VAL A 81 1.99 0.36 -8.91
CA VAL A 81 1.12 1.40 -8.41
C VAL A 81 -0.32 1.14 -8.80
N LEU A 82 -1.24 1.48 -7.92
CA LEU A 82 -2.66 1.18 -8.12
C LEU A 82 -3.43 2.41 -8.57
N LEU A 83 -4.47 2.15 -9.35
CA LEU A 83 -5.42 3.18 -9.71
C LEU A 83 -6.44 3.33 -8.58
N ASP A 84 -7.29 4.35 -8.68
CA ASP A 84 -8.31 4.61 -7.67
C ASP A 84 -9.06 3.34 -7.31
N GLN A 85 -9.52 2.63 -8.33
CA GLN A 85 -10.32 1.44 -8.14
C GLN A 85 -9.64 0.19 -8.74
N GLU A 86 -8.32 0.08 -8.60
CA GLU A 86 -7.63 -1.13 -9.02
C GLU A 86 -7.96 -2.28 -8.06
N CYS A 87 -8.39 -1.90 -6.86
CA CYS A 87 -8.79 -2.83 -5.81
C CYS A 87 -7.58 -3.50 -5.15
N VAL A 88 -7.53 -3.38 -3.83
CA VAL A 88 -6.41 -3.84 -3.04
C VAL A 88 -6.45 -5.35 -2.91
N PHE A 89 -7.65 -5.88 -2.73
CA PHE A 89 -7.79 -7.32 -2.61
C PHE A 89 -7.58 -7.96 -3.98
N GLN A 90 -8.01 -7.23 -5.00
CA GLN A 90 -7.77 -7.63 -6.39
C GLN A 90 -6.29 -7.57 -6.73
N ALA A 91 -5.58 -6.66 -6.08
CA ALA A 91 -4.14 -6.55 -6.24
C ALA A 91 -3.44 -7.66 -5.49
N GLN A 92 -3.91 -7.94 -4.28
CA GLN A 92 -3.33 -8.95 -3.42
C GLN A 92 -3.31 -10.31 -4.09
N SER A 93 -4.35 -10.61 -4.85
CA SER A 93 -4.48 -11.90 -5.52
C SER A 93 -3.51 -12.04 -6.70
N LYS A 94 -2.92 -10.91 -7.12
CA LYS A 94 -1.98 -10.91 -8.22
C LYS A 94 -0.61 -11.40 -7.77
N TRP A 95 -0.34 -11.20 -6.49
CA TRP A 95 1.00 -11.34 -5.94
C TRP A 95 1.62 -12.70 -6.19
N LYS A 96 2.91 -12.66 -6.51
CA LYS A 96 3.69 -13.86 -6.75
C LYS A 96 4.67 -14.05 -5.61
N GLY A 97 4.41 -13.31 -4.54
CA GLY A 97 5.27 -13.30 -3.39
C GLY A 97 4.61 -12.52 -2.27
N ALA A 98 5.22 -12.47 -1.10
CA ALA A 98 4.63 -11.79 0.04
C ALA A 98 5.16 -10.36 0.15
N GLY A 99 4.38 -9.41 -0.35
CA GLY A 99 4.80 -8.03 -0.30
C GLY A 99 4.02 -7.24 0.73
N LYS A 100 3.84 -5.96 0.45
CA LYS A 100 3.01 -5.08 1.27
C LYS A 100 2.43 -4.03 0.36
N PHE A 101 1.32 -3.47 0.75
CA PHE A 101 0.83 -2.29 0.07
C PHE A 101 1.51 -1.07 0.67
N ILE A 102 2.21 -0.31 -0.15
CA ILE A 102 2.98 0.82 0.33
C ILE A 102 2.26 2.13 0.06
N LEU A 103 2.08 2.94 1.10
CA LEU A 103 1.39 4.21 0.95
C LEU A 103 2.33 5.27 0.40
N LYS A 104 1.99 5.83 -0.75
CA LYS A 104 2.80 6.87 -1.36
C LYS A 104 1.90 7.95 -1.96
N LEU A 105 2.50 9.02 -2.48
CA LEU A 105 1.73 10.06 -3.12
C LEU A 105 1.76 9.86 -4.62
N LYS A 106 0.77 10.40 -5.29
CA LYS A 106 0.68 10.32 -6.73
C LYS A 106 1.37 11.52 -7.38
N GLU A 107 1.77 12.43 -6.52
CA GLU A 107 2.69 13.49 -6.91
C GLU A 107 4.13 13.05 -6.66
N GLN A 108 4.28 11.86 -6.09
CA GLN A 108 5.59 11.28 -5.89
C GLN A 108 5.74 10.13 -6.86
N VAL A 109 4.66 9.39 -7.02
CA VAL A 109 4.53 8.43 -8.09
C VAL A 109 4.00 9.14 -9.33
N GLN A 110 4.93 9.57 -10.15
CA GLN A 110 4.61 10.20 -11.41
C GLN A 110 5.68 9.82 -12.40
N ALA A 111 5.61 10.36 -13.61
CA ALA A 111 6.64 10.10 -14.59
C ALA A 111 7.86 10.98 -14.32
N SER A 112 8.25 11.04 -13.06
CA SER A 112 9.31 11.90 -12.60
C SER A 112 10.68 11.45 -13.11
N ARG A 113 11.32 12.30 -13.88
CA ARG A 113 12.64 12.00 -14.41
C ARG A 113 13.68 12.14 -13.32
N GLU A 114 14.32 11.03 -12.98
CA GLU A 114 15.25 10.95 -11.85
C GLU A 114 14.54 11.16 -10.52
N ASP A 115 14.08 12.38 -10.27
CA ASP A 115 13.29 12.67 -9.08
C ASP A 115 12.59 14.01 -9.22
N LYS A 116 11.31 14.05 -8.87
CA LYS A 116 10.47 15.24 -8.95
C LYS A 116 10.49 15.83 -10.36
N SER A 1 -19.25 -9.07 14.58
CA SER A 1 -20.51 -9.42 13.90
C SER A 1 -20.68 -8.61 12.62
N SER A 2 -20.42 -9.25 11.48
CA SER A 2 -20.54 -8.59 10.18
C SER A 2 -20.70 -9.62 9.08
N GLU A 3 -21.42 -9.26 8.02
CA GLU A 3 -21.54 -10.12 6.85
C GLU A 3 -20.32 -9.96 5.95
N GLU A 4 -19.74 -8.77 6.01
CA GLU A 4 -18.53 -8.46 5.26
C GLU A 4 -17.31 -8.98 6.00
N GLU A 5 -16.23 -9.20 5.27
CA GLU A 5 -15.02 -9.71 5.86
C GLU A 5 -13.86 -8.77 5.58
N SER A 6 -13.02 -8.56 6.58
CA SER A 6 -11.82 -7.76 6.40
C SER A 6 -10.63 -8.68 6.15
N PHE A 7 -9.78 -8.29 5.23
CA PHE A 7 -8.60 -9.03 4.91
C PHE A 7 -7.41 -8.29 5.51
N PHE A 8 -6.37 -9.00 5.87
CA PHE A 8 -5.24 -8.40 6.55
C PHE A 8 -4.31 -7.71 5.56
N VAL A 9 -4.12 -6.40 5.75
CA VAL A 9 -3.19 -5.64 4.95
C VAL A 9 -1.96 -5.29 5.75
N GLN A 10 -0.80 -5.45 5.15
CA GLN A 10 0.41 -4.88 5.67
C GLN A 10 0.89 -3.81 4.71
N VAL A 11 0.77 -2.55 5.13
CA VAL A 11 1.10 -1.43 4.26
C VAL A 11 2.00 -0.44 4.97
N HIS A 12 3.16 -0.17 4.38
CA HIS A 12 4.14 0.72 5.00
C HIS A 12 3.77 2.17 4.78
N ASP A 13 4.06 2.99 5.79
CA ASP A 13 3.92 4.44 5.68
C ASP A 13 5.26 5.10 5.98
N VAL A 14 5.38 6.38 5.68
CA VAL A 14 6.62 7.11 5.89
C VAL A 14 6.81 7.50 7.35
N SER A 15 5.84 7.16 8.18
CA SER A 15 5.92 7.46 9.60
C SER A 15 6.76 6.41 10.34
N PRO A 16 7.46 6.83 11.39
CA PRO A 16 8.13 5.93 12.32
C PRO A 16 7.14 5.37 13.33
N GLU A 17 7.64 4.64 14.32
CA GLU A 17 6.80 4.00 15.33
C GLU A 17 5.85 3.01 14.66
N GLN A 18 6.41 1.85 14.33
CA GLN A 18 5.72 0.83 13.54
C GLN A 18 5.44 1.35 12.13
N PRO A 19 6.48 1.45 11.30
CA PRO A 19 6.39 1.99 9.94
C PRO A 19 5.52 1.11 9.04
N LEU A 20 5.54 -0.19 9.31
CA LEU A 20 4.66 -1.10 8.60
C LEU A 20 3.29 -1.08 9.24
N THR A 21 2.39 -0.34 8.63
CA THR A 21 1.03 -0.25 9.11
C THR A 21 0.26 -1.52 8.80
N VAL A 22 -0.03 -2.31 9.83
CA VAL A 22 -0.85 -3.50 9.63
C VAL A 22 -2.32 -3.17 9.93
N ILE A 23 -3.14 -3.27 8.91
CA ILE A 23 -4.55 -2.94 9.03
C ILE A 23 -5.43 -4.02 8.46
N LYS A 24 -6.41 -4.46 9.22
CA LYS A 24 -7.38 -5.39 8.68
C LYS A 24 -8.46 -4.59 7.95
N ALA A 25 -8.29 -4.48 6.65
CA ALA A 25 -9.13 -3.63 5.83
C ALA A 25 -10.06 -4.48 5.01
N PRO A 26 -11.13 -3.91 4.48
CA PRO A 26 -12.17 -4.68 3.83
C PRO A 26 -11.67 -5.36 2.57
N ARG A 27 -12.17 -6.55 2.30
CA ARG A 27 -11.78 -7.31 1.11
C ARG A 27 -12.11 -6.53 -0.16
N VAL A 28 -12.88 -5.46 0.01
CA VAL A 28 -13.23 -4.57 -1.09
C VAL A 28 -12.43 -3.28 -1.05
N SER A 29 -11.61 -3.10 0.01
CA SER A 29 -10.79 -1.89 0.10
C SER A 29 -9.87 -1.78 -1.11
N THR A 30 -9.96 -0.65 -1.78
CA THR A 30 -9.05 -0.34 -2.86
C THR A 30 -8.07 0.71 -2.39
N ALA A 31 -7.13 1.08 -3.26
CA ALA A 31 -6.03 1.95 -2.88
C ALA A 31 -6.49 3.15 -2.11
N GLN A 32 -7.47 3.86 -2.61
CA GLN A 32 -7.91 5.08 -1.95
C GLN A 32 -8.66 4.77 -0.65
N ASP A 33 -9.30 3.60 -0.54
CA ASP A 33 -9.99 3.22 0.69
C ASP A 33 -8.97 2.95 1.78
N VAL A 34 -8.00 2.14 1.40
CA VAL A 34 -6.91 1.78 2.28
C VAL A 34 -6.00 3.00 2.52
N ILE A 35 -5.98 3.89 1.55
CA ILE A 35 -5.34 5.19 1.70
C ILE A 35 -5.94 5.93 2.89
N GLN A 36 -7.26 6.12 2.86
CA GLN A 36 -7.97 6.86 3.91
C GLN A 36 -7.91 6.12 5.23
N GLN A 37 -7.89 4.79 5.17
CA GLN A 37 -7.74 3.98 6.34
C GLN A 37 -6.42 4.31 7.03
N THR A 38 -5.36 4.40 6.25
CA THR A 38 -4.05 4.80 6.74
C THR A 38 -4.10 6.24 7.24
N LEU A 39 -4.82 7.10 6.51
CA LEU A 39 -5.08 8.48 6.94
C LEU A 39 -5.62 8.51 8.38
N CYS A 40 -6.54 7.61 8.66
CA CYS A 40 -7.18 7.53 9.98
C CYS A 40 -6.18 7.19 11.08
N LYS A 41 -5.30 6.22 10.81
CA LYS A 41 -4.31 5.82 11.80
C LYS A 41 -3.12 6.79 11.84
N ALA A 42 -2.99 7.60 10.81
CA ALA A 42 -1.90 8.57 10.74
C ALA A 42 -2.36 9.94 11.21
N LYS A 43 -3.55 9.98 11.81
CA LYS A 43 -4.15 11.22 12.26
C LYS A 43 -3.26 11.95 13.26
N TYR A 44 -2.60 13.01 12.77
CA TYR A 44 -1.67 13.82 13.55
C TYR A 44 -0.50 12.98 14.08
N SER A 45 -0.25 11.84 13.44
CA SER A 45 0.89 11.02 13.77
C SER A 45 2.15 11.61 13.15
N TYR A 46 2.36 11.33 11.87
CA TYR A 46 3.45 11.92 11.12
C TYR A 46 2.91 13.15 10.37
N SER A 47 1.66 13.47 10.68
CA SER A 47 0.95 14.55 10.03
C SER A 47 0.79 14.26 8.54
N ILE A 48 0.02 13.21 8.25
CA ILE A 48 -0.35 12.85 6.89
C ILE A 48 -1.68 13.56 6.56
N LEU A 49 -2.02 14.51 7.42
CA LEU A 49 -3.33 15.15 7.39
C LEU A 49 -3.29 16.40 6.53
N SER A 50 -2.19 16.56 5.81
CA SER A 50 -2.00 17.68 4.90
C SER A 50 -2.89 17.52 3.68
N ASN A 51 -3.17 16.27 3.33
CA ASN A 51 -4.14 15.96 2.29
C ASN A 51 -5.11 14.91 2.80
N PRO A 52 -6.23 15.34 3.39
CA PRO A 52 -7.21 14.42 3.98
C PRO A 52 -8.06 13.71 2.93
N ASN A 53 -7.75 13.92 1.67
CA ASN A 53 -8.47 13.27 0.58
C ASN A 53 -7.59 12.22 -0.08
N PRO A 54 -8.14 11.01 -0.29
CA PRO A 54 -7.40 9.89 -0.88
C PRO A 54 -7.22 10.03 -2.39
N SER A 55 -7.41 11.24 -2.88
CA SER A 55 -7.40 11.50 -4.31
C SER A 55 -6.00 11.83 -4.82
N ASP A 56 -5.24 12.57 -4.01
CA ASP A 56 -3.91 13.04 -4.40
C ASP A 56 -2.85 12.01 -4.02
N TYR A 57 -3.30 10.90 -3.48
CA TYR A 57 -2.38 9.83 -3.09
C TYR A 57 -2.47 8.68 -4.09
N VAL A 58 -1.61 7.70 -3.88
CA VAL A 58 -1.64 6.44 -4.58
C VAL A 58 -1.22 5.34 -3.62
N LEU A 59 -1.21 4.12 -4.08
CA LEU A 59 -0.89 3.00 -3.23
C LEU A 59 -0.10 1.98 -4.06
N LEU A 60 0.94 1.42 -3.48
CA LEU A 60 1.80 0.48 -4.18
C LEU A 60 1.47 -0.95 -3.81
N GLU A 61 1.23 -1.78 -4.81
CA GLU A 61 1.12 -3.22 -4.58
C GLU A 61 2.49 -3.85 -4.80
N GLU A 62 3.32 -3.81 -3.78
CA GLU A 62 4.59 -4.44 -3.85
C GLU A 62 4.47 -5.91 -3.48
N VAL A 63 4.90 -6.76 -4.37
CA VAL A 63 4.98 -8.19 -4.10
C VAL A 63 6.45 -8.61 -4.08
N VAL A 64 6.93 -9.06 -2.92
CA VAL A 64 8.31 -9.47 -2.78
C VAL A 64 8.57 -10.77 -3.53
N LYS A 65 9.27 -10.66 -4.64
CA LYS A 65 9.64 -11.81 -5.43
C LYS A 65 11.15 -11.91 -5.49
N ASP A 66 11.70 -12.65 -4.54
CA ASP A 66 13.15 -12.74 -4.32
C ASP A 66 13.89 -13.24 -5.55
N THR A 67 15.21 -13.20 -5.47
CA THR A 67 16.07 -13.66 -6.54
C THR A 67 16.48 -15.10 -6.30
N THR A 68 15.87 -16.01 -7.04
CA THR A 68 16.20 -17.42 -6.95
C THR A 68 17.62 -17.66 -7.44
N ASN A 69 18.00 -16.90 -8.47
CA ASN A 69 19.37 -16.91 -8.97
C ASN A 69 20.11 -15.75 -8.36
N LYS A 70 20.92 -15.05 -9.16
CA LYS A 70 21.61 -13.88 -8.68
C LYS A 70 21.38 -12.68 -9.58
N LYS A 71 20.33 -11.91 -9.28
CA LYS A 71 20.12 -10.61 -9.89
C LYS A 71 20.50 -9.52 -8.92
N THR A 72 20.30 -9.80 -7.64
CA THR A 72 20.58 -8.85 -6.57
C THR A 72 21.25 -9.59 -5.41
N THR A 73 22.04 -8.89 -4.62
CA THR A 73 22.69 -9.48 -3.45
C THR A 73 21.65 -9.87 -2.41
N THR A 74 20.54 -9.15 -2.40
CA THR A 74 19.46 -9.42 -1.48
C THR A 74 18.19 -9.75 -2.26
N PRO A 75 17.20 -10.39 -1.61
CA PRO A 75 15.88 -10.62 -2.20
C PRO A 75 15.25 -9.33 -2.72
N LYS A 76 14.42 -9.44 -3.73
CA LYS A 76 13.95 -8.28 -4.44
C LYS A 76 12.42 -8.17 -4.39
N SER A 77 11.94 -6.95 -4.47
CA SER A 77 10.52 -6.66 -4.39
C SER A 77 10.00 -6.10 -5.70
N SER A 78 8.98 -6.75 -6.26
CA SER A 78 8.35 -6.24 -7.45
C SER A 78 7.25 -5.27 -7.04
N GLN A 79 7.56 -3.98 -7.09
CA GLN A 79 6.65 -2.96 -6.61
C GLN A 79 5.87 -2.37 -7.78
N ARG A 80 4.55 -2.28 -7.61
CA ARG A 80 3.68 -1.78 -8.66
C ARG A 80 2.80 -0.68 -8.09
N VAL A 81 2.42 0.31 -8.90
CA VAL A 81 1.62 1.41 -8.38
C VAL A 81 0.17 1.32 -8.87
N LEU A 82 -0.76 1.50 -7.96
CA LEU A 82 -2.19 1.36 -8.25
C LEU A 82 -2.81 2.70 -8.62
N LEU A 83 -4.01 2.63 -9.15
CA LEU A 83 -4.87 3.79 -9.28
C LEU A 83 -5.80 3.81 -8.08
N ASP A 84 -6.71 4.77 -8.04
CA ASP A 84 -7.64 4.90 -6.93
C ASP A 84 -8.51 3.65 -6.76
N GLN A 85 -8.82 2.98 -7.87
CA GLN A 85 -9.70 1.83 -7.83
C GLN A 85 -9.07 0.58 -8.46
N GLU A 86 -7.78 0.37 -8.25
CA GLU A 86 -7.14 -0.87 -8.67
C GLU A 86 -7.51 -2.02 -7.73
N CYS A 87 -8.09 -1.66 -6.58
CA CYS A 87 -8.52 -2.64 -5.57
C CYS A 87 -7.32 -3.32 -4.89
N VAL A 88 -7.26 -3.19 -3.57
CA VAL A 88 -6.12 -3.67 -2.81
C VAL A 88 -6.18 -5.18 -2.68
N PHE A 89 -7.38 -5.69 -2.46
CA PHE A 89 -7.56 -7.14 -2.34
C PHE A 89 -7.39 -7.79 -3.71
N GLN A 90 -7.89 -7.10 -4.73
CA GLN A 90 -7.68 -7.52 -6.11
C GLN A 90 -6.18 -7.57 -6.42
N ALA A 91 -5.47 -6.52 -6.03
CA ALA A 91 -4.03 -6.44 -6.22
C ALA A 91 -3.32 -7.56 -5.46
N GLN A 92 -3.70 -7.73 -4.21
CA GLN A 92 -3.11 -8.76 -3.36
C GLN A 92 -3.34 -10.16 -3.95
N SER A 93 -4.40 -10.30 -4.71
CA SER A 93 -4.73 -11.56 -5.36
C SER A 93 -3.81 -11.82 -6.55
N LYS A 94 -3.20 -10.75 -7.08
CA LYS A 94 -2.27 -10.87 -8.19
C LYS A 94 -0.92 -11.37 -7.70
N TRP A 95 -0.68 -11.18 -6.42
CA TRP A 95 0.62 -11.45 -5.83
C TRP A 95 1.02 -12.90 -5.96
N LYS A 96 2.26 -13.09 -6.37
CA LYS A 96 2.83 -14.42 -6.50
C LYS A 96 3.94 -14.56 -5.47
N GLY A 97 3.97 -13.60 -4.58
CA GLY A 97 4.93 -13.56 -3.50
C GLY A 97 4.37 -12.72 -2.37
N ALA A 98 4.98 -12.77 -1.21
CA ALA A 98 4.46 -12.01 -0.08
C ALA A 98 5.06 -10.62 -0.05
N GLY A 99 4.28 -9.62 -0.41
CA GLY A 99 4.76 -8.27 -0.42
C GLY A 99 4.11 -7.44 0.67
N LYS A 100 3.85 -6.18 0.34
CA LYS A 100 3.10 -5.28 1.20
C LYS A 100 2.55 -4.18 0.33
N PHE A 101 1.54 -3.49 0.80
CA PHE A 101 1.10 -2.30 0.15
C PHE A 101 1.87 -1.11 0.72
N ILE A 102 2.07 -0.06 -0.05
CA ILE A 102 2.81 1.11 0.42
C ILE A 102 2.05 2.38 0.07
N LEU A 103 1.85 3.25 1.07
CA LEU A 103 1.15 4.50 0.84
C LEU A 103 2.11 5.56 0.31
N LYS A 104 1.68 6.31 -0.68
CA LYS A 104 2.50 7.34 -1.31
C LYS A 104 1.61 8.41 -1.92
N LEU A 105 2.15 9.56 -2.26
CA LEU A 105 1.41 10.54 -3.05
C LEU A 105 1.63 10.24 -4.52
N LYS A 106 0.65 10.56 -5.35
CA LYS A 106 0.79 10.32 -6.78
C LYS A 106 1.64 11.42 -7.40
N GLU A 107 1.61 12.60 -6.79
CA GLU A 107 2.49 13.69 -7.19
C GLU A 107 3.92 13.39 -6.71
N GLN A 108 4.03 12.42 -5.82
CA GLN A 108 5.32 11.99 -5.31
C GLN A 108 5.75 10.72 -6.04
N VAL A 109 4.84 10.16 -6.82
CA VAL A 109 5.11 8.93 -7.55
C VAL A 109 5.52 9.23 -8.99
N GLN A 110 5.24 10.47 -9.43
CA GLN A 110 5.40 10.85 -10.83
C GLN A 110 6.83 10.65 -11.31
N ALA A 111 7.09 9.46 -11.79
CA ALA A 111 8.36 9.13 -12.38
C ALA A 111 8.16 8.71 -13.83
N SER A 112 6.90 8.75 -14.26
CA SER A 112 6.53 8.35 -15.59
C SER A 112 5.50 9.31 -16.16
N ARG A 113 5.97 10.24 -16.99
CA ARG A 113 5.11 11.18 -17.71
C ARG A 113 4.42 12.16 -16.77
N GLU A 114 3.57 13.00 -17.33
CA GLU A 114 2.82 13.99 -16.57
C GLU A 114 1.68 13.32 -15.80
N ASP A 115 1.49 13.76 -14.56
CA ASP A 115 0.48 13.17 -13.68
C ASP A 115 -0.92 13.60 -14.08
N LYS A 116 -1.02 14.81 -14.63
CA LYS A 116 -2.30 15.36 -15.04
C LYS A 116 -2.45 15.33 -16.55
N SER A 1 -24.70 -8.82 7.19
CA SER A 1 -25.52 -9.60 6.23
C SER A 1 -24.75 -10.81 5.74
N SER A 2 -23.67 -10.57 5.01
CA SER A 2 -22.85 -11.65 4.47
C SER A 2 -21.77 -12.03 5.46
N GLU A 3 -22.05 -11.78 6.74
CA GLU A 3 -21.03 -11.84 7.78
C GLU A 3 -19.80 -11.09 7.31
N GLU A 4 -20.04 -9.80 7.02
CA GLU A 4 -19.03 -8.85 6.51
C GLU A 4 -17.61 -9.27 6.83
N GLU A 5 -16.90 -9.67 5.79
CA GLU A 5 -15.57 -10.24 5.92
C GLU A 5 -14.50 -9.23 5.53
N SER A 6 -13.49 -9.09 6.37
CA SER A 6 -12.39 -8.19 6.11
C SER A 6 -11.12 -8.97 5.83
N PHE A 7 -10.08 -8.29 5.37
CA PHE A 7 -8.82 -8.93 5.08
C PHE A 7 -7.70 -8.15 5.74
N PHE A 8 -6.65 -8.83 6.11
CA PHE A 8 -5.54 -8.18 6.81
C PHE A 8 -4.52 -7.64 5.82
N VAL A 9 -4.02 -6.44 6.08
CA VAL A 9 -2.99 -5.85 5.26
C VAL A 9 -1.82 -5.42 6.13
N GLN A 10 -0.67 -5.30 5.53
CA GLN A 10 0.42 -4.58 6.14
C GLN A 10 0.96 -3.58 5.13
N VAL A 11 0.67 -2.31 5.37
CA VAL A 11 1.02 -1.25 4.44
C VAL A 11 1.98 -0.28 5.11
N HIS A 12 2.97 0.18 4.37
CA HIS A 12 3.91 1.15 4.92
C HIS A 12 3.33 2.55 4.84
N ASP A 13 3.16 3.16 6.01
CA ASP A 13 2.66 4.52 6.09
C ASP A 13 3.80 5.51 5.87
N VAL A 14 3.45 6.78 5.67
CA VAL A 14 4.43 7.82 5.42
C VAL A 14 5.36 8.01 6.62
N SER A 15 4.80 7.86 7.82
CA SER A 15 5.57 8.07 9.04
C SER A 15 6.58 6.95 9.27
N PRO A 16 7.87 7.31 9.38
CA PRO A 16 8.94 6.33 9.61
C PRO A 16 8.99 5.87 11.08
N GLU A 17 10.07 5.15 11.41
CA GLU A 17 10.29 4.59 12.75
C GLU A 17 9.36 3.41 13.03
N GLN A 18 8.12 3.52 12.58
CA GLN A 18 7.24 2.38 12.49
C GLN A 18 6.91 2.15 11.02
N PRO A 19 7.81 1.45 10.31
CA PRO A 19 7.74 1.33 8.85
C PRO A 19 6.50 0.57 8.38
N LEU A 20 6.30 -0.61 8.91
CA LEU A 20 5.18 -1.43 8.49
C LEU A 20 3.96 -1.15 9.35
N THR A 21 2.91 -0.64 8.73
CA THR A 21 1.66 -0.45 9.41
C THR A 21 0.74 -1.64 9.13
N VAL A 22 0.55 -2.49 10.13
CA VAL A 22 -0.33 -3.64 9.97
C VAL A 22 -1.77 -3.21 10.26
N ILE A 23 -2.64 -3.38 9.28
CA ILE A 23 -4.03 -2.97 9.41
C ILE A 23 -4.97 -4.08 8.99
N LYS A 24 -6.24 -3.91 9.28
CA LYS A 24 -7.25 -4.81 8.75
C LYS A 24 -8.31 -4.01 8.01
N ALA A 25 -8.34 -4.19 6.70
CA ALA A 25 -9.22 -3.43 5.84
C ALA A 25 -10.20 -4.35 5.15
N PRO A 26 -11.25 -3.79 4.58
CA PRO A 26 -12.27 -4.57 3.90
C PRO A 26 -11.74 -5.21 2.64
N ARG A 27 -12.22 -6.42 2.37
CA ARG A 27 -11.76 -7.22 1.22
C ARG A 27 -12.14 -6.53 -0.09
N VAL A 28 -12.86 -5.42 0.04
CA VAL A 28 -13.26 -4.61 -1.09
C VAL A 28 -12.51 -3.28 -1.11
N SER A 29 -11.74 -2.99 -0.06
CA SER A 29 -10.89 -1.81 -0.05
C SER A 29 -9.95 -1.78 -1.24
N THR A 30 -10.04 -0.71 -2.01
CA THR A 30 -9.08 -0.45 -3.05
C THR A 30 -8.08 0.57 -2.56
N ALA A 31 -7.11 0.91 -3.40
CA ALA A 31 -6.01 1.75 -2.99
C ALA A 31 -6.50 2.97 -2.23
N GLN A 32 -7.45 3.70 -2.81
CA GLN A 32 -7.95 4.91 -2.19
C GLN A 32 -8.60 4.63 -0.83
N ASP A 33 -9.21 3.45 -0.67
CA ASP A 33 -9.90 3.14 0.58
C ASP A 33 -8.90 2.88 1.66
N VAL A 34 -7.97 1.99 1.35
CA VAL A 34 -6.93 1.59 2.26
C VAL A 34 -5.97 2.76 2.52
N ILE A 35 -5.85 3.65 1.53
CA ILE A 35 -5.11 4.89 1.67
C ILE A 35 -5.67 5.71 2.83
N GLN A 36 -6.95 6.02 2.73
CA GLN A 36 -7.63 6.87 3.70
C GLN A 36 -7.75 6.17 5.05
N GLN A 37 -7.88 4.85 5.03
CA GLN A 37 -7.94 4.07 6.24
C GLN A 37 -6.61 4.19 6.99
N THR A 38 -5.52 4.24 6.24
CA THR A 38 -4.21 4.46 6.84
C THR A 38 -4.09 5.91 7.31
N LEU A 39 -4.71 6.84 6.56
CA LEU A 39 -4.84 8.23 6.98
C LEU A 39 -5.51 8.31 8.36
N CYS A 40 -6.47 7.43 8.57
CA CYS A 40 -7.19 7.34 9.83
C CYS A 40 -6.30 6.81 10.94
N LYS A 41 -5.46 5.84 10.60
CA LYS A 41 -4.57 5.22 11.58
C LYS A 41 -3.46 6.19 12.00
N ALA A 42 -3.10 7.09 11.09
CA ALA A 42 -2.05 8.07 11.34
C ALA A 42 -2.62 9.38 11.88
N LYS A 43 -3.91 9.40 12.17
CA LYS A 43 -4.57 10.60 12.67
C LYS A 43 -3.92 11.05 13.98
N TYR A 44 -3.41 12.28 13.97
CA TYR A 44 -2.76 12.91 15.13
C TYR A 44 -1.33 12.39 15.31
N SER A 45 -1.10 11.13 14.93
CA SER A 45 0.23 10.53 14.99
C SER A 45 1.16 11.27 14.03
N TYR A 46 2.21 11.90 14.58
CA TYR A 46 3.15 12.71 13.78
C TYR A 46 2.43 13.92 13.21
N SER A 47 1.19 14.11 13.67
CA SER A 47 0.26 15.12 13.15
C SER A 47 0.28 15.18 11.63
N ILE A 48 -0.36 14.19 11.02
CA ILE A 48 -0.51 14.12 9.58
C ILE A 48 -1.75 14.93 9.15
N LEU A 49 -2.32 15.64 10.11
CA LEU A 49 -3.60 16.32 9.92
C LEU A 49 -3.48 17.52 8.98
N SER A 50 -2.25 17.89 8.66
CA SER A 50 -2.01 18.97 7.69
C SER A 50 -2.39 18.50 6.29
N ASN A 51 -2.42 17.19 6.11
CA ASN A 51 -2.75 16.58 4.84
C ASN A 51 -3.65 15.36 5.02
N PRO A 52 -4.92 15.59 5.44
CA PRO A 52 -5.88 14.53 5.73
C PRO A 52 -6.72 14.14 4.51
N ASN A 53 -6.33 14.63 3.35
CA ASN A 53 -6.99 14.31 2.11
C ASN A 53 -6.26 13.21 1.37
N PRO A 54 -6.96 12.13 1.01
CA PRO A 54 -6.35 10.94 0.42
C PRO A 54 -6.35 10.93 -1.11
N SER A 55 -6.84 11.99 -1.71
CA SER A 55 -7.00 12.02 -3.18
C SER A 55 -5.64 12.14 -3.87
N ASP A 56 -4.71 12.84 -3.25
CA ASP A 56 -3.38 13.05 -3.81
C ASP A 56 -2.46 11.87 -3.55
N TYR A 57 -3.04 10.82 -3.00
CA TYR A 57 -2.28 9.65 -2.61
C TYR A 57 -2.55 8.50 -3.57
N VAL A 58 -1.52 7.78 -3.94
CA VAL A 58 -1.71 6.49 -4.59
C VAL A 58 -1.10 5.40 -3.75
N LEU A 59 -1.44 4.17 -4.06
CA LEU A 59 -0.94 3.06 -3.30
C LEU A 59 -0.10 2.16 -4.20
N LEU A 60 1.00 1.68 -3.67
CA LEU A 60 1.88 0.80 -4.40
C LEU A 60 1.60 -0.63 -4.01
N GLU A 61 1.33 -1.49 -4.98
CA GLU A 61 1.27 -2.90 -4.71
C GLU A 61 2.67 -3.47 -4.89
N GLU A 62 3.46 -3.43 -3.85
CA GLU A 62 4.73 -4.06 -3.91
C GLU A 62 4.57 -5.51 -3.51
N VAL A 63 4.95 -6.40 -4.40
CA VAL A 63 4.95 -7.80 -4.09
C VAL A 63 6.38 -8.28 -3.89
N VAL A 64 6.66 -8.71 -2.68
CA VAL A 64 8.00 -9.12 -2.32
C VAL A 64 8.21 -10.58 -2.69
N LYS A 65 8.84 -10.80 -3.84
CA LYS A 65 9.22 -12.14 -4.26
C LYS A 65 10.52 -12.52 -3.57
N ASP A 66 10.40 -12.63 -2.25
CA ASP A 66 11.52 -12.89 -1.37
C ASP A 66 11.96 -14.35 -1.46
N THR A 67 13.26 -14.58 -1.30
CA THR A 67 13.83 -15.90 -1.42
C THR A 67 13.38 -16.81 -0.27
N THR A 68 12.93 -17.99 -0.62
CA THR A 68 12.52 -18.97 0.37
C THR A 68 13.62 -20.00 0.58
N ASN A 69 14.68 -19.86 -0.21
CA ASN A 69 15.79 -20.81 -0.20
C ASN A 69 16.90 -20.26 0.68
N LYS A 70 18.03 -20.95 0.69
CA LYS A 70 19.17 -20.49 1.47
C LYS A 70 20.49 -20.85 0.78
N LYS A 71 20.85 -20.06 -0.22
CA LYS A 71 22.08 -20.29 -0.98
C LYS A 71 22.32 -19.15 -1.95
N THR A 72 21.30 -18.83 -2.73
CA THR A 72 21.39 -17.78 -3.73
C THR A 72 20.03 -17.12 -3.90
N THR A 73 20.00 -16.06 -4.72
CA THR A 73 18.78 -15.29 -4.96
C THR A 73 18.42 -14.47 -3.72
N THR A 74 18.63 -13.17 -3.80
CA THR A 74 18.34 -12.28 -2.69
C THR A 74 16.86 -11.87 -2.69
N PRO A 75 16.35 -11.40 -1.53
CA PRO A 75 14.96 -10.93 -1.44
C PRO A 75 14.70 -9.77 -2.38
N LYS A 76 13.68 -9.94 -3.20
CA LYS A 76 13.35 -8.98 -4.21
C LYS A 76 11.96 -8.39 -4.01
N SER A 77 11.83 -7.11 -4.32
CA SER A 77 10.56 -6.41 -4.21
C SER A 77 10.12 -5.88 -5.57
N SER A 78 8.96 -6.31 -6.03
CA SER A 78 8.41 -5.81 -7.27
C SER A 78 7.28 -4.83 -6.97
N GLN A 79 7.57 -3.54 -7.12
CA GLN A 79 6.60 -2.51 -6.76
C GLN A 79 5.83 -2.06 -8.01
N ARG A 80 4.52 -2.02 -7.92
CA ARG A 80 3.67 -1.58 -9.03
C ARG A 80 2.66 -0.56 -8.53
N VAL A 81 2.52 0.55 -9.20
CA VAL A 81 1.66 1.62 -8.70
C VAL A 81 0.22 1.45 -9.17
N LEU A 82 -0.71 1.66 -8.25
CA LEU A 82 -2.13 1.53 -8.52
C LEU A 82 -2.75 2.87 -8.83
N LEU A 83 -3.90 2.83 -9.49
CA LEU A 83 -4.76 3.99 -9.58
C LEU A 83 -5.67 4.01 -8.36
N ASP A 84 -6.67 4.85 -8.35
CA ASP A 84 -7.55 4.97 -7.19
C ASP A 84 -8.36 3.68 -6.95
N GLN A 85 -8.78 3.02 -8.03
CA GLN A 85 -9.62 1.85 -7.89
C GLN A 85 -9.04 0.61 -8.61
N GLU A 86 -7.74 0.37 -8.45
CA GLU A 86 -7.14 -0.87 -8.96
C GLU A 86 -7.46 -2.06 -8.05
N CYS A 87 -8.04 -1.74 -6.89
CA CYS A 87 -8.40 -2.73 -5.85
C CYS A 87 -7.17 -3.24 -5.11
N VAL A 88 -7.22 -3.20 -3.78
CA VAL A 88 -6.14 -3.70 -2.96
C VAL A 88 -6.20 -5.21 -2.89
N PHE A 89 -7.38 -5.73 -2.64
CA PHE A 89 -7.56 -7.15 -2.43
C PHE A 89 -7.41 -7.91 -3.75
N GLN A 90 -7.98 -7.35 -4.81
CA GLN A 90 -7.82 -7.93 -6.14
C GLN A 90 -6.36 -7.90 -6.57
N ALA A 91 -5.70 -6.76 -6.35
CA ALA A 91 -4.27 -6.64 -6.62
C ALA A 91 -3.48 -7.70 -5.86
N GLN A 92 -3.74 -7.76 -4.56
CA GLN A 92 -3.06 -8.69 -3.66
C GLN A 92 -3.20 -10.14 -4.13
N SER A 93 -4.36 -10.47 -4.68
CA SER A 93 -4.63 -11.84 -5.10
C SER A 93 -3.84 -12.20 -6.36
N LYS A 94 -3.31 -11.20 -7.05
CA LYS A 94 -2.56 -11.43 -8.28
C LYS A 94 -1.08 -11.61 -7.98
N TRP A 95 -0.71 -11.28 -6.76
CA TRP A 95 0.68 -11.29 -6.33
C TRP A 95 1.34 -12.66 -6.47
N LYS A 96 2.65 -12.62 -6.66
CA LYS A 96 3.45 -13.83 -6.82
C LYS A 96 4.31 -14.04 -5.58
N GLY A 97 3.93 -13.34 -4.53
CA GLY A 97 4.67 -13.35 -3.28
C GLY A 97 4.02 -12.46 -2.26
N ALA A 98 4.54 -12.44 -1.05
CA ALA A 98 3.95 -11.61 -0.01
C ALA A 98 4.63 -10.26 0.07
N GLY A 99 3.92 -9.23 -0.39
CA GLY A 99 4.49 -7.91 -0.42
C GLY A 99 3.90 -6.99 0.63
N LYS A 100 3.82 -5.72 0.27
CA LYS A 100 3.33 -4.68 1.18
C LYS A 100 2.66 -3.59 0.34
N PHE A 101 1.52 -3.08 0.80
CA PHE A 101 0.97 -1.91 0.16
C PHE A 101 1.61 -0.66 0.75
N ILE A 102 1.78 0.37 -0.06
CA ILE A 102 2.56 1.54 0.37
C ILE A 102 1.86 2.84 -0.03
N LEU A 103 1.72 3.74 0.94
CA LEU A 103 1.16 5.07 0.67
C LEU A 103 2.23 5.96 0.06
N LYS A 104 2.12 6.24 -1.21
CA LYS A 104 3.04 7.14 -1.88
C LYS A 104 2.24 8.04 -2.81
N LEU A 105 2.47 9.34 -2.69
CA LEU A 105 1.66 10.32 -3.39
C LEU A 105 1.76 10.19 -4.89
N LYS A 106 0.61 10.36 -5.52
CA LYS A 106 0.50 10.29 -6.96
C LYS A 106 1.15 11.50 -7.60
N GLU A 107 1.14 12.62 -6.89
CA GLU A 107 1.73 13.85 -7.38
C GLU A 107 3.25 13.75 -7.43
N GLN A 108 3.77 12.74 -6.76
CA GLN A 108 5.20 12.44 -6.79
C GLN A 108 5.44 11.15 -7.54
N VAL A 109 4.39 10.33 -7.61
CA VAL A 109 4.44 9.05 -8.29
C VAL A 109 4.31 9.22 -9.81
N GLN A 110 3.64 10.30 -10.23
CA GLN A 110 3.32 10.52 -11.64
C GLN A 110 4.54 10.43 -12.54
N ALA A 111 4.76 9.22 -13.03
CA ALA A 111 5.76 8.95 -14.02
C ALA A 111 5.19 7.96 -15.01
N SER A 112 3.88 7.77 -14.91
CA SER A 112 3.16 6.77 -15.68
C SER A 112 3.15 7.14 -17.16
N ARG A 113 3.96 6.42 -17.93
CA ARG A 113 4.02 6.60 -19.37
C ARG A 113 3.86 5.28 -20.08
N GLU A 114 4.61 4.28 -19.64
CA GLU A 114 4.59 2.96 -20.27
C GLU A 114 3.35 2.17 -19.86
N ASP A 115 3.26 1.83 -18.57
CA ASP A 115 2.10 1.09 -18.09
C ASP A 115 1.02 2.04 -17.62
N LYS A 116 -0.20 1.79 -18.06
CA LYS A 116 -1.32 2.67 -17.78
C LYS A 116 -2.28 2.01 -16.79
N SER A 1 -17.15 -6.15 10.89
CA SER A 1 -17.47 -7.46 11.51
C SER A 1 -18.87 -7.91 11.11
N SER A 2 -18.90 -8.97 10.29
CA SER A 2 -20.14 -9.54 9.76
C SER A 2 -19.76 -10.71 8.87
N GLU A 3 -20.66 -11.12 7.98
CA GLU A 3 -20.31 -12.12 6.97
C GLU A 3 -19.26 -11.52 6.05
N GLU A 4 -19.36 -10.21 5.83
CA GLU A 4 -18.35 -9.48 5.10
C GLU A 4 -17.10 -9.33 5.96
N GLU A 5 -15.99 -9.76 5.39
CA GLU A 5 -14.76 -9.88 6.13
C GLU A 5 -13.79 -8.76 5.78
N SER A 6 -13.10 -8.26 6.78
CA SER A 6 -11.99 -7.38 6.54
C SER A 6 -10.71 -8.21 6.43
N PHE A 7 -9.92 -7.93 5.42
CA PHE A 7 -8.72 -8.69 5.16
C PHE A 7 -7.53 -7.96 5.76
N PHE A 8 -6.54 -8.71 6.18
CA PHE A 8 -5.40 -8.12 6.87
C PHE A 8 -4.43 -7.50 5.88
N VAL A 9 -4.14 -6.22 6.05
CA VAL A 9 -3.20 -5.52 5.19
C VAL A 9 -1.94 -5.19 5.96
N GLN A 10 -0.81 -5.38 5.31
CA GLN A 10 0.43 -4.81 5.77
C GLN A 10 0.81 -3.72 4.78
N VAL A 11 0.69 -2.47 5.21
CA VAL A 11 0.92 -1.34 4.33
C VAL A 11 1.84 -0.32 4.98
N HIS A 12 2.92 0.01 4.28
CA HIS A 12 3.93 0.90 4.83
C HIS A 12 3.49 2.36 4.77
N ASP A 13 3.87 3.10 5.81
CA ASP A 13 3.74 4.55 5.82
C ASP A 13 5.03 5.13 6.37
N VAL A 14 5.20 6.44 6.27
CA VAL A 14 6.39 7.08 6.78
C VAL A 14 6.27 7.42 8.27
N SER A 15 5.11 7.11 8.85
CA SER A 15 4.92 7.23 10.29
C SER A 15 5.89 6.30 11.03
N PRO A 16 6.63 6.85 12.00
CA PRO A 16 7.65 6.10 12.73
C PRO A 16 7.06 5.10 13.73
N GLU A 17 7.92 4.26 14.29
CA GLU A 17 7.53 3.19 15.19
C GLU A 17 6.60 2.22 14.48
N GLN A 18 7.20 1.16 13.93
CA GLN A 18 6.51 0.24 13.04
C GLN A 18 6.14 0.94 11.74
N PRO A 19 7.13 1.14 10.86
CA PRO A 19 6.90 1.79 9.57
C PRO A 19 5.90 1.00 8.72
N LEU A 20 5.91 -0.31 8.90
CA LEU A 20 4.92 -1.17 8.26
C LEU A 20 3.63 -1.15 9.05
N THR A 21 2.64 -0.47 8.52
CA THR A 21 1.36 -0.35 9.18
C THR A 21 0.50 -1.60 8.93
N VAL A 22 0.29 -2.39 9.96
CA VAL A 22 -0.59 -3.54 9.86
C VAL A 22 -2.01 -3.13 10.22
N ILE A 23 -2.95 -3.39 9.31
CA ILE A 23 -4.34 -3.03 9.50
C ILE A 23 -5.26 -4.14 9.04
N LYS A 24 -6.55 -3.96 9.26
CA LYS A 24 -7.54 -4.86 8.73
C LYS A 24 -8.55 -4.04 7.92
N ALA A 25 -8.36 -4.03 6.62
CA ALA A 25 -9.18 -3.24 5.71
C ALA A 25 -10.06 -4.17 4.91
N PRO A 26 -11.15 -3.67 4.36
CA PRO A 26 -12.16 -4.50 3.75
C PRO A 26 -11.65 -5.25 2.53
N ARG A 27 -12.15 -6.47 2.34
CA ARG A 27 -11.76 -7.30 1.20
C ARG A 27 -12.20 -6.65 -0.11
N VAL A 28 -12.87 -5.51 0.01
CA VAL A 28 -13.29 -4.72 -1.14
C VAL A 28 -12.55 -3.37 -1.16
N SER A 29 -11.74 -3.10 -0.13
CA SER A 29 -10.97 -1.86 -0.11
C SER A 29 -10.05 -1.75 -1.31
N THR A 30 -10.11 -0.62 -1.99
CA THR A 30 -9.19 -0.34 -3.06
C THR A 30 -8.19 0.69 -2.60
N ALA A 31 -7.25 1.03 -3.47
CA ALA A 31 -6.11 1.85 -3.09
C ALA A 31 -6.54 3.07 -2.32
N GLN A 32 -7.50 3.80 -2.81
CA GLN A 32 -7.90 5.03 -2.16
C GLN A 32 -8.65 4.74 -0.84
N ASP A 33 -9.32 3.59 -0.75
CA ASP A 33 -10.02 3.23 0.49
C ASP A 33 -9.00 2.97 1.58
N VAL A 34 -8.07 2.11 1.23
CA VAL A 34 -6.97 1.74 2.10
C VAL A 34 -6.05 2.94 2.32
N ILE A 35 -6.00 3.83 1.33
CA ILE A 35 -5.32 5.10 1.46
C ILE A 35 -5.89 5.86 2.66
N GLN A 36 -7.19 6.11 2.63
CA GLN A 36 -7.86 6.91 3.66
C GLN A 36 -7.87 6.17 4.99
N GLN A 37 -7.95 4.84 4.93
CA GLN A 37 -7.89 4.04 6.13
C GLN A 37 -6.53 4.19 6.80
N THR A 38 -5.47 4.26 6.00
CA THR A 38 -4.13 4.52 6.52
C THR A 38 -4.02 5.97 6.99
N LEU A 39 -4.70 6.88 6.27
CA LEU A 39 -4.83 8.27 6.69
C LEU A 39 -5.36 8.35 8.12
N CYS A 40 -6.31 7.47 8.43
CA CYS A 40 -6.92 7.39 9.75
C CYS A 40 -5.92 6.86 10.77
N LYS A 41 -5.15 5.85 10.37
CA LYS A 41 -4.15 5.24 11.26
C LYS A 41 -2.90 6.12 11.40
N ALA A 42 -2.81 7.15 10.57
CA ALA A 42 -1.69 8.09 10.63
C ALA A 42 -2.18 9.48 10.99
N LYS A 43 -3.40 9.54 11.53
CA LYS A 43 -4.02 10.81 11.87
C LYS A 43 -3.22 11.55 12.94
N TYR A 44 -2.60 12.66 12.51
CA TYR A 44 -1.78 13.53 13.36
C TYR A 44 -0.45 12.87 13.74
N SER A 45 -0.34 11.56 13.49
CA SER A 45 0.85 10.79 13.84
C SER A 45 2.11 11.41 13.23
N TYR A 46 2.27 11.23 11.92
CA TYR A 46 3.38 11.84 11.20
C TYR A 46 2.88 13.10 10.51
N SER A 47 1.63 13.46 10.81
CA SER A 47 0.97 14.60 10.20
C SER A 47 0.93 14.43 8.69
N ILE A 48 0.64 13.21 8.25
CA ILE A 48 0.39 12.89 6.85
C ILE A 48 -0.86 13.65 6.35
N LEU A 49 -1.54 14.24 7.31
CA LEU A 49 -2.84 14.85 7.12
C LEU A 49 -2.73 16.17 6.35
N SER A 50 -1.55 16.45 5.81
CA SER A 50 -1.35 17.59 4.94
C SER A 50 -2.26 17.48 3.72
N ASN A 51 -2.50 16.24 3.31
CA ASN A 51 -3.49 15.96 2.28
C ASN A 51 -4.55 15.02 2.86
N PRO A 52 -5.57 15.58 3.53
CA PRO A 52 -6.54 14.77 4.27
C PRO A 52 -7.55 14.06 3.36
N ASN A 53 -7.31 14.14 2.06
CA ASN A 53 -8.17 13.49 1.09
C ASN A 53 -7.41 12.38 0.38
N PRO A 54 -8.05 11.22 0.20
CA PRO A 54 -7.42 10.03 -0.38
C PRO A 54 -7.22 10.13 -1.89
N SER A 55 -7.51 11.30 -2.42
CA SER A 55 -7.49 11.51 -3.87
C SER A 55 -6.11 11.93 -4.37
N ASP A 56 -5.22 12.28 -3.45
CA ASP A 56 -3.89 12.75 -3.83
C ASP A 56 -2.81 11.74 -3.48
N TYR A 57 -3.23 10.53 -3.17
CA TYR A 57 -2.29 9.46 -2.88
C TYR A 57 -2.41 8.37 -3.94
N VAL A 58 -1.44 7.50 -3.95
CA VAL A 58 -1.48 6.27 -4.72
C VAL A 58 -0.92 5.15 -3.87
N LEU A 59 -1.59 4.03 -3.88
CA LEU A 59 -1.17 2.91 -3.08
C LEU A 59 -0.35 1.96 -3.96
N LEU A 60 0.73 1.43 -3.41
CA LEU A 60 1.63 0.55 -4.14
C LEU A 60 1.34 -0.91 -3.78
N GLU A 61 1.15 -1.74 -4.78
CA GLU A 61 1.09 -3.17 -4.56
C GLU A 61 2.49 -3.76 -4.77
N GLU A 62 3.29 -3.71 -3.73
CA GLU A 62 4.60 -4.30 -3.78
C GLU A 62 4.51 -5.77 -3.42
N VAL A 63 4.98 -6.60 -4.31
CA VAL A 63 5.06 -8.02 -4.03
C VAL A 63 6.52 -8.47 -4.03
N VAL A 64 6.99 -8.92 -2.88
CA VAL A 64 8.37 -9.38 -2.76
C VAL A 64 8.58 -10.66 -3.55
N LYS A 65 9.37 -10.53 -4.60
CA LYS A 65 9.76 -11.63 -5.42
C LYS A 65 11.27 -11.73 -5.44
N ASP A 66 11.79 -12.56 -4.57
CA ASP A 66 13.23 -12.72 -4.38
C ASP A 66 13.95 -13.20 -5.65
N THR A 67 15.22 -13.49 -5.51
CA THR A 67 16.02 -13.94 -6.64
C THR A 67 16.65 -15.30 -6.34
N THR A 68 16.23 -16.30 -7.09
CA THR A 68 16.78 -17.64 -6.94
C THR A 68 18.23 -17.68 -7.44
N ASN A 69 18.50 -16.93 -8.50
CA ASN A 69 19.84 -16.82 -9.04
C ASN A 69 20.57 -15.71 -8.31
N LYS A 70 21.54 -15.09 -8.99
CA LYS A 70 22.18 -13.93 -8.44
C LYS A 70 21.87 -12.69 -9.27
N LYS A 71 20.70 -12.11 -9.01
CA LYS A 71 20.33 -10.85 -9.63
C LYS A 71 20.46 -9.72 -8.60
N THR A 72 20.20 -10.07 -7.34
CA THR A 72 20.28 -9.13 -6.25
C THR A 72 20.95 -9.80 -5.05
N THR A 73 21.73 -9.03 -4.29
CA THR A 73 22.44 -9.56 -3.14
C THR A 73 21.47 -10.02 -2.04
N THR A 74 20.25 -9.51 -2.11
CA THR A 74 19.20 -9.86 -1.17
C THR A 74 17.88 -10.09 -1.90
N PRO A 75 16.92 -10.78 -1.27
CA PRO A 75 15.57 -10.91 -1.83
C PRO A 75 14.98 -9.55 -2.17
N LYS A 76 14.39 -9.47 -3.35
CA LYS A 76 14.00 -8.19 -3.90
C LYS A 76 12.49 -8.05 -4.00
N SER A 77 12.04 -6.83 -4.20
CA SER A 77 10.62 -6.54 -4.26
C SER A 77 10.21 -6.09 -5.65
N SER A 78 9.06 -6.55 -6.10
CA SER A 78 8.47 -6.06 -7.32
C SER A 78 7.35 -5.10 -6.95
N GLN A 79 7.64 -3.81 -7.00
CA GLN A 79 6.69 -2.81 -6.56
C GLN A 79 5.88 -2.29 -7.74
N ARG A 80 4.58 -2.24 -7.58
CA ARG A 80 3.68 -1.78 -8.63
C ARG A 80 2.78 -0.69 -8.07
N VAL A 81 2.35 0.27 -8.89
CA VAL A 81 1.53 1.37 -8.38
C VAL A 81 0.09 1.25 -8.87
N LEU A 82 -0.84 1.45 -7.94
CA LEU A 82 -2.27 1.31 -8.22
C LEU A 82 -2.88 2.65 -8.60
N LEU A 83 -4.04 2.58 -9.24
CA LEU A 83 -4.87 3.75 -9.45
C LEU A 83 -5.91 3.78 -8.32
N ASP A 84 -6.77 4.79 -8.33
CA ASP A 84 -7.75 4.97 -7.25
C ASP A 84 -8.58 3.70 -7.04
N GLN A 85 -8.97 3.06 -8.13
CA GLN A 85 -9.78 1.86 -8.04
C GLN A 85 -9.11 0.66 -8.73
N GLU A 86 -7.85 0.39 -8.37
CA GLU A 86 -7.19 -0.83 -8.80
C GLU A 86 -7.56 -1.99 -7.89
N CYS A 87 -8.17 -1.66 -6.75
CA CYS A 87 -8.59 -2.64 -5.75
C CYS A 87 -7.41 -3.33 -5.06
N VAL A 88 -7.35 -3.19 -3.75
CA VAL A 88 -6.23 -3.68 -2.95
C VAL A 88 -6.31 -5.18 -2.80
N PHE A 89 -7.51 -5.70 -2.63
CA PHE A 89 -7.68 -7.13 -2.48
C PHE A 89 -7.46 -7.80 -3.82
N GLN A 90 -7.87 -7.09 -4.87
CA GLN A 90 -7.62 -7.52 -6.24
C GLN A 90 -6.12 -7.55 -6.51
N ALA A 91 -5.43 -6.50 -6.08
CA ALA A 91 -3.98 -6.42 -6.22
C ALA A 91 -3.30 -7.54 -5.46
N GLN A 92 -3.73 -7.75 -4.23
CA GLN A 92 -3.20 -8.81 -3.39
C GLN A 92 -3.41 -10.18 -4.04
N SER A 93 -4.48 -10.29 -4.83
CA SER A 93 -4.81 -11.52 -5.52
C SER A 93 -3.88 -11.73 -6.73
N LYS A 94 -3.22 -10.67 -7.16
CA LYS A 94 -2.28 -10.76 -8.27
C LYS A 94 -0.93 -11.29 -7.80
N TRP A 95 -0.67 -11.10 -6.52
CA TRP A 95 0.66 -11.30 -5.97
C TRP A 95 1.21 -12.69 -6.21
N LYS A 96 2.43 -12.70 -6.70
CA LYS A 96 3.10 -13.92 -7.10
C LYS A 96 4.14 -14.31 -6.06
N GLY A 97 4.11 -13.56 -4.96
CA GLY A 97 5.00 -13.80 -3.85
C GLY A 97 4.35 -13.36 -2.56
N ALA A 98 5.02 -12.50 -1.81
CA ALA A 98 4.45 -11.94 -0.59
C ALA A 98 5.02 -10.55 -0.37
N GLY A 99 4.18 -9.53 -0.51
CA GLY A 99 4.67 -8.18 -0.40
C GLY A 99 3.95 -7.39 0.67
N LYS A 100 3.73 -6.12 0.38
CA LYS A 100 2.96 -5.23 1.24
C LYS A 100 2.37 -4.15 0.37
N PHE A 101 1.33 -3.52 0.84
CA PHE A 101 0.86 -2.33 0.18
C PHE A 101 1.61 -1.12 0.75
N ILE A 102 1.86 -0.12 -0.06
CA ILE A 102 2.61 1.06 0.39
C ILE A 102 1.85 2.34 0.11
N LEU A 103 1.66 3.15 1.14
CA LEU A 103 0.95 4.42 0.96
C LEU A 103 1.93 5.49 0.50
N LYS A 104 1.72 5.98 -0.71
CA LYS A 104 2.54 7.04 -1.25
C LYS A 104 1.64 8.14 -1.81
N LEU A 105 2.18 9.33 -2.05
CA LEU A 105 1.40 10.36 -2.73
C LEU A 105 1.55 10.16 -4.23
N LYS A 106 0.53 10.57 -4.97
CA LYS A 106 0.59 10.47 -6.43
C LYS A 106 1.30 11.67 -7.00
N GLU A 107 1.34 12.73 -6.21
CA GLU A 107 2.19 13.86 -6.52
C GLU A 107 3.64 13.53 -6.19
N GLN A 108 3.83 12.44 -5.46
CA GLN A 108 5.15 11.96 -5.09
C GLN A 108 5.52 10.76 -5.98
N VAL A 109 4.52 10.30 -6.73
CA VAL A 109 4.73 9.22 -7.68
C VAL A 109 4.85 9.81 -9.09
N GLN A 110 4.91 11.13 -9.14
CA GLN A 110 4.78 11.91 -10.38
C GLN A 110 5.69 11.41 -11.50
N ALA A 111 5.17 10.48 -12.27
CA ALA A 111 5.78 9.99 -13.48
C ALA A 111 4.69 9.47 -14.39
N SER A 112 3.47 9.89 -14.09
CA SER A 112 2.29 9.36 -14.75
C SER A 112 1.74 10.36 -15.77
N ARG A 113 2.58 10.70 -16.75
CA ARG A 113 2.19 11.58 -17.86
C ARG A 113 1.76 12.95 -17.37
N GLU A 114 0.47 13.11 -17.14
CA GLU A 114 -0.11 14.34 -16.62
C GLU A 114 -1.33 13.98 -15.77
N ASP A 115 -1.52 14.73 -14.70
CA ASP A 115 -2.60 14.44 -13.78
C ASP A 115 -3.63 15.56 -13.79
N LYS A 116 -3.17 16.79 -13.88
CA LYS A 116 -4.05 17.95 -13.85
C LYS A 116 -4.52 18.33 -15.25
N SER A 1 -18.35 -20.18 6.94
CA SER A 1 -18.96 -18.91 6.47
C SER A 1 -18.58 -17.77 7.40
N SER A 2 -18.43 -16.58 6.85
CA SER A 2 -18.13 -15.39 7.63
C SER A 2 -18.92 -14.21 7.10
N GLU A 3 -19.59 -13.49 8.00
CA GLU A 3 -20.42 -12.37 7.61
C GLU A 3 -19.59 -11.12 7.34
N GLU A 4 -18.67 -10.83 8.26
CA GLU A 4 -17.75 -9.71 8.07
C GLU A 4 -16.64 -10.09 7.11
N GLU A 5 -16.44 -9.26 6.11
CA GLU A 5 -15.38 -9.50 5.15
C GLU A 5 -14.30 -8.45 5.34
N SER A 6 -13.12 -8.91 5.70
CA SER A 6 -11.96 -8.06 5.79
C SER A 6 -10.72 -8.89 5.57
N PHE A 7 -9.64 -8.23 5.23
CA PHE A 7 -8.39 -8.88 4.99
C PHE A 7 -7.30 -8.08 5.67
N PHE A 8 -6.26 -8.73 6.10
CA PHE A 8 -5.21 -8.05 6.83
C PHE A 8 -4.23 -7.40 5.85
N VAL A 9 -4.07 -6.10 5.95
CA VAL A 9 -3.15 -5.39 5.08
C VAL A 9 -1.84 -5.12 5.79
N GLN A 10 -0.77 -5.49 5.15
CA GLN A 10 0.54 -5.04 5.56
C GLN A 10 0.94 -3.89 4.65
N VAL A 11 0.90 -2.68 5.18
CA VAL A 11 1.18 -1.48 4.39
C VAL A 11 2.10 -0.55 5.17
N HIS A 12 3.08 0.02 4.50
CA HIS A 12 4.10 0.82 5.18
C HIS A 12 3.75 2.31 5.20
N ASP A 13 4.74 3.11 5.60
CA ASP A 13 4.62 4.57 5.69
C ASP A 13 3.74 4.97 6.87
N VAL A 14 4.39 5.22 8.01
CA VAL A 14 3.68 5.64 9.21
C VAL A 14 4.62 6.34 10.21
N SER A 15 5.68 5.67 10.61
CA SER A 15 6.61 6.22 11.59
C SER A 15 7.94 5.47 11.55
N PRO A 16 9.03 6.10 12.01
CA PRO A 16 10.34 5.45 12.09
C PRO A 16 10.33 4.29 13.09
N GLU A 17 9.71 4.49 14.24
CA GLU A 17 9.47 3.40 15.16
C GLU A 17 8.19 2.71 14.73
N GLN A 18 8.24 1.38 14.64
CA GLN A 18 7.18 0.62 13.96
C GLN A 18 7.07 1.10 12.52
N PRO A 19 8.03 0.71 11.66
CA PRO A 19 8.09 1.16 10.26
C PRO A 19 7.09 0.42 9.38
N LEU A 20 6.02 -0.06 9.99
CA LEU A 20 5.03 -0.86 9.30
C LEU A 20 3.65 -0.62 9.87
N THR A 21 2.68 -0.42 8.99
CA THR A 21 1.30 -0.27 9.39
C THR A 21 0.52 -1.55 9.11
N VAL A 22 0.12 -2.25 10.16
CA VAL A 22 -0.75 -3.40 9.98
C VAL A 22 -2.19 -3.00 10.29
N ILE A 23 -3.08 -3.32 9.36
CA ILE A 23 -4.48 -2.97 9.52
C ILE A 23 -5.36 -4.12 9.06
N LYS A 24 -6.60 -4.11 9.51
CA LYS A 24 -7.57 -5.07 9.03
C LYS A 24 -8.65 -4.32 8.26
N ALA A 25 -8.50 -4.30 6.96
CA ALA A 25 -9.31 -3.47 6.09
C ALA A 25 -10.24 -4.36 5.30
N PRO A 26 -11.21 -3.78 4.60
CA PRO A 26 -12.18 -4.56 3.88
C PRO A 26 -11.56 -5.20 2.66
N ARG A 27 -11.92 -6.43 2.38
CA ARG A 27 -11.38 -7.12 1.21
C ARG A 27 -11.72 -6.28 -0.03
N VAL A 28 -12.90 -5.69 0.03
CA VAL A 28 -13.40 -4.77 -0.98
C VAL A 28 -12.60 -3.44 -1.02
N SER A 29 -11.80 -3.17 0.01
CA SER A 29 -10.99 -1.94 0.03
C SER A 29 -10.08 -1.87 -1.18
N THR A 30 -10.19 -0.79 -1.91
CA THR A 30 -9.26 -0.51 -2.98
C THR A 30 -8.27 0.51 -2.49
N ALA A 31 -7.32 0.88 -3.34
CA ALA A 31 -6.24 1.77 -2.95
C ALA A 31 -6.78 2.97 -2.20
N GLN A 32 -7.78 3.63 -2.76
CA GLN A 32 -8.35 4.81 -2.12
C GLN A 32 -8.91 4.50 -0.73
N ASP A 33 -9.43 3.30 -0.52
CA ASP A 33 -10.05 2.97 0.77
C ASP A 33 -8.98 2.81 1.83
N VAL A 34 -8.03 1.97 1.50
CA VAL A 34 -6.90 1.69 2.34
C VAL A 34 -6.03 2.94 2.49
N ILE A 35 -6.07 3.79 1.47
CA ILE A 35 -5.50 5.13 1.54
C ILE A 35 -6.12 5.88 2.70
N GLN A 36 -7.45 5.97 2.68
CA GLN A 36 -8.21 6.69 3.71
C GLN A 36 -7.96 6.09 5.07
N GLN A 37 -8.00 4.77 5.17
CA GLN A 37 -7.77 4.08 6.43
C GLN A 37 -6.40 4.41 7.00
N THR A 38 -5.40 4.50 6.14
CA THR A 38 -4.05 4.87 6.56
C THR A 38 -4.02 6.33 6.98
N LEU A 39 -4.71 7.19 6.22
CA LEU A 39 -4.84 8.60 6.57
C LEU A 39 -5.44 8.75 7.96
N CYS A 40 -6.40 7.90 8.28
CA CYS A 40 -7.07 7.92 9.57
C CYS A 40 -6.13 7.57 10.72
N LYS A 41 -5.46 6.43 10.59
CA LYS A 41 -4.62 5.91 11.66
C LYS A 41 -3.25 6.58 11.71
N ALA A 42 -2.94 7.38 10.70
CA ALA A 42 -1.65 8.08 10.65
C ALA A 42 -1.85 9.57 10.34
N LYS A 43 -3.01 10.10 10.73
CA LYS A 43 -3.41 11.47 10.39
C LYS A 43 -2.28 12.47 10.67
N TYR A 44 -2.06 12.77 11.93
CA TYR A 44 -0.91 13.58 12.34
C TYR A 44 -0.18 12.87 13.45
N SER A 45 -0.16 11.56 13.31
CA SER A 45 0.45 10.64 14.27
C SER A 45 1.98 10.73 14.26
N TYR A 46 2.52 11.94 14.07
CA TYR A 46 3.93 12.13 13.77
C TYR A 46 4.25 11.30 12.53
N SER A 47 3.26 11.29 11.65
CA SER A 47 3.21 10.39 10.53
C SER A 47 3.06 11.14 9.22
N ILE A 48 1.81 11.38 8.87
CA ILE A 48 1.45 12.03 7.63
C ILE A 48 1.57 13.54 7.75
N LEU A 49 0.59 14.17 8.41
CA LEU A 49 0.57 15.62 8.66
C LEU A 49 0.46 16.47 7.39
N SER A 50 1.18 16.09 6.34
CA SER A 50 1.21 16.85 5.10
C SER A 50 -0.18 16.98 4.48
N ASN A 51 -0.65 15.91 3.85
CA ASN A 51 -1.96 15.93 3.22
C ASN A 51 -2.90 14.93 3.89
N PRO A 52 -3.92 15.44 4.59
CA PRO A 52 -4.97 14.60 5.16
C PRO A 52 -5.97 14.15 4.10
N ASN A 53 -5.95 14.86 2.98
CA ASN A 53 -6.85 14.58 1.87
C ASN A 53 -6.24 13.50 0.98
N PRO A 54 -7.04 12.50 0.58
CA PRO A 54 -6.54 11.35 -0.18
C PRO A 54 -6.40 11.64 -1.67
N SER A 55 -6.87 12.81 -2.08
CA SER A 55 -6.91 13.19 -3.48
C SER A 55 -5.51 13.36 -4.09
N ASP A 56 -4.48 13.29 -3.25
CA ASP A 56 -3.10 13.34 -3.73
C ASP A 56 -2.36 12.07 -3.41
N TYR A 57 -3.09 11.00 -3.14
CA TYR A 57 -2.46 9.76 -2.73
C TYR A 57 -2.83 8.60 -3.66
N VAL A 58 -1.87 7.73 -3.88
CA VAL A 58 -2.09 6.42 -4.49
C VAL A 58 -1.48 5.35 -3.61
N LEU A 59 -1.84 4.10 -3.86
CA LEU A 59 -1.28 3.00 -3.11
C LEU A 59 -0.40 2.15 -4.02
N LEU A 60 0.58 1.49 -3.43
CA LEU A 60 1.52 0.66 -4.18
C LEU A 60 1.26 -0.81 -3.86
N GLU A 61 1.33 -1.67 -4.85
CA GLU A 61 1.30 -3.10 -4.60
C GLU A 61 2.71 -3.67 -4.79
N GLU A 62 3.50 -3.64 -3.74
CA GLU A 62 4.77 -4.27 -3.78
C GLU A 62 4.62 -5.73 -3.41
N VAL A 63 5.06 -6.59 -4.28
CA VAL A 63 5.09 -8.00 -3.99
C VAL A 63 6.53 -8.47 -3.88
N VAL A 64 6.91 -8.95 -2.70
CA VAL A 64 8.24 -9.49 -2.50
C VAL A 64 8.40 -10.74 -3.33
N LYS A 65 9.09 -10.58 -4.44
CA LYS A 65 9.21 -11.61 -5.44
C LYS A 65 10.62 -12.20 -5.40
N ASP A 66 10.78 -13.23 -4.59
CA ASP A 66 12.05 -13.93 -4.48
C ASP A 66 12.09 -15.06 -5.50
N THR A 67 13.12 -15.88 -5.41
CA THR A 67 13.29 -16.97 -6.34
C THR A 67 13.84 -18.21 -5.63
N THR A 68 13.71 -19.37 -6.26
CA THR A 68 14.08 -20.64 -5.65
C THR A 68 15.59 -20.81 -5.52
N ASN A 69 16.35 -20.14 -6.40
CA ASN A 69 17.80 -20.21 -6.36
C ASN A 69 18.42 -18.85 -6.23
N LYS A 70 19.60 -18.77 -5.64
CA LYS A 70 20.25 -17.50 -5.46
C LYS A 70 21.74 -17.56 -5.73
N LYS A 71 22.10 -17.40 -7.00
CA LYS A 71 23.48 -17.23 -7.40
C LYS A 71 23.66 -15.83 -7.96
N THR A 72 22.93 -15.53 -9.02
CA THR A 72 22.91 -14.20 -9.60
C THR A 72 21.55 -13.55 -9.34
N THR A 73 20.55 -14.39 -9.10
CA THR A 73 19.21 -13.91 -8.80
C THR A 73 18.99 -13.81 -7.30
N THR A 74 18.88 -12.59 -6.81
CA THR A 74 18.66 -12.36 -5.39
C THR A 74 17.18 -12.08 -5.10
N PRO A 75 16.69 -12.44 -3.91
CA PRO A 75 15.33 -12.13 -3.48
C PRO A 75 15.10 -10.64 -3.45
N LYS A 76 14.00 -10.23 -4.04
CA LYS A 76 13.84 -8.86 -4.43
C LYS A 76 12.36 -8.50 -4.56
N SER A 77 12.03 -7.27 -4.22
CA SER A 77 10.65 -6.80 -4.30
C SER A 77 10.30 -6.27 -5.69
N SER A 78 9.14 -6.68 -6.17
CA SER A 78 8.58 -6.13 -7.37
C SER A 78 7.48 -5.16 -6.99
N GLN A 79 7.79 -3.87 -7.01
CA GLN A 79 6.87 -2.86 -6.54
C GLN A 79 6.06 -2.31 -7.72
N ARG A 80 4.76 -2.21 -7.55
CA ARG A 80 3.87 -1.73 -8.58
C ARG A 80 3.00 -0.61 -8.00
N VAL A 81 2.42 0.24 -8.83
CA VAL A 81 1.56 1.31 -8.31
C VAL A 81 0.11 1.10 -8.77
N LEU A 82 -0.83 1.46 -7.90
CA LEU A 82 -2.25 1.23 -8.14
C LEU A 82 -2.97 2.50 -8.54
N LEU A 83 -4.04 2.34 -9.30
CA LEU A 83 -4.98 3.41 -9.51
C LEU A 83 -5.92 3.47 -8.32
N ASP A 84 -6.73 4.52 -8.24
CA ASP A 84 -7.63 4.74 -7.11
C ASP A 84 -8.49 3.50 -6.85
N GLN A 85 -8.98 2.90 -7.92
CA GLN A 85 -9.84 1.74 -7.80
C GLN A 85 -9.19 0.48 -8.36
N GLU A 86 -7.86 0.38 -8.27
CA GLU A 86 -7.15 -0.82 -8.67
C GLU A 86 -7.58 -2.01 -7.81
N CYS A 87 -8.12 -1.69 -6.63
CA CYS A 87 -8.61 -2.67 -5.67
C CYS A 87 -7.47 -3.41 -5.00
N VAL A 88 -7.42 -3.34 -3.68
CA VAL A 88 -6.29 -3.84 -2.92
C VAL A 88 -6.32 -5.35 -2.86
N PHE A 89 -7.51 -5.90 -2.72
CA PHE A 89 -7.64 -7.35 -2.66
C PHE A 89 -7.42 -7.91 -4.07
N GLN A 90 -7.85 -7.15 -5.05
CA GLN A 90 -7.66 -7.49 -6.44
C GLN A 90 -6.16 -7.47 -6.79
N ALA A 91 -5.45 -6.49 -6.26
CA ALA A 91 -4.02 -6.39 -6.45
C ALA A 91 -3.30 -7.51 -5.69
N GLN A 92 -3.77 -7.80 -4.50
CA GLN A 92 -3.18 -8.84 -3.68
C GLN A 92 -3.25 -10.21 -4.35
N SER A 93 -4.36 -10.45 -5.07
CA SER A 93 -4.54 -11.72 -5.76
C SER A 93 -3.60 -11.85 -6.96
N LYS A 94 -3.00 -10.73 -7.38
CA LYS A 94 -2.04 -10.75 -8.47
C LYS A 94 -0.71 -11.31 -8.00
N TRP A 95 -0.46 -11.20 -6.71
CA TRP A 95 0.84 -11.44 -6.14
C TRP A 95 1.32 -12.88 -6.31
N LYS A 96 2.63 -13.02 -6.32
CA LYS A 96 3.28 -14.33 -6.38
C LYS A 96 4.42 -14.34 -5.39
N GLY A 97 4.24 -13.48 -4.39
CA GLY A 97 5.20 -13.32 -3.33
C GLY A 97 4.57 -12.47 -2.24
N ALA A 98 5.01 -12.62 -1.01
CA ALA A 98 4.36 -11.91 0.08
C ALA A 98 4.89 -10.48 0.19
N GLY A 99 4.14 -9.53 -0.33
CA GLY A 99 4.59 -8.15 -0.34
C GLY A 99 3.85 -7.29 0.67
N LYS A 100 3.81 -6.00 0.37
CA LYS A 100 3.14 -5.03 1.22
C LYS A 100 2.54 -3.95 0.35
N PHE A 101 1.39 -3.44 0.72
CA PHE A 101 0.87 -2.27 0.06
C PHE A 101 1.57 -1.04 0.65
N ILE A 102 1.68 0.02 -0.12
CA ILE A 102 2.45 1.19 0.31
C ILE A 102 1.71 2.49 0.04
N LEU A 103 1.58 3.32 1.06
CA LEU A 103 0.93 4.62 0.90
C LEU A 103 1.89 5.59 0.22
N LYS A 104 1.43 6.28 -0.82
CA LYS A 104 2.27 7.22 -1.52
C LYS A 104 1.41 8.33 -2.14
N LEU A 105 2.05 9.31 -2.73
CA LEU A 105 1.33 10.38 -3.41
C LEU A 105 1.34 10.17 -4.90
N LYS A 106 0.18 10.31 -5.51
CA LYS A 106 0.05 10.26 -6.96
C LYS A 106 0.81 11.41 -7.59
N GLU A 107 0.89 12.50 -6.84
CA GLU A 107 1.62 13.69 -7.28
C GLU A 107 3.13 13.45 -7.29
N GLN A 108 3.58 12.46 -6.52
CA GLN A 108 4.99 12.13 -6.46
C GLN A 108 5.25 10.91 -7.34
N VAL A 109 4.15 10.36 -7.82
CA VAL A 109 4.15 9.20 -8.68
C VAL A 109 3.41 9.55 -9.97
N GLN A 110 3.53 10.83 -10.35
CA GLN A 110 2.78 11.34 -11.50
C GLN A 110 3.44 10.94 -12.82
N ALA A 111 3.44 9.64 -13.08
CA ALA A 111 3.87 9.11 -14.35
C ALA A 111 2.65 8.91 -15.24
N SER A 112 1.49 9.07 -14.62
CA SER A 112 0.21 8.92 -15.30
C SER A 112 0.11 9.88 -16.48
N ARG A 113 -0.32 9.35 -17.62
CA ARG A 113 -0.42 10.13 -18.85
C ARG A 113 -1.29 9.38 -19.85
N GLU A 114 -1.35 9.90 -21.08
CA GLU A 114 -2.14 9.31 -22.15
C GLU A 114 -3.63 9.42 -21.84
N ASP A 115 -4.24 10.51 -22.31
CA ASP A 115 -5.66 10.80 -22.09
C ASP A 115 -5.93 11.20 -20.62
N LYS A 116 -7.00 11.95 -20.41
CA LYS A 116 -7.36 12.39 -19.08
C LYS A 116 -8.87 12.56 -18.96
N SER A 1 -22.60 -4.98 15.33
CA SER A 1 -22.80 -5.97 14.24
C SER A 1 -22.10 -5.51 12.98
N SER A 2 -21.02 -6.17 12.63
CA SER A 2 -20.30 -5.87 11.40
C SER A 2 -20.10 -7.15 10.60
N GLU A 3 -20.87 -7.28 9.53
CA GLU A 3 -20.87 -8.50 8.74
C GLU A 3 -20.05 -8.34 7.46
N GLU A 4 -19.33 -7.24 7.34
CA GLU A 4 -18.44 -7.06 6.22
C GLU A 4 -17.19 -7.92 6.41
N GLU A 5 -16.45 -8.13 5.35
CA GLU A 5 -15.33 -9.05 5.38
C GLU A 5 -14.02 -8.28 5.45
N SER A 6 -13.14 -8.71 6.34
CA SER A 6 -11.89 -8.02 6.55
C SER A 6 -10.70 -8.93 6.25
N PHE A 7 -9.69 -8.35 5.61
CA PHE A 7 -8.47 -9.06 5.28
C PHE A 7 -7.30 -8.30 5.87
N PHE A 8 -6.19 -8.97 6.11
CA PHE A 8 -5.05 -8.34 6.75
C PHE A 8 -4.19 -7.61 5.72
N VAL A 9 -3.95 -6.32 5.97
CA VAL A 9 -3.11 -5.53 5.10
C VAL A 9 -1.85 -5.11 5.81
N GLN A 10 -0.73 -5.35 5.18
CA GLN A 10 0.49 -4.72 5.59
C GLN A 10 0.73 -3.51 4.70
N VAL A 11 0.57 -2.33 5.26
CA VAL A 11 0.81 -1.11 4.52
C VAL A 11 1.90 -0.30 5.19
N HIS A 12 3.01 -0.13 4.49
CA HIS A 12 4.14 0.62 5.00
C HIS A 12 3.99 2.09 4.65
N ASP A 13 4.83 2.91 5.26
CA ASP A 13 5.02 4.30 4.85
C ASP A 13 6.49 4.65 5.02
N VAL A 14 6.91 5.79 4.48
CA VAL A 14 8.31 6.18 4.52
C VAL A 14 8.69 6.74 5.90
N SER A 15 7.70 7.21 6.63
CA SER A 15 7.92 7.78 7.95
C SER A 15 8.43 6.72 8.93
N PRO A 16 9.26 7.12 9.91
CA PRO A 16 9.91 6.19 10.85
C PRO A 16 8.95 5.65 11.92
N GLU A 17 7.94 6.43 12.29
CA GLU A 17 6.98 5.99 13.29
C GLU A 17 6.09 4.89 12.72
N GLN A 18 6.26 3.69 13.28
CA GLN A 18 5.58 2.49 12.79
C GLN A 18 5.97 2.22 11.35
N PRO A 19 7.16 1.63 11.12
CA PRO A 19 7.66 1.36 9.76
C PRO A 19 6.64 0.61 8.92
N LEU A 20 6.03 -0.41 9.51
CA LEU A 20 5.01 -1.20 8.86
C LEU A 20 3.68 -1.06 9.57
N THR A 21 2.67 -0.59 8.86
CA THR A 21 1.34 -0.55 9.41
C THR A 21 0.57 -1.81 9.06
N VAL A 22 0.32 -2.65 10.05
CA VAL A 22 -0.50 -3.84 9.82
C VAL A 22 -1.95 -3.53 10.24
N ILE A 23 -2.84 -3.45 9.26
CA ILE A 23 -4.23 -3.16 9.53
C ILE A 23 -5.12 -4.33 9.12
N LYS A 24 -6.37 -4.28 9.52
CA LYS A 24 -7.35 -5.22 9.00
C LYS A 24 -8.41 -4.42 8.26
N ALA A 25 -8.25 -4.34 6.95
CA ALA A 25 -9.11 -3.56 6.09
C ALA A 25 -10.10 -4.47 5.41
N PRO A 26 -11.12 -3.91 4.78
CA PRO A 26 -12.14 -4.72 4.15
C PRO A 26 -11.60 -5.44 2.93
N ARG A 27 -12.05 -6.68 2.72
CA ARG A 27 -11.59 -7.49 1.58
C ARG A 27 -12.08 -6.85 0.26
N VAL A 28 -12.81 -5.76 0.41
CA VAL A 28 -13.30 -4.99 -0.72
C VAL A 28 -12.64 -3.61 -0.75
N SER A 29 -11.79 -3.32 0.24
CA SER A 29 -11.04 -2.08 0.24
C SER A 29 -10.18 -1.98 -1.00
N THR A 30 -10.42 -0.96 -1.79
CA THR A 30 -9.57 -0.73 -2.91
C THR A 30 -8.51 0.27 -2.50
N ALA A 31 -7.69 0.74 -3.44
CA ALA A 31 -6.59 1.63 -3.10
C ALA A 31 -7.11 2.86 -2.37
N GLN A 32 -8.13 3.50 -2.92
CA GLN A 32 -8.68 4.71 -2.31
C GLN A 32 -9.26 4.42 -0.91
N ASP A 33 -9.76 3.21 -0.69
CA ASP A 33 -10.37 2.88 0.58
C ASP A 33 -9.31 2.78 1.65
N VAL A 34 -8.32 1.96 1.35
CA VAL A 34 -7.18 1.73 2.20
C VAL A 34 -6.34 2.99 2.32
N ILE A 35 -6.39 3.84 1.29
CA ILE A 35 -5.74 5.14 1.30
C ILE A 35 -6.23 5.96 2.50
N GLN A 36 -7.54 6.19 2.58
CA GLN A 36 -8.12 7.03 3.62
C GLN A 36 -8.09 6.33 4.97
N GLN A 37 -8.24 5.01 4.94
CA GLN A 37 -8.13 4.22 6.15
C GLN A 37 -6.74 4.37 6.74
N THR A 38 -5.72 4.46 5.88
CA THR A 38 -4.36 4.70 6.33
C THR A 38 -4.19 6.17 6.71
N LEU A 39 -4.94 7.06 6.06
CA LEU A 39 -5.00 8.46 6.46
C LEU A 39 -5.41 8.57 7.94
N CYS A 40 -6.46 7.84 8.30
CA CYS A 40 -6.92 7.78 9.68
C CYS A 40 -5.89 7.07 10.56
N LYS A 41 -5.27 6.05 9.98
CA LYS A 41 -4.26 5.25 10.66
C LYS A 41 -2.97 6.05 10.86
N ALA A 42 -2.89 7.21 10.23
CA ALA A 42 -1.73 8.07 10.33
C ALA A 42 -2.11 9.47 10.81
N LYS A 43 -3.34 9.60 11.30
CA LYS A 43 -3.91 10.90 11.67
C LYS A 43 -2.92 11.73 12.50
N TYR A 44 -2.24 11.08 13.42
CA TYR A 44 -1.10 11.70 14.10
C TYR A 44 0.05 10.69 14.23
N SER A 45 -0.20 9.49 13.74
CA SER A 45 0.78 8.40 13.78
C SER A 45 2.00 8.76 12.93
N TYR A 46 1.79 8.81 11.62
CA TYR A 46 2.82 9.26 10.69
C TYR A 46 2.75 10.77 10.58
N SER A 47 2.01 11.37 11.51
CA SER A 47 1.66 12.79 11.47
C SER A 47 1.22 13.21 10.07
N ILE A 48 0.19 12.53 9.58
CA ILE A 48 -0.31 12.75 8.23
C ILE A 48 -1.17 14.02 8.15
N LEU A 49 -1.17 14.77 9.25
CA LEU A 49 -2.02 15.97 9.39
C LEU A 49 -1.76 16.96 8.25
N SER A 50 -0.59 16.89 7.65
CA SER A 50 -0.23 17.77 6.56
C SER A 50 -1.12 17.54 5.32
N ASN A 51 -1.52 16.29 5.11
CA ASN A 51 -2.36 15.94 3.97
C ASN A 51 -3.57 15.13 4.41
N PRO A 52 -4.67 15.82 4.72
CA PRO A 52 -5.92 15.16 5.11
C PRO A 52 -6.75 14.74 3.90
N ASN A 53 -6.16 14.89 2.72
CA ASN A 53 -6.87 14.59 1.49
C ASN A 53 -6.25 13.37 0.82
N PRO A 54 -7.08 12.57 0.14
CA PRO A 54 -6.65 11.35 -0.52
C PRO A 54 -6.31 11.57 -1.99
N SER A 55 -6.43 12.81 -2.43
CA SER A 55 -6.28 13.17 -3.83
C SER A 55 -4.82 13.22 -4.25
N ASP A 56 -3.92 13.28 -3.29
CA ASP A 56 -2.49 13.34 -3.58
C ASP A 56 -1.83 11.99 -3.36
N TYR A 57 -2.63 11.00 -3.04
CA TYR A 57 -2.09 9.70 -2.64
C TYR A 57 -2.52 8.58 -3.58
N VAL A 58 -1.54 7.76 -3.94
CA VAL A 58 -1.79 6.46 -4.53
C VAL A 58 -1.44 5.37 -3.52
N LEU A 59 -1.63 4.14 -3.92
CA LEU A 59 -1.27 3.02 -3.09
C LEU A 59 -0.47 2.05 -3.95
N LEU A 60 0.65 1.58 -3.43
CA LEU A 60 1.55 0.73 -4.17
C LEU A 60 1.34 -0.73 -3.79
N GLU A 61 1.10 -1.57 -4.77
CA GLU A 61 1.09 -2.98 -4.55
C GLU A 61 2.51 -3.52 -4.73
N GLU A 62 3.28 -3.45 -3.67
CA GLU A 62 4.61 -4.01 -3.72
C GLU A 62 4.54 -5.48 -3.39
N VAL A 63 5.02 -6.31 -4.30
CA VAL A 63 5.09 -7.74 -4.07
C VAL A 63 6.54 -8.20 -4.03
N VAL A 64 6.95 -8.73 -2.89
CA VAL A 64 8.32 -9.13 -2.67
C VAL A 64 8.57 -10.53 -3.22
N LYS A 65 9.23 -10.59 -4.37
CA LYS A 65 9.64 -11.86 -4.94
C LYS A 65 11.05 -12.18 -4.48
N ASP A 66 11.14 -12.84 -3.33
CA ASP A 66 12.44 -13.22 -2.78
C ASP A 66 13.11 -14.25 -3.67
N THR A 67 14.44 -14.23 -3.68
CA THR A 67 15.20 -15.14 -4.50
C THR A 67 16.01 -16.08 -3.62
N THR A 68 16.07 -17.35 -4.03
CA THR A 68 16.78 -18.36 -3.26
C THR A 68 18.29 -18.24 -3.45
N ASN A 69 18.70 -17.79 -4.62
CA ASN A 69 20.11 -17.77 -4.97
C ASN A 69 20.73 -16.37 -4.84
N LYS A 70 20.80 -15.64 -5.93
CA LYS A 70 21.57 -14.40 -5.97
C LYS A 70 20.72 -13.19 -5.66
N LYS A 71 20.98 -12.59 -4.51
CA LYS A 71 20.30 -11.37 -4.10
C LYS A 71 21.32 -10.25 -3.95
N THR A 72 20.86 -9.00 -3.93
CA THR A 72 21.73 -7.87 -3.73
C THR A 72 22.16 -7.77 -2.27
N THR A 73 21.19 -7.90 -1.39
CA THR A 73 21.43 -7.93 0.04
C THR A 73 20.17 -8.41 0.75
N THR A 74 19.02 -8.02 0.20
CA THR A 74 17.73 -8.45 0.69
C THR A 74 16.87 -8.93 -0.47
N PRO A 75 15.77 -9.65 -0.18
CA PRO A 75 14.79 -10.05 -1.20
C PRO A 75 14.30 -8.87 -2.02
N LYS A 76 14.04 -9.14 -3.29
CA LYS A 76 13.63 -8.11 -4.21
C LYS A 76 12.15 -7.81 -4.09
N SER A 77 11.84 -6.54 -3.95
CA SER A 77 10.48 -6.09 -3.81
C SER A 77 10.02 -5.35 -5.07
N SER A 78 9.16 -6.01 -5.83
CA SER A 78 8.62 -5.42 -7.04
C SER A 78 7.46 -4.50 -6.68
N GLN A 79 7.69 -3.20 -6.74
CA GLN A 79 6.67 -2.25 -6.34
C GLN A 79 5.89 -1.80 -7.57
N ARG A 80 4.58 -1.84 -7.47
CA ARG A 80 3.70 -1.42 -8.55
C ARG A 80 2.73 -0.39 -8.02
N VAL A 81 2.27 0.54 -8.85
CA VAL A 81 1.36 1.56 -8.37
C VAL A 81 -0.05 1.29 -8.87
N LEU A 82 -1.03 1.51 -7.99
CA LEU A 82 -2.42 1.23 -8.29
C LEU A 82 -3.15 2.48 -8.74
N LEU A 83 -4.23 2.27 -9.47
CA LEU A 83 -5.23 3.29 -9.68
C LEU A 83 -6.07 3.37 -8.41
N ASP A 84 -6.89 4.41 -8.30
CA ASP A 84 -7.74 4.59 -7.12
C ASP A 84 -8.58 3.36 -6.83
N GLN A 85 -9.09 2.72 -7.88
CA GLN A 85 -9.89 1.51 -7.71
C GLN A 85 -9.27 0.33 -8.44
N GLU A 86 -7.93 0.27 -8.49
CA GLU A 86 -7.23 -0.90 -9.02
C GLU A 86 -7.51 -2.10 -8.12
N CYS A 87 -7.97 -1.79 -6.91
CA CYS A 87 -8.37 -2.76 -5.92
C CYS A 87 -7.20 -3.40 -5.21
N VAL A 88 -7.04 -3.06 -3.94
CA VAL A 88 -6.05 -3.66 -3.06
C VAL A 88 -6.22 -5.16 -3.02
N PHE A 89 -7.47 -5.60 -2.88
CA PHE A 89 -7.73 -7.02 -2.73
C PHE A 89 -7.57 -7.75 -4.06
N GLN A 90 -7.94 -7.08 -5.15
CA GLN A 90 -7.67 -7.61 -6.49
C GLN A 90 -6.18 -7.74 -6.71
N ALA A 91 -5.44 -6.71 -6.33
CA ALA A 91 -3.99 -6.71 -6.44
C ALA A 91 -3.40 -7.84 -5.61
N GLN A 92 -3.87 -7.98 -4.38
CA GLN A 92 -3.39 -8.99 -3.47
C GLN A 92 -3.48 -10.40 -4.08
N SER A 93 -4.63 -10.70 -4.66
CA SER A 93 -4.84 -12.01 -5.28
C SER A 93 -4.10 -12.11 -6.62
N LYS A 94 -3.50 -11.00 -7.01
CA LYS A 94 -2.78 -10.91 -8.26
C LYS A 94 -1.27 -11.07 -8.01
N TRP A 95 -0.89 -11.13 -6.73
CA TRP A 95 0.52 -11.20 -6.35
C TRP A 95 1.11 -12.56 -6.64
N LYS A 96 2.44 -12.59 -6.69
CA LYS A 96 3.19 -13.82 -6.92
C LYS A 96 4.25 -13.95 -5.85
N GLY A 97 4.02 -13.26 -4.75
CA GLY A 97 4.93 -13.25 -3.64
C GLY A 97 4.38 -12.42 -2.51
N ALA A 98 5.01 -12.49 -1.35
CA ALA A 98 4.49 -11.77 -0.19
C ALA A 98 5.04 -10.36 -0.13
N GLY A 99 4.22 -9.39 -0.51
CA GLY A 99 4.63 -8.01 -0.44
C GLY A 99 3.86 -7.26 0.63
N LYS A 100 3.66 -5.97 0.39
CA LYS A 100 2.86 -5.11 1.25
C LYS A 100 2.30 -4.00 0.38
N PHE A 101 1.19 -3.43 0.79
CA PHE A 101 0.68 -2.27 0.12
C PHE A 101 1.31 -1.01 0.71
N ILE A 102 2.06 -0.28 -0.09
CA ILE A 102 2.83 0.86 0.40
C ILE A 102 2.12 2.16 0.08
N LEU A 103 1.83 2.94 1.10
CA LEU A 103 1.18 4.23 0.91
C LEU A 103 2.18 5.23 0.35
N LYS A 104 1.78 5.99 -0.65
CA LYS A 104 2.67 6.96 -1.26
C LYS A 104 1.89 8.01 -2.02
N LEU A 105 2.41 9.23 -2.09
CA LEU A 105 1.78 10.25 -2.91
C LEU A 105 1.96 9.93 -4.38
N LYS A 106 0.92 10.18 -5.15
CA LYS A 106 0.92 9.92 -6.59
C LYS A 106 1.80 10.91 -7.31
N GLU A 107 1.87 12.11 -6.78
CA GLU A 107 2.73 13.16 -7.32
C GLU A 107 4.19 12.84 -7.02
N GLN A 108 4.40 11.95 -6.07
CA GLN A 108 5.73 11.50 -5.71
C GLN A 108 5.95 10.07 -6.20
N VAL A 109 4.97 9.56 -6.94
CA VAL A 109 5.04 8.19 -7.43
C VAL A 109 5.29 8.18 -8.94
N GLN A 110 5.13 9.35 -9.56
CA GLN A 110 5.08 9.47 -11.02
C GLN A 110 6.38 8.99 -11.68
N ALA A 111 6.45 7.68 -11.87
CA ALA A 111 7.58 7.05 -12.53
C ALA A 111 7.23 6.72 -13.97
N SER A 112 5.98 6.97 -14.31
CA SER A 112 5.49 6.75 -15.66
C SER A 112 4.97 8.08 -16.22
N ARG A 113 5.57 8.50 -17.33
CA ARG A 113 5.25 9.78 -17.95
C ARG A 113 5.50 10.93 -16.98
N GLU A 114 6.78 11.19 -16.72
CA GLU A 114 7.18 12.30 -15.88
C GLU A 114 7.62 13.47 -16.75
N ASP A 115 7.54 13.26 -18.06
CA ASP A 115 7.88 14.28 -19.03
C ASP A 115 6.76 15.30 -19.14
N LYS A 116 6.73 16.25 -18.21
CA LYS A 116 5.66 17.22 -18.13
C LYS A 116 6.17 18.51 -17.51
N SER A 1 -16.93 -17.29 10.06
CA SER A 1 -17.71 -16.49 11.02
C SER A 1 -17.22 -15.05 11.02
N SER A 2 -17.82 -14.22 10.18
CA SER A 2 -17.40 -12.85 10.01
C SER A 2 -18.58 -11.90 10.15
N GLU A 3 -18.45 -10.94 11.05
CA GLU A 3 -19.49 -9.92 11.23
C GLU A 3 -19.37 -8.87 10.15
N GLU A 4 -18.18 -8.79 9.59
CA GLU A 4 -17.87 -7.84 8.53
C GLU A 4 -17.06 -8.55 7.46
N GLU A 5 -16.82 -7.86 6.36
CA GLU A 5 -15.91 -8.36 5.36
C GLU A 5 -14.60 -7.60 5.45
N SER A 6 -13.59 -8.27 5.92
CA SER A 6 -12.30 -7.66 6.12
C SER A 6 -11.18 -8.65 5.82
N PHE A 7 -10.01 -8.11 5.59
CA PHE A 7 -8.82 -8.88 5.30
C PHE A 7 -7.63 -8.11 5.87
N PHE A 8 -6.55 -8.80 6.17
CA PHE A 8 -5.42 -8.15 6.80
C PHE A 8 -4.47 -7.55 5.77
N VAL A 9 -4.12 -6.28 5.94
CA VAL A 9 -3.18 -5.63 5.05
C VAL A 9 -1.85 -5.39 5.74
N GLN A 10 -0.79 -5.76 5.06
CA GLN A 10 0.53 -5.35 5.46
C GLN A 10 0.95 -4.21 4.54
N VAL A 11 0.95 -3.00 5.07
CA VAL A 11 1.17 -1.80 4.25
C VAL A 11 2.07 -0.80 4.95
N HIS A 12 2.98 -0.20 4.21
CA HIS A 12 3.87 0.82 4.76
C HIS A 12 3.31 2.21 4.49
N ASP A 13 3.60 3.15 5.38
CA ASP A 13 3.24 4.54 5.15
C ASP A 13 4.44 5.31 4.58
N VAL A 14 5.46 5.54 5.41
CA VAL A 14 6.68 6.22 5.00
C VAL A 14 7.57 6.52 6.22
N SER A 15 6.94 6.58 7.39
CA SER A 15 7.62 6.98 8.61
C SER A 15 8.51 5.85 9.15
N PRO A 16 9.52 6.21 9.95
CA PRO A 16 10.39 5.24 10.62
C PRO A 16 9.85 4.85 11.99
N GLU A 17 10.74 4.32 12.86
CA GLU A 17 10.36 3.81 14.18
C GLU A 17 9.46 2.59 14.06
N GLN A 18 8.21 2.80 13.71
CA GLN A 18 7.31 1.71 13.36
C GLN A 18 6.93 1.85 11.89
N PRO A 19 7.81 1.35 11.00
CA PRO A 19 7.71 1.60 9.56
C PRO A 19 6.62 0.77 8.88
N LEU A 20 6.07 -0.20 9.59
CA LEU A 20 5.07 -1.06 9.02
C LEU A 20 3.69 -0.79 9.61
N THR A 21 2.73 -0.54 8.75
CA THR A 21 1.36 -0.37 9.16
C THR A 21 0.58 -1.67 8.96
N VAL A 22 0.03 -2.21 10.04
CA VAL A 22 -0.80 -3.41 9.94
C VAL A 22 -2.25 -3.05 10.22
N ILE A 23 -3.07 -3.12 9.19
CA ILE A 23 -4.48 -2.78 9.31
C ILE A 23 -5.37 -3.93 8.88
N LYS A 24 -6.61 -3.90 9.31
CA LYS A 24 -7.60 -4.83 8.82
C LYS A 24 -8.60 -4.06 7.95
N ALA A 25 -8.37 -4.09 6.66
CA ALA A 25 -9.16 -3.33 5.72
C ALA A 25 -10.19 -4.22 5.07
N PRO A 26 -11.18 -3.64 4.44
CA PRO A 26 -12.24 -4.40 3.81
C PRO A 26 -11.71 -5.16 2.60
N ARG A 27 -12.26 -6.34 2.35
CA ARG A 27 -11.79 -7.18 1.24
C ARG A 27 -12.04 -6.45 -0.09
N VAL A 28 -12.87 -5.41 -0.01
CA VAL A 28 -13.16 -4.57 -1.17
C VAL A 28 -12.32 -3.31 -1.16
N SER A 29 -11.53 -3.09 -0.08
CA SER A 29 -10.68 -1.92 -0.01
C SER A 29 -9.76 -1.85 -1.22
N THR A 30 -9.84 -0.75 -1.91
CA THR A 30 -8.95 -0.48 -2.99
C THR A 30 -7.92 0.54 -2.53
N ALA A 31 -6.93 0.82 -3.37
CA ALA A 31 -5.81 1.67 -3.00
C ALA A 31 -6.28 2.92 -2.30
N GLN A 32 -7.20 3.61 -2.92
CA GLN A 32 -7.74 4.85 -2.41
C GLN A 32 -8.41 4.65 -1.03
N ASP A 33 -8.99 3.49 -0.79
CA ASP A 33 -9.68 3.26 0.46
C ASP A 33 -8.69 2.96 1.57
N VAL A 34 -7.82 2.00 1.30
CA VAL A 34 -6.75 1.61 2.22
C VAL A 34 -5.82 2.80 2.47
N ILE A 35 -5.75 3.68 1.47
CA ILE A 35 -5.09 4.96 1.62
C ILE A 35 -5.70 5.75 2.79
N GLN A 36 -7.00 5.99 2.71
CA GLN A 36 -7.69 6.81 3.69
C GLN A 36 -7.80 6.09 5.04
N GLN A 37 -7.91 4.77 5.03
CA GLN A 37 -7.92 4.01 6.26
C GLN A 37 -6.61 4.23 7.02
N THR A 38 -5.51 4.31 6.28
CA THR A 38 -4.23 4.61 6.87
C THR A 38 -4.19 6.07 7.32
N LEU A 39 -4.90 6.94 6.59
CA LEU A 39 -5.07 8.34 6.98
C LEU A 39 -5.80 8.45 8.31
N CYS A 40 -6.70 7.52 8.54
CA CYS A 40 -7.50 7.50 9.76
C CYS A 40 -6.68 6.92 10.93
N LYS A 41 -5.86 5.93 10.62
CA LYS A 41 -4.99 5.33 11.63
C LYS A 41 -3.87 6.30 12.01
N ALA A 42 -3.21 6.82 11.01
CA ALA A 42 -2.11 7.76 11.22
C ALA A 42 -2.46 9.13 10.71
N LYS A 43 -3.21 9.87 11.51
CA LYS A 43 -3.46 11.26 11.24
C LYS A 43 -2.33 12.07 11.85
N TYR A 44 -2.42 12.31 13.15
CA TYR A 44 -1.34 12.98 13.87
C TYR A 44 -0.25 11.98 14.20
N SER A 45 -0.60 10.70 14.14
CA SER A 45 0.38 9.64 14.27
C SER A 45 1.37 9.73 13.13
N TYR A 46 2.63 10.03 13.48
CA TYR A 46 3.70 10.26 12.50
C TYR A 46 3.40 11.50 11.65
N SER A 47 2.31 12.18 11.98
CA SER A 47 1.81 13.33 11.23
C SER A 47 1.74 13.04 9.73
N ILE A 48 0.74 12.25 9.36
CA ILE A 48 0.48 11.95 7.96
C ILE A 48 -0.63 12.88 7.45
N LEU A 49 -1.24 13.61 8.38
CA LEU A 49 -2.33 14.52 8.07
C LEU A 49 -1.84 15.79 7.39
N SER A 50 -0.57 15.81 6.99
CA SER A 50 -0.03 16.90 6.18
C SER A 50 -0.88 17.06 4.93
N ASN A 51 -1.31 15.93 4.40
CA ASN A 51 -2.33 15.90 3.37
C ASN A 51 -3.51 15.08 3.90
N PRO A 52 -4.48 15.76 4.54
CA PRO A 52 -5.59 15.09 5.22
C PRO A 52 -6.61 14.52 4.24
N ASN A 53 -6.49 14.89 2.99
CA ASN A 53 -7.34 14.37 1.94
C ASN A 53 -6.59 13.31 1.16
N PRO A 54 -7.17 12.10 1.06
CA PRO A 54 -6.50 10.95 0.47
C PRO A 54 -6.48 11.00 -1.06
N SER A 55 -7.11 12.02 -1.61
CA SER A 55 -7.23 12.16 -3.04
C SER A 55 -5.92 12.65 -3.69
N ASP A 56 -4.90 12.86 -2.87
CA ASP A 56 -3.57 13.19 -3.38
C ASP A 56 -2.62 12.02 -3.21
N TYR A 57 -3.15 10.94 -2.66
CA TYR A 57 -2.34 9.76 -2.39
C TYR A 57 -2.67 8.64 -3.36
N VAL A 58 -1.73 7.74 -3.54
CA VAL A 58 -1.95 6.47 -4.21
C VAL A 58 -1.29 5.38 -3.42
N LEU A 59 -1.59 4.14 -3.76
CA LEU A 59 -1.09 3.01 -3.01
C LEU A 59 -0.30 2.10 -3.94
N LEU A 60 0.80 1.57 -3.44
CA LEU A 60 1.69 0.73 -4.23
C LEU A 60 1.48 -0.73 -3.84
N GLU A 61 1.27 -1.59 -4.82
CA GLU A 61 1.27 -3.02 -4.57
C GLU A 61 2.66 -3.57 -4.81
N GLU A 62 3.49 -3.54 -3.78
CA GLU A 62 4.78 -4.15 -3.87
C GLU A 62 4.65 -5.62 -3.52
N VAL A 63 5.07 -6.47 -4.41
CA VAL A 63 5.10 -7.89 -4.16
C VAL A 63 6.54 -8.38 -4.19
N VAL A 64 7.01 -8.88 -3.07
CA VAL A 64 8.37 -9.38 -2.98
C VAL A 64 8.46 -10.75 -3.62
N LYS A 65 8.92 -10.78 -4.85
CA LYS A 65 9.21 -12.02 -5.52
C LYS A 65 10.58 -12.49 -5.09
N ASP A 66 10.62 -13.12 -3.93
CA ASP A 66 11.87 -13.44 -3.26
C ASP A 66 12.63 -14.52 -3.96
N THR A 67 13.77 -14.83 -3.39
CA THR A 67 14.69 -15.75 -3.98
C THR A 67 15.17 -16.74 -2.93
N THR A 68 14.47 -17.86 -2.84
CA THR A 68 14.83 -18.89 -1.90
C THR A 68 16.10 -19.60 -2.36
N ASN A 69 17.24 -19.14 -1.87
CA ASN A 69 18.52 -19.74 -2.22
C ASN A 69 19.52 -19.64 -1.08
N LYS A 70 20.69 -20.20 -1.32
CA LYS A 70 21.79 -20.06 -0.39
C LYS A 70 23.00 -19.46 -1.08
N LYS A 71 22.84 -18.25 -1.59
CA LYS A 71 23.93 -17.46 -2.14
C LYS A 71 23.79 -16.02 -1.67
N THR A 72 24.64 -15.14 -2.16
CA THR A 72 24.60 -13.75 -1.76
C THR A 72 23.47 -13.01 -2.49
N THR A 73 22.90 -13.67 -3.49
CA THR A 73 21.76 -13.13 -4.22
C THR A 73 20.54 -13.01 -3.30
N THR A 74 20.13 -11.78 -3.07
CA THR A 74 19.04 -11.49 -2.15
C THR A 74 17.68 -11.52 -2.86
N PRO A 75 16.59 -11.61 -2.08
CA PRO A 75 15.22 -11.54 -2.61
C PRO A 75 14.93 -10.18 -3.23
N LYS A 76 13.92 -10.12 -4.08
CA LYS A 76 13.66 -8.93 -4.87
C LYS A 76 12.22 -8.46 -4.73
N SER A 77 12.07 -7.18 -4.41
CA SER A 77 10.75 -6.58 -4.26
C SER A 77 10.30 -5.94 -5.57
N SER A 78 9.24 -6.49 -6.13
CA SER A 78 8.66 -5.94 -7.34
C SER A 78 7.56 -4.96 -6.97
N GLN A 79 7.85 -3.68 -7.07
CA GLN A 79 6.91 -2.66 -6.64
C GLN A 79 6.05 -2.19 -7.82
N ARG A 80 4.75 -2.15 -7.60
CA ARG A 80 3.80 -1.71 -8.62
C ARG A 80 2.92 -0.61 -8.03
N VAL A 81 2.31 0.22 -8.87
CA VAL A 81 1.44 1.29 -8.36
C VAL A 81 -0.01 1.03 -8.74
N LEU A 82 -0.92 1.40 -7.84
CA LEU A 82 -2.35 1.16 -8.03
C LEU A 82 -3.07 2.40 -8.52
N LEU A 83 -4.39 2.28 -8.65
CA LEU A 83 -5.24 3.36 -9.11
C LEU A 83 -6.22 3.72 -8.00
N ASP A 84 -7.20 4.55 -8.31
CA ASP A 84 -8.25 4.90 -7.36
C ASP A 84 -9.09 3.68 -7.04
N GLN A 85 -9.20 2.78 -8.02
CA GLN A 85 -10.02 1.60 -7.88
C GLN A 85 -9.24 0.34 -8.27
N GLU A 86 -7.92 0.43 -8.28
CA GLU A 86 -7.11 -0.76 -8.41
C GLU A 86 -7.06 -1.43 -7.06
N CYS A 87 -8.13 -2.12 -6.86
CA CYS A 87 -8.47 -2.86 -5.64
C CYS A 87 -7.25 -3.50 -4.95
N VAL A 88 -7.20 -3.36 -3.63
CA VAL A 88 -6.07 -3.83 -2.84
C VAL A 88 -6.12 -5.33 -2.67
N PHE A 89 -7.30 -5.84 -2.43
CA PHE A 89 -7.45 -7.28 -2.24
C PHE A 89 -7.27 -7.97 -3.58
N GLN A 90 -7.73 -7.29 -4.62
CA GLN A 90 -7.52 -7.71 -5.99
C GLN A 90 -6.03 -7.70 -6.33
N ALA A 91 -5.35 -6.65 -5.89
CA ALA A 91 -3.90 -6.55 -6.08
C ALA A 91 -3.18 -7.67 -5.34
N GLN A 92 -3.59 -7.89 -4.10
CA GLN A 92 -2.99 -8.90 -3.26
C GLN A 92 -3.10 -10.29 -3.87
N SER A 93 -4.16 -10.51 -4.64
CA SER A 93 -4.37 -11.80 -5.27
C SER A 93 -3.45 -11.99 -6.49
N LYS A 94 -2.95 -10.89 -7.04
CA LYS A 94 -2.05 -10.95 -8.18
C LYS A 94 -0.68 -11.44 -7.74
N TRP A 95 -0.36 -11.13 -6.49
CA TRP A 95 0.98 -11.26 -5.95
C TRP A 95 1.62 -12.62 -6.22
N LYS A 96 2.82 -12.54 -6.75
CA LYS A 96 3.61 -13.71 -7.09
C LYS A 96 4.59 -14.00 -5.96
N GLY A 97 4.26 -13.44 -4.82
CA GLY A 97 5.07 -13.53 -3.63
C GLY A 97 4.42 -12.78 -2.50
N ALA A 98 5.11 -12.61 -1.39
CA ALA A 98 4.56 -11.88 -0.27
C ALA A 98 5.15 -10.48 -0.19
N GLY A 99 4.33 -9.48 -0.47
CA GLY A 99 4.80 -8.12 -0.48
C GLY A 99 4.14 -7.28 0.59
N LYS A 100 4.00 -6.00 0.29
CA LYS A 100 3.32 -5.05 1.17
C LYS A 100 2.71 -3.96 0.33
N PHE A 101 1.58 -3.45 0.74
CA PHE A 101 1.04 -2.26 0.12
C PHE A 101 1.79 -1.05 0.69
N ILE A 102 1.87 0.05 -0.05
CA ILE A 102 2.66 1.20 0.40
C ILE A 102 1.98 2.53 0.02
N LEU A 103 1.85 3.43 0.99
CA LEU A 103 1.28 4.75 0.72
C LEU A 103 2.27 5.62 -0.03
N LYS A 104 1.77 6.41 -0.97
CA LYS A 104 2.57 7.38 -1.69
C LYS A 104 1.64 8.49 -2.18
N LEU A 105 2.18 9.54 -2.79
CA LEU A 105 1.33 10.57 -3.38
C LEU A 105 1.22 10.36 -4.87
N LYS A 106 0.05 10.62 -5.40
CA LYS A 106 -0.21 10.42 -6.81
C LYS A 106 0.28 11.59 -7.63
N GLU A 107 0.43 12.73 -6.97
CA GLU A 107 0.98 13.92 -7.63
C GLU A 107 2.47 13.74 -7.92
N GLN A 108 3.12 12.86 -7.16
CA GLN A 108 4.54 12.61 -7.34
C GLN A 108 4.74 11.31 -8.12
N VAL A 109 3.77 10.41 -8.00
CA VAL A 109 3.78 9.17 -8.75
C VAL A 109 3.40 9.42 -10.20
N GLN A 110 2.27 10.12 -10.39
CA GLN A 110 1.78 10.58 -11.72
C GLN A 110 1.95 9.55 -12.84
N ALA A 111 1.89 8.27 -12.49
CA ALA A 111 1.99 7.17 -13.46
C ALA A 111 3.29 7.21 -14.26
N SER A 112 4.29 7.93 -13.75
CA SER A 112 5.56 8.06 -14.45
C SER A 112 6.71 7.84 -13.49
N ARG A 113 7.91 7.70 -14.03
CA ARG A 113 9.10 7.52 -13.23
C ARG A 113 9.77 8.87 -12.99
N GLU A 114 9.22 9.90 -13.63
CA GLU A 114 9.72 11.27 -13.48
C GLU A 114 8.54 12.24 -13.46
N ASP A 115 8.84 13.53 -13.33
CA ASP A 115 7.78 14.54 -13.26
C ASP A 115 7.41 15.02 -14.66
N LYS A 116 8.35 14.92 -15.59
CA LYS A 116 8.13 15.39 -16.95
C LYS A 116 8.02 14.22 -17.92
#